data_7VEZ
#
_entry.id   7VEZ
#
_cell.length_a   72.259
_cell.length_b   82.289
_cell.length_c   134.312
_cell.angle_alpha   90.000
_cell.angle_beta   98.940
_cell.angle_gamma   90.000
#
_symmetry.space_group_name_H-M   'P 1 21 1'
#
loop_
_entity.id
_entity.type
_entity.pdbx_description
1 polymer 'chalcone synthases 1'
2 non-polymer NARINGENIN
3 water water
#
_entity_poly.entity_id   1
_entity_poly.type   'polypeptide(L)'
_entity_poly.pdbx_seq_one_letter_code
;MPVPNGATFPPCARKMERADGPATVLAIGTANPPNVFDQSTYPDFYFNITNSNHMTDLKTKFQRMCDKSGITKRYMYLNE
EILKANPNMCAYWEKSLDVRQDMVVVEVPKLGKEAATKAIKEWGQPKSKITHVVFCTTSGVDMPGADWALTKLLGLRPSV
KRLMMYQQGCFAGGTVMRVAKDLAENNKGARVLVVCSELTAVTFRGPSETHLDSLVGQALFGDGASAIIVGADPIPEVER
PWFEIHYVASNILPDSDGAIDGHLREVGLTFHLMKDVPGIISKNIGTVLKDAFEKVFGNEEGEVPSYNDVFWIAHPGGPA
ILDQVEQKLQLKTEKMAASRQVLSDYGNMSSACVLFIMDHLRKKSVEQKLATSGEGYEWGLLLGFGPGLTCETVVLRSVP
LATE
;
_entity_poly.pdbx_strand_id   A,B,C,D
#
loop_
_chem_comp.id
_chem_comp.type
_chem_comp.name
_chem_comp.formula
NAR non-polymer NARINGENIN 'C15 H12 O5'
#
# COMPACT_ATOMS: atom_id res chain seq x y z
N ALA A 7 3.68 -44.33 -23.37
CA ALA A 7 3.84 -43.34 -22.31
C ALA A 7 2.83 -43.59 -21.19
N THR A 8 1.90 -44.51 -21.43
CA THR A 8 0.86 -44.81 -20.46
C THR A 8 0.55 -46.30 -20.50
N PHE A 9 0.20 -46.86 -19.34
CA PHE A 9 -0.31 -48.22 -19.29
C PHE A 9 -1.66 -48.31 -19.98
N PRO A 10 -2.04 -49.48 -20.45
CA PRO A 10 -3.37 -49.64 -21.05
C PRO A 10 -4.45 -49.08 -20.14
N PRO A 11 -5.28 -48.18 -20.67
CA PRO A 11 -6.29 -47.52 -19.83
C PRO A 11 -7.30 -48.51 -19.29
N CYS A 12 -7.94 -48.13 -18.18
CA CYS A 12 -8.95 -48.97 -17.57
C CYS A 12 -10.18 -48.13 -17.31
N ALA A 13 -11.27 -48.79 -16.94
CA ALA A 13 -12.50 -48.05 -16.72
C ALA A 13 -12.37 -47.22 -15.47
N ARG A 14 -13.03 -46.06 -15.48
CA ARG A 14 -13.07 -45.21 -14.30
C ARG A 14 -13.26 -46.06 -13.06
N LYS A 15 -12.23 -46.10 -12.20
CA LYS A 15 -12.30 -46.96 -11.03
C LYS A 15 -13.34 -46.48 -10.04
N MET A 16 -13.54 -45.16 -9.93
CA MET A 16 -14.64 -44.60 -9.14
C MET A 16 -15.67 -44.01 -10.10
N GLU A 17 -16.80 -44.70 -10.23
CA GLU A 17 -17.85 -44.29 -11.15
C GLU A 17 -18.29 -42.85 -10.90
N ARG A 18 -18.45 -42.11 -11.97
CA ARG A 18 -18.98 -40.76 -11.92
C ARG A 18 -20.49 -40.78 -12.09
N ALA A 19 -21.13 -39.69 -11.71
CA ALA A 19 -22.54 -39.50 -11.94
C ALA A 19 -22.75 -38.82 -13.30
N ASP A 20 -24.00 -38.79 -13.74
CA ASP A 20 -24.33 -38.31 -15.08
C ASP A 20 -25.11 -37.01 -15.10
N GLY A 21 -26.05 -36.79 -14.20
CA GLY A 21 -26.76 -35.54 -14.18
C GLY A 21 -25.96 -34.43 -13.55
N PRO A 22 -26.55 -33.25 -13.45
CA PRO A 22 -25.88 -32.11 -12.83
C PRO A 22 -26.02 -32.14 -11.33
N ALA A 23 -25.12 -31.42 -10.66
CA ALA A 23 -25.17 -31.33 -9.21
C ALA A 23 -26.41 -30.56 -8.77
N THR A 24 -27.09 -31.06 -7.74
CA THR A 24 -28.41 -30.54 -7.40
C THR A 24 -28.57 -30.33 -5.89
N VAL A 25 -29.19 -29.21 -5.51
CA VAL A 25 -29.45 -28.93 -4.12
C VAL A 25 -30.69 -29.73 -3.72
N LEU A 26 -30.54 -30.64 -2.77
CA LEU A 26 -31.65 -31.46 -2.35
C LEU A 26 -32.33 -30.98 -1.08
N ALA A 27 -31.68 -30.12 -0.30
CA ALA A 27 -32.23 -29.58 0.93
C ALA A 27 -31.37 -28.42 1.40
N ILE A 28 -31.99 -27.47 2.09
CA ILE A 28 -31.29 -26.33 2.68
C ILE A 28 -31.78 -26.15 4.11
N GLY A 29 -30.87 -25.93 5.05
CA GLY A 29 -31.25 -25.59 6.41
C GLY A 29 -30.37 -24.48 6.95
N THR A 30 -30.95 -23.65 7.81
CA THR A 30 -30.22 -22.52 8.39
C THR A 30 -30.36 -22.52 9.91
N ALA A 31 -29.57 -21.68 10.56
CA ALA A 31 -29.67 -21.51 12.02
C ALA A 31 -28.85 -20.30 12.43
N ASN A 32 -29.15 -19.78 13.62
CA ASN A 32 -28.55 -18.57 14.16
C ASN A 32 -28.45 -18.69 15.67
N PRO A 33 -27.54 -17.95 16.30
CA PRO A 33 -27.46 -17.91 17.77
C PRO A 33 -28.69 -17.25 18.37
N PRO A 34 -28.94 -17.48 19.65
CA PRO A 34 -30.20 -17.03 20.27
C PRO A 34 -30.32 -15.53 20.55
N ASN A 35 -29.26 -14.75 20.49
CA ASN A 35 -29.31 -13.35 20.93
C ASN A 35 -29.56 -12.43 19.73
N VAL A 36 -30.64 -11.65 19.79
CA VAL A 36 -31.08 -10.76 18.72
C VAL A 36 -30.77 -9.32 19.09
N PHE A 37 -30.21 -8.56 18.14
CA PHE A 37 -29.91 -7.15 18.33
C PHE A 37 -30.63 -6.34 17.25
N ASP A 38 -31.60 -5.53 17.68
CA ASP A 38 -32.20 -4.57 16.77
C ASP A 38 -31.14 -3.56 16.36
N GLN A 39 -31.05 -3.29 15.07
CA GLN A 39 -29.99 -2.39 14.64
C GLN A 39 -30.29 -0.93 14.95
N SER A 40 -31.56 -0.57 15.17
CA SER A 40 -31.86 0.84 15.41
C SER A 40 -31.29 1.31 16.74
N THR A 41 -31.25 0.45 17.74
CA THR A 41 -30.65 0.74 19.03
C THR A 41 -29.30 0.06 19.20
N TYR A 42 -28.67 -0.35 18.12
CA TYR A 42 -27.40 -1.02 18.29
C TYR A 42 -26.33 -0.05 18.75
N PRO A 43 -26.27 1.18 18.22
CA PRO A 43 -25.21 2.07 18.67
C PRO A 43 -25.26 2.36 20.15
N ASP A 44 -26.45 2.52 20.72
CA ASP A 44 -26.54 2.65 22.18
C ASP A 44 -25.93 1.44 22.85
N PHE A 45 -26.28 0.24 22.38
CA PHE A 45 -25.74 -0.96 22.99
C PHE A 45 -24.24 -1.05 22.78
N TYR A 46 -23.80 -0.85 21.56
CA TYR A 46 -22.39 -1.03 21.26
C TYR A 46 -21.53 -0.08 22.07
N PHE A 47 -21.91 1.20 22.12
CA PHE A 47 -21.06 2.13 22.84
C PHE A 47 -21.18 1.97 24.35
N ASN A 48 -22.24 1.32 24.84
CA ASN A 48 -22.30 1.01 26.24
C ASN A 48 -21.35 -0.13 26.57
N ILE A 49 -21.54 -1.27 25.91
CA ILE A 49 -20.79 -2.47 26.21
C ILE A 49 -19.31 -2.30 25.96
N THR A 50 -18.93 -1.32 25.14
CA THR A 50 -17.54 -0.97 24.94
C THR A 50 -17.11 0.22 25.78
N ASN A 51 -18.00 0.72 26.64
CA ASN A 51 -17.72 1.84 27.54
C ASN A 51 -17.03 2.99 26.82
N SER A 52 -17.48 3.28 25.60
CA SER A 52 -16.86 4.34 24.81
C SER A 52 -17.79 5.53 24.65
N ASN A 53 -18.77 5.68 25.52
CA ASN A 53 -19.74 6.74 25.34
C ASN A 53 -19.11 8.11 25.29
N HIS A 54 -17.86 8.28 25.75
CA HIS A 54 -17.25 9.58 25.62
C HIS A 54 -16.99 9.96 24.16
N MET A 55 -17.05 9.04 23.22
CA MET A 55 -16.74 9.37 21.82
C MET A 55 -18.01 9.79 21.08
N THR A 56 -18.53 10.94 21.51
CA THR A 56 -19.82 11.46 21.06
C THR A 56 -19.91 11.52 19.53
N ASP A 57 -18.94 12.21 18.88
CA ASP A 57 -18.94 12.36 17.43
C ASP A 57 -18.85 11.02 16.73
N LEU A 58 -18.03 10.10 17.24
CA LEU A 58 -17.93 8.79 16.63
C LEU A 58 -19.24 8.04 16.73
N LYS A 59 -19.90 8.09 17.90
CA LYS A 59 -21.17 7.40 18.05
C LYS A 59 -22.21 7.93 17.09
N THR A 60 -22.26 9.25 16.93
CA THR A 60 -23.11 9.82 15.91
C THR A 60 -22.76 9.25 14.54
N LYS A 61 -21.47 9.10 14.23
CA LYS A 61 -21.10 8.49 12.95
C LYS A 61 -21.60 7.05 12.87
N PHE A 62 -21.59 6.33 13.98
CA PHE A 62 -21.99 4.93 13.94
C PHE A 62 -23.49 4.79 13.74
N GLN A 63 -24.28 5.63 14.39
CA GLN A 63 -25.72 5.57 14.15
C GLN A 63 -26.03 5.80 12.69
N ARG A 64 -25.28 6.70 12.05
CA ARG A 64 -25.39 6.87 10.61
C ARG A 64 -25.16 5.55 9.88
N MET A 65 -24.06 4.87 10.18
CA MET A 65 -23.75 3.64 9.46
C MET A 65 -24.85 2.59 9.64
N CYS A 66 -25.32 2.40 10.88
CA CYS A 66 -26.38 1.43 11.12
C CYS A 66 -27.69 1.86 10.47
N ASP A 67 -28.05 3.15 10.54
CA ASP A 67 -29.28 3.58 9.91
C ASP A 67 -29.27 3.31 8.41
N LYS A 68 -28.10 3.29 7.79
CA LYS A 68 -28.00 3.15 6.34
C LYS A 68 -27.56 1.75 5.93
N SER A 69 -27.41 0.85 6.89
CA SER A 69 -26.89 -0.47 6.57
C SER A 69 -27.88 -1.35 5.83
N GLY A 70 -29.16 -1.02 5.83
CA GLY A 70 -30.15 -1.93 5.30
C GLY A 70 -30.45 -3.12 6.18
N ILE A 71 -30.02 -3.09 7.44
CA ILE A 71 -30.15 -4.20 8.38
C ILE A 71 -31.19 -3.81 9.42
N THR A 72 -32.11 -4.71 9.70
CA THR A 72 -33.08 -4.48 10.76
C THR A 72 -32.62 -5.10 12.07
N LYS A 73 -32.17 -6.34 12.03
CA LYS A 73 -31.67 -6.99 13.22
C LYS A 73 -30.55 -7.93 12.83
N ARG A 74 -29.76 -8.33 13.82
CA ARG A 74 -28.69 -9.30 13.63
C ARG A 74 -28.71 -10.31 14.78
N TYR A 75 -28.11 -11.48 14.53
CA TYR A 75 -27.97 -12.50 15.56
C TYR A 75 -26.51 -12.68 15.91
N MET A 76 -26.23 -12.83 17.19
CA MET A 76 -24.86 -12.96 17.64
C MET A 76 -24.75 -14.01 18.74
N TYR A 77 -23.71 -14.84 18.67
CA TYR A 77 -23.34 -15.63 19.83
C TYR A 77 -23.05 -14.74 21.02
N LEU A 78 -22.37 -13.62 20.80
CA LEU A 78 -22.03 -12.71 21.87
C LEU A 78 -23.27 -12.08 22.47
N ASN A 79 -23.21 -11.79 23.77
CA ASN A 79 -24.24 -11.02 24.44
C ASN A 79 -23.58 -10.21 25.54
N GLU A 80 -24.40 -9.44 26.24
CA GLU A 80 -23.87 -8.49 27.23
C GLU A 80 -23.17 -9.22 28.38
N GLU A 81 -23.71 -10.37 28.79
CA GLU A 81 -23.05 -11.16 29.82
C GLU A 81 -21.68 -11.61 29.35
N ILE A 82 -21.61 -12.16 28.14
CA ILE A 82 -20.34 -12.67 27.64
C ILE A 82 -19.35 -11.54 27.48
N LEU A 83 -19.80 -10.38 26.97
CA LEU A 83 -18.88 -9.29 26.70
C LEU A 83 -18.35 -8.66 27.98
N LYS A 84 -19.14 -8.61 29.04
CA LYS A 84 -18.62 -8.05 30.29
C LYS A 84 -17.61 -8.98 30.94
N ALA A 85 -17.80 -10.29 30.79
CA ALA A 85 -16.81 -11.26 31.23
C ALA A 85 -15.50 -11.18 30.48
N ASN A 86 -15.45 -10.44 29.38
CA ASN A 86 -14.27 -10.40 28.50
C ASN A 86 -14.01 -8.97 28.07
N PRO A 87 -13.51 -8.15 28.99
CA PRO A 87 -13.14 -6.78 28.60
C PRO A 87 -12.15 -6.71 27.46
N ASN A 88 -11.25 -7.70 27.29
CA ASN A 88 -10.25 -7.62 26.23
C ASN A 88 -10.86 -7.64 24.84
N MET A 89 -12.06 -8.23 24.70
CA MET A 89 -12.81 -8.17 23.46
C MET A 89 -13.61 -6.89 23.32
N CYS A 90 -13.85 -6.18 24.43
CA CYS A 90 -14.55 -4.90 24.42
C CYS A 90 -13.62 -3.75 24.10
N ALA A 91 -12.33 -3.90 24.39
CA ALA A 91 -11.38 -2.90 24.01
C ALA A 91 -11.30 -2.83 22.49
N TYR A 92 -10.54 -1.87 21.98
CA TYR A 92 -10.37 -1.83 20.53
C TYR A 92 -9.28 -2.80 20.10
N TRP A 93 -8.14 -2.79 20.80
CA TRP A 93 -6.91 -3.41 20.34
C TRP A 93 -6.20 -4.06 21.52
N GLU A 94 -6.72 -5.13 22.05
CA GLU A 94 -6.13 -5.79 23.16
C GLU A 94 -5.96 -7.26 22.89
N LYS A 95 -4.89 -7.87 23.35
CA LYS A 95 -4.70 -9.30 23.24
C LYS A 95 -5.90 -10.13 23.64
N SER A 96 -6.40 -10.93 22.73
CA SER A 96 -7.75 -11.43 22.82
C SER A 96 -7.80 -12.85 22.26
N LEU A 97 -6.99 -13.12 21.27
CA LEU A 97 -7.17 -14.13 20.31
C LEU A 97 -7.48 -15.50 20.95
N ASP A 98 -6.98 -15.74 22.14
CA ASP A 98 -7.20 -16.97 22.83
C ASP A 98 -8.60 -17.14 23.32
N VAL A 99 -9.21 -16.13 23.88
CA VAL A 99 -10.60 -16.26 24.30
C VAL A 99 -11.51 -16.31 23.09
N ARG A 100 -11.16 -15.59 22.02
CA ARG A 100 -11.96 -15.64 20.80
C ARG A 100 -11.92 -17.04 20.17
N GLN A 101 -10.72 -17.60 20.02
CA GLN A 101 -10.62 -18.99 19.60
C GLN A 101 -11.43 -19.91 20.51
N ASP A 102 -11.28 -19.75 21.82
CA ASP A 102 -11.95 -20.65 22.75
C ASP A 102 -13.45 -20.66 22.56
N MET A 103 -14.03 -19.56 22.08
CA MET A 103 -15.45 -19.58 21.75
C MET A 103 -15.70 -20.20 20.38
N VAL A 104 -15.01 -19.74 19.34
CA VAL A 104 -15.45 -20.10 18.01
C VAL A 104 -15.06 -21.53 17.68
N VAL A 105 -13.93 -22.03 18.20
CA VAL A 105 -13.57 -23.40 17.85
C VAL A 105 -14.63 -24.37 18.36
N VAL A 106 -15.35 -23.97 19.40
CA VAL A 106 -16.45 -24.80 19.89
C VAL A 106 -17.76 -24.41 19.23
N GLU A 107 -18.05 -23.14 19.10
CA GLU A 107 -19.40 -22.77 18.74
C GLU A 107 -19.64 -22.69 17.24
N VAL A 108 -18.64 -22.61 16.39
CA VAL A 108 -19.04 -22.56 14.98
C VAL A 108 -19.43 -23.94 14.50
N PRO A 109 -18.79 -25.04 14.92
CA PRO A 109 -19.31 -26.34 14.51
C PRO A 109 -20.62 -26.69 15.18
N LYS A 110 -20.83 -26.16 16.37
CA LYS A 110 -22.12 -26.31 17.03
C LYS A 110 -23.24 -25.66 16.20
N LEU A 111 -23.02 -24.44 15.73
CA LEU A 111 -24.04 -23.77 14.93
C LEU A 111 -24.17 -24.43 13.58
N GLY A 112 -23.06 -24.87 12.99
CA GLY A 112 -23.15 -25.64 11.76
C GLY A 112 -23.92 -26.93 11.94
N LYS A 113 -23.80 -27.56 13.12
CA LYS A 113 -24.56 -28.77 13.40
C LYS A 113 -26.06 -28.50 13.36
N GLU A 114 -26.53 -27.43 14.00
CA GLU A 114 -27.96 -27.13 13.98
C GLU A 114 -28.46 -27.06 12.55
N ALA A 115 -27.79 -26.26 11.72
CA ALA A 115 -28.21 -26.08 10.35
C ALA A 115 -28.12 -27.39 9.59
N ALA A 116 -27.00 -28.09 9.71
CA ALA A 116 -26.87 -29.36 9.01
C ALA A 116 -27.99 -30.31 9.38
N THR A 117 -28.39 -30.30 10.64
CA THR A 117 -29.40 -31.27 11.04
C THR A 117 -30.74 -30.96 10.42
N LYS A 118 -31.05 -29.67 10.21
CA LYS A 118 -32.31 -29.32 9.55
C LYS A 118 -32.32 -29.76 8.09
N ALA A 119 -31.24 -29.48 7.35
CA ALA A 119 -31.19 -29.93 5.97
C ALA A 119 -31.27 -31.45 5.91
N ILE A 120 -30.60 -32.15 6.82
CA ILE A 120 -30.64 -33.60 6.82
C ILE A 120 -32.06 -34.08 7.08
N LYS A 121 -32.76 -33.42 8.00
CA LYS A 121 -34.15 -33.78 8.25
C LYS A 121 -35.00 -33.55 7.01
N GLU A 122 -34.86 -32.40 6.35
CA GLU A 122 -35.61 -32.16 5.13
C GLU A 122 -35.25 -33.15 4.04
N TRP A 123 -33.95 -33.39 3.85
CA TRP A 123 -33.48 -34.38 2.90
C TRP A 123 -34.11 -35.74 3.16
N GLY A 124 -34.13 -36.16 4.43
CA GLY A 124 -34.84 -37.35 4.84
C GLY A 124 -34.16 -38.67 4.60
N GLN A 125 -32.97 -38.69 4.03
CA GLN A 125 -32.26 -39.94 3.89
C GLN A 125 -31.39 -40.17 5.11
N PRO A 126 -30.95 -41.40 5.35
CA PRO A 126 -30.11 -41.65 6.53
C PRO A 126 -28.77 -40.95 6.44
N LYS A 127 -28.29 -40.47 7.60
CA LYS A 127 -27.01 -39.78 7.66
C LYS A 127 -25.92 -40.57 6.96
N SER A 128 -26.05 -41.89 6.93
CA SER A 128 -25.00 -42.72 6.40
C SER A 128 -24.85 -42.60 4.90
N LYS A 129 -25.82 -42.02 4.22
CA LYS A 129 -25.69 -41.83 2.78
C LYS A 129 -24.90 -40.58 2.43
N ILE A 130 -24.46 -39.82 3.42
CA ILE A 130 -23.59 -38.68 3.22
C ILE A 130 -22.18 -39.19 3.02
N THR A 131 -21.56 -38.82 1.88
CA THR A 131 -20.22 -39.28 1.53
C THR A 131 -19.16 -38.21 1.64
N HIS A 132 -19.52 -36.95 1.54
CA HIS A 132 -18.56 -35.86 1.60
C HIS A 132 -19.10 -34.79 2.52
N VAL A 133 -18.20 -34.14 3.25
CA VAL A 133 -18.53 -33.00 4.09
C VAL A 133 -17.64 -31.86 3.63
N VAL A 134 -18.24 -30.68 3.44
CA VAL A 134 -17.49 -29.48 3.08
C VAL A 134 -17.83 -28.44 4.13
N PHE A 135 -16.85 -28.01 4.91
CA PHE A 135 -17.10 -27.03 5.96
C PHE A 135 -16.37 -25.75 5.64
N CYS A 136 -17.06 -24.63 5.76
CA CYS A 136 -16.52 -23.34 5.37
C CYS A 136 -16.74 -22.35 6.50
N THR A 137 -15.70 -21.60 6.85
CA THR A 137 -15.86 -20.62 7.90
C THR A 137 -14.82 -19.52 7.73
N THR A 138 -15.11 -18.37 8.34
CA THR A 138 -14.16 -17.27 8.47
C THR A 138 -13.77 -17.07 9.92
N SER A 139 -14.35 -17.83 10.84
CA SER A 139 -14.27 -17.57 12.27
C SER A 139 -13.44 -18.66 12.95
N GLY A 140 -12.15 -18.41 13.13
CA GLY A 140 -11.31 -19.32 13.89
C GLY A 140 -10.80 -20.51 13.08
N VAL A 141 -9.70 -21.08 13.56
CA VAL A 141 -9.08 -22.28 13.00
C VAL A 141 -8.67 -23.20 14.14
N ASP A 142 -8.64 -24.49 13.87
CA ASP A 142 -8.23 -25.46 14.87
C ASP A 142 -7.83 -26.72 14.13
N MET A 143 -7.13 -27.59 14.81
CA MET A 143 -6.74 -28.87 14.24
C MET A 143 -6.99 -29.97 15.26
N PRO A 144 -7.85 -30.94 14.92
CA PRO A 144 -8.62 -31.14 13.71
C PRO A 144 -9.66 -30.05 13.56
N GLY A 145 -10.19 -29.87 12.35
CA GLY A 145 -10.97 -28.69 12.02
C GLY A 145 -12.43 -28.82 12.39
N ALA A 146 -13.16 -27.74 12.12
CA ALA A 146 -14.60 -27.76 12.33
C ALA A 146 -15.26 -28.86 11.51
N ASP A 147 -14.69 -29.19 10.35
CA ASP A 147 -15.23 -30.28 9.56
C ASP A 147 -15.19 -31.58 10.34
N TRP A 148 -14.06 -31.86 10.99
CA TRP A 148 -13.97 -33.05 11.81
C TRP A 148 -14.94 -32.96 12.97
N ALA A 149 -14.99 -31.81 13.65
CA ALA A 149 -15.93 -31.64 14.75
C ALA A 149 -17.36 -31.84 14.31
N LEU A 150 -17.72 -31.34 13.13
CA LEU A 150 -19.05 -31.55 12.60
C LEU A 150 -19.30 -33.03 12.32
N THR A 151 -18.31 -33.75 11.81
CA THR A 151 -18.47 -35.19 11.62
C THR A 151 -18.71 -35.88 12.95
N LYS A 152 -17.97 -35.50 13.98
CA LYS A 152 -18.16 -36.08 15.30
C LYS A 152 -19.53 -35.74 15.88
N LEU A 153 -19.92 -34.47 15.80
CA LEU A 153 -21.18 -34.05 16.40
C LEU A 153 -22.36 -34.71 15.72
N LEU A 154 -22.27 -34.98 14.43
CA LEU A 154 -23.37 -35.56 13.68
C LEU A 154 -23.39 -37.08 13.71
N GLY A 155 -22.25 -37.73 13.90
CA GLY A 155 -22.19 -39.17 13.74
C GLY A 155 -22.25 -39.65 12.31
N LEU A 156 -21.51 -39.00 11.41
CA LEU A 156 -21.42 -39.51 10.05
C LEU A 156 -20.42 -40.66 9.99
N ARG A 157 -20.38 -41.34 8.86
CA ARG A 157 -19.43 -42.42 8.72
C ARG A 157 -18.02 -41.90 8.97
N PRO A 158 -17.14 -42.69 9.60
CA PRO A 158 -15.76 -42.24 9.80
C PRO A 158 -15.01 -42.03 8.49
N SER A 159 -15.55 -42.53 7.38
CA SER A 159 -14.86 -42.46 6.10
C SER A 159 -15.43 -41.38 5.18
N VAL A 160 -16.21 -40.43 5.70
CA VAL A 160 -16.63 -39.32 4.86
C VAL A 160 -15.39 -38.60 4.38
N LYS A 161 -15.42 -38.16 3.14
CA LYS A 161 -14.34 -37.36 2.59
C LYS A 161 -14.59 -35.92 2.97
N ARG A 162 -13.63 -35.32 3.65
CA ARG A 162 -13.80 -34.01 4.25
C ARG A 162 -12.95 -32.96 3.54
N LEU A 163 -13.46 -31.74 3.51
CA LEU A 163 -12.70 -30.61 3.02
C LEU A 163 -12.97 -29.40 3.90
N MET A 164 -11.94 -28.93 4.57
CA MET A 164 -12.08 -27.87 5.55
C MET A 164 -11.61 -26.55 4.94
N MET A 165 -12.51 -25.57 4.88
CA MET A 165 -12.23 -24.27 4.26
C MET A 165 -12.21 -23.20 5.34
N TYR A 166 -11.00 -22.77 5.72
CA TYR A 166 -10.78 -21.79 6.78
C TYR A 166 -10.41 -20.42 6.22
N GLN A 167 -10.74 -19.38 6.99
CA GLN A 167 -10.39 -17.98 6.70
C GLN A 167 -10.66 -17.57 5.26
N GLN A 168 -11.89 -17.79 4.81
CA GLN A 168 -12.20 -17.68 3.40
C GLN A 168 -12.69 -16.28 3.02
N GLY A 169 -13.64 -15.73 3.76
CA GLY A 169 -14.23 -14.46 3.43
C GLY A 169 -15.61 -14.62 2.83
N CYS A 170 -16.22 -13.48 2.50
CA CYS A 170 -17.64 -13.42 2.11
C CYS A 170 -17.97 -14.14 0.81
N PHE A 171 -16.97 -14.41 -0.06
CA PHE A 171 -17.24 -14.99 -1.37
C PHE A 171 -17.38 -16.51 -1.35
N ALA A 172 -17.02 -17.17 -0.24
CA ALA A 172 -16.93 -18.62 -0.26
C ALA A 172 -18.28 -19.31 -0.24
N GLY A 173 -19.37 -18.58 -0.06
CA GLY A 173 -20.67 -19.16 -0.36
C GLY A 173 -20.74 -19.60 -1.80
N GLY A 174 -20.08 -18.87 -2.69
CA GLY A 174 -20.04 -19.28 -4.07
C GLY A 174 -19.04 -20.38 -4.27
N THR A 175 -17.91 -20.28 -3.58
CA THR A 175 -16.87 -21.29 -3.71
C THR A 175 -17.38 -22.68 -3.32
N VAL A 176 -18.18 -22.77 -2.25
CA VAL A 176 -18.62 -24.09 -1.83
C VAL A 176 -19.52 -24.70 -2.89
N MET A 177 -20.28 -23.88 -3.62
CA MET A 177 -21.05 -24.41 -4.74
C MET A 177 -20.14 -25.03 -5.79
N ARG A 178 -19.05 -24.34 -6.13
CA ARG A 178 -18.13 -24.88 -7.13
C ARG A 178 -17.47 -26.15 -6.66
N VAL A 179 -17.07 -26.22 -5.39
CA VAL A 179 -16.47 -27.44 -4.88
C VAL A 179 -17.47 -28.58 -4.92
N ALA A 180 -18.64 -28.40 -4.30
CA ALA A 180 -19.63 -29.48 -4.25
C ALA A 180 -20.06 -29.91 -5.64
N LYS A 181 -20.02 -28.99 -6.62
CA LYS A 181 -20.39 -29.33 -7.98
C LYS A 181 -19.53 -30.46 -8.52
N ASP A 182 -18.21 -30.34 -8.38
CA ASP A 182 -17.29 -31.38 -8.84
C ASP A 182 -17.36 -32.63 -7.96
N LEU A 183 -17.48 -32.46 -6.64
CA LEU A 183 -17.60 -33.60 -5.74
C LEU A 183 -18.78 -34.48 -6.13
N ALA A 184 -19.94 -33.86 -6.37
CA ALA A 184 -21.15 -34.63 -6.61
C ALA A 184 -21.16 -35.26 -8.01
N GLU A 185 -20.66 -34.54 -9.02
CA GLU A 185 -20.75 -34.99 -10.40
C GLU A 185 -19.68 -36.00 -10.79
N ASN A 186 -18.53 -35.99 -10.13
CA ASN A 186 -17.48 -36.94 -10.47
C ASN A 186 -17.58 -38.26 -9.72
N ASN A 187 -18.40 -38.37 -8.69
CA ASN A 187 -18.51 -39.62 -7.95
C ASN A 187 -19.97 -40.05 -7.88
N LYS A 188 -20.26 -41.21 -8.47
CA LYS A 188 -21.63 -41.67 -8.53
C LYS A 188 -22.13 -42.01 -7.13
N GLY A 189 -23.33 -41.58 -6.82
CA GLY A 189 -23.88 -41.78 -5.52
C GLY A 189 -23.40 -40.84 -4.46
N ALA A 190 -22.55 -39.87 -4.79
CA ALA A 190 -22.05 -38.97 -3.77
C ALA A 190 -23.18 -38.07 -3.28
N ARG A 191 -23.16 -37.77 -1.98
CA ARG A 191 -24.10 -36.86 -1.34
C ARG A 191 -23.31 -35.93 -0.42
N VAL A 192 -23.21 -34.66 -0.80
CA VAL A 192 -22.28 -33.72 -0.19
C VAL A 192 -23.04 -32.87 0.80
N LEU A 193 -22.63 -32.93 2.06
CA LEU A 193 -23.14 -32.04 3.09
C LEU A 193 -22.23 -30.82 3.14
N VAL A 194 -22.80 -29.65 2.85
CA VAL A 194 -22.08 -28.39 2.80
C VAL A 194 -22.61 -27.49 3.89
N VAL A 195 -21.71 -26.93 4.69
CA VAL A 195 -22.06 -26.09 5.82
C VAL A 195 -21.17 -24.85 5.81
N CYS A 196 -21.78 -23.67 5.89
CA CYS A 196 -21.07 -22.43 6.15
C CYS A 196 -21.52 -21.87 7.49
N SER A 197 -20.59 -21.63 8.39
CA SER A 197 -20.93 -21.22 9.75
C SER A 197 -20.00 -20.09 10.17
N GLU A 198 -20.58 -18.96 10.59
CA GLU A 198 -19.81 -17.75 10.88
C GLU A 198 -20.27 -17.08 12.17
N LEU A 199 -19.32 -16.77 13.04
CA LEU A 199 -19.59 -16.02 14.26
C LEU A 199 -18.65 -14.82 14.36
N THR A 200 -19.21 -13.67 14.71
CA THR A 200 -18.46 -12.42 14.76
C THR A 200 -17.58 -12.29 16.00
N ALA A 201 -17.56 -13.29 16.87
CA ALA A 201 -16.71 -13.23 18.06
C ALA A 201 -15.25 -13.03 17.71
N VAL A 202 -14.81 -13.43 16.51
CA VAL A 202 -13.43 -13.18 16.14
C VAL A 202 -13.22 -11.75 15.77
N THR A 203 -14.28 -10.99 15.55
CA THR A 203 -14.12 -9.71 14.92
C THR A 203 -14.73 -8.57 15.71
N PHE A 204 -15.54 -8.86 16.73
CA PHE A 204 -16.07 -7.80 17.57
C PHE A 204 -14.94 -7.06 18.27
N ARG A 205 -14.94 -5.74 18.20
CA ARG A 205 -13.97 -5.02 19.00
C ARG A 205 -14.49 -3.61 19.24
N GLY A 206 -13.88 -2.95 20.22
CA GLY A 206 -14.28 -1.61 20.58
C GLY A 206 -14.00 -0.64 19.47
N PRO A 207 -14.58 0.55 19.56
CA PRO A 207 -14.46 1.53 18.48
C PRO A 207 -13.18 2.34 18.61
N SER A 208 -12.73 2.85 17.47
CA SER A 208 -11.51 3.64 17.37
C SER A 208 -11.71 4.78 16.40
N GLU A 209 -11.39 6.00 16.85
CA GLU A 209 -11.72 7.17 16.05
C GLU A 209 -10.85 7.32 14.83
N THR A 210 -9.81 6.49 14.67
CA THR A 210 -9.00 6.56 13.47
C THR A 210 -9.15 5.33 12.57
N HIS A 211 -10.13 4.44 12.84
CA HIS A 211 -10.35 3.26 12.00
C HIS A 211 -11.85 3.08 11.78
N LEU A 212 -12.42 3.95 10.94
CA LEU A 212 -13.84 3.86 10.68
C LEU A 212 -14.19 2.60 9.89
N ASP A 213 -13.27 2.07 9.08
CA ASP A 213 -13.60 0.86 8.34
C ASP A 213 -13.90 -0.30 9.28
N SER A 214 -13.09 -0.46 10.32
CA SER A 214 -13.43 -1.44 11.34
C SER A 214 -14.81 -1.17 11.88
N LEU A 215 -15.19 0.10 11.96
CA LEU A 215 -16.49 0.45 12.52
C LEU A 215 -17.62 0.04 11.57
N VAL A 216 -17.38 0.09 10.27
CA VAL A 216 -18.35 -0.45 9.31
C VAL A 216 -18.61 -1.91 9.60
N GLY A 217 -17.53 -2.69 9.73
CA GLY A 217 -17.67 -4.10 10.07
C GLY A 217 -18.57 -4.32 11.26
N GLN A 218 -18.32 -3.60 12.34
CA GLN A 218 -19.21 -3.67 13.50
C GLN A 218 -20.67 -3.41 13.14
N ALA A 219 -20.94 -2.61 12.10
CA ALA A 219 -22.33 -2.30 11.78
C ALA A 219 -22.98 -3.37 10.92
N LEU A 220 -22.20 -4.17 10.20
CA LEU A 220 -22.67 -5.05 9.13
C LEU A 220 -22.67 -6.53 9.46
N PHE A 221 -21.72 -7.01 10.24
CA PHE A 221 -21.53 -8.45 10.36
C PHE A 221 -22.42 -9.05 11.43
N GLY A 222 -23.06 -10.17 11.08
CA GLY A 222 -23.83 -10.96 12.03
C GLY A 222 -23.44 -12.43 11.94
N ASP A 223 -24.12 -13.24 12.76
CA ASP A 223 -23.81 -14.66 12.93
C ASP A 223 -24.85 -15.54 12.28
N GLY A 224 -24.42 -16.69 11.80
CA GLY A 224 -25.37 -17.59 11.18
C GLY A 224 -24.71 -18.78 10.54
N ALA A 225 -25.43 -19.87 10.42
CA ALA A 225 -24.93 -21.04 9.74
C ALA A 225 -25.95 -21.47 8.71
N SER A 226 -25.48 -21.89 7.55
CA SER A 226 -26.34 -22.41 6.50
C SER A 226 -25.76 -23.72 5.99
N ALA A 227 -26.65 -24.60 5.54
CA ALA A 227 -26.26 -25.94 5.15
C ALA A 227 -27.09 -26.39 3.97
N ILE A 228 -26.47 -27.17 3.09
CA ILE A 228 -27.23 -27.78 2.00
C ILE A 228 -26.75 -29.20 1.78
N ILE A 229 -27.61 -29.98 1.14
CA ILE A 229 -27.27 -31.30 0.63
C ILE A 229 -27.19 -31.20 -0.88
N VAL A 230 -26.02 -31.45 -1.44
CA VAL A 230 -25.82 -31.45 -2.87
C VAL A 230 -25.61 -32.87 -3.34
N GLY A 231 -26.24 -33.24 -4.44
CA GLY A 231 -25.97 -34.52 -5.07
C GLY A 231 -26.42 -34.51 -6.50
N ALA A 232 -25.86 -35.42 -7.28
CA ALA A 232 -26.31 -35.61 -8.65
C ALA A 232 -27.21 -36.82 -8.73
N ASP A 233 -27.95 -36.91 -9.84
CA ASP A 233 -28.88 -38.00 -10.11
C ASP A 233 -29.77 -38.26 -8.91
N PRO A 234 -30.74 -37.40 -8.66
CA PRO A 234 -31.55 -37.53 -7.46
C PRO A 234 -32.48 -38.71 -7.58
N ILE A 235 -32.66 -39.43 -6.48
CA ILE A 235 -33.54 -40.60 -6.47
C ILE A 235 -34.97 -40.12 -6.65
N PRO A 236 -35.60 -40.39 -7.79
CA PRO A 236 -36.95 -39.88 -8.02
C PRO A 236 -37.92 -40.38 -6.98
N GLU A 237 -38.83 -39.49 -6.55
CA GLU A 237 -39.84 -39.74 -5.52
C GLU A 237 -39.23 -40.01 -4.15
N VAL A 238 -37.95 -39.74 -3.94
CA VAL A 238 -37.39 -40.00 -2.63
C VAL A 238 -36.63 -38.79 -2.16
N GLU A 239 -35.86 -38.20 -3.07
CA GLU A 239 -35.17 -36.95 -2.84
C GLU A 239 -35.86 -35.87 -3.68
N ARG A 240 -35.62 -34.62 -3.32
CA ARG A 240 -36.34 -33.53 -3.95
C ARG A 240 -35.38 -32.46 -4.43
N PRO A 241 -35.34 -32.18 -5.73
CA PRO A 241 -34.45 -31.15 -6.25
C PRO A 241 -35.04 -29.77 -6.09
N TRP A 242 -34.19 -28.83 -5.86
CA TRP A 242 -34.62 -27.44 -5.70
C TRP A 242 -33.89 -26.49 -6.62
N PHE A 243 -32.60 -26.71 -6.84
CA PHE A 243 -31.78 -25.89 -7.72
C PHE A 243 -30.70 -26.78 -8.34
N GLU A 244 -30.32 -26.44 -9.56
CA GLU A 244 -29.30 -27.18 -10.30
C GLU A 244 -28.08 -26.29 -10.52
N ILE A 245 -26.88 -26.82 -10.26
CA ILE A 245 -25.65 -26.10 -10.52
C ILE A 245 -25.18 -26.47 -11.92
N HIS A 246 -25.20 -25.51 -12.84
CA HIS A 246 -24.82 -25.75 -14.23
C HIS A 246 -23.52 -25.10 -14.66
N TYR A 247 -23.12 -23.98 -14.05
CA TYR A 247 -21.90 -23.28 -14.46
C TYR A 247 -21.32 -22.52 -13.29
N VAL A 248 -20.00 -22.52 -13.19
CA VAL A 248 -19.28 -21.88 -12.10
C VAL A 248 -18.12 -21.10 -12.68
N ALA A 249 -17.82 -19.96 -12.09
CA ALA A 249 -16.66 -19.20 -12.55
C ALA A 249 -16.17 -18.33 -11.43
N SER A 250 -14.88 -18.02 -11.49
CA SER A 250 -14.21 -17.24 -10.46
C SER A 250 -13.46 -16.09 -11.11
N ASN A 251 -13.51 -14.92 -10.50
CA ASN A 251 -12.84 -13.75 -11.07
C ASN A 251 -12.23 -12.87 -9.99
N ILE A 252 -10.97 -12.52 -10.18
CA ILE A 252 -10.33 -11.43 -9.45
C ILE A 252 -10.56 -10.17 -10.27
N LEU A 253 -11.36 -9.26 -9.75
CA LEU A 253 -11.80 -8.15 -10.56
C LEU A 253 -10.63 -7.22 -10.86
N PRO A 254 -10.67 -6.51 -11.99
CA PRO A 254 -9.57 -5.60 -12.34
C PRO A 254 -9.47 -4.43 -11.39
N ASP A 255 -8.24 -4.00 -11.12
CA ASP A 255 -7.97 -2.80 -10.33
C ASP A 255 -8.37 -2.93 -8.86
N SER A 256 -8.41 -4.14 -8.31
CA SER A 256 -8.97 -4.33 -6.98
C SER A 256 -7.93 -4.75 -5.96
N ASP A 257 -6.65 -4.65 -6.29
CA ASP A 257 -5.62 -5.10 -5.37
C ASP A 257 -5.71 -4.32 -4.07
N GLY A 258 -5.86 -5.02 -2.95
CA GLY A 258 -5.91 -4.37 -1.67
C GLY A 258 -7.24 -3.77 -1.29
N ALA A 259 -8.33 -4.19 -1.93
CA ALA A 259 -9.64 -3.58 -1.67
C ALA A 259 -10.16 -3.94 -0.29
N ILE A 260 -10.10 -5.21 0.09
CA ILE A 260 -10.48 -5.67 1.40
C ILE A 260 -9.38 -6.60 1.87
N ASP A 261 -8.86 -6.35 3.06
CA ASP A 261 -7.93 -7.28 3.67
C ASP A 261 -8.46 -7.65 5.05
N GLY A 262 -8.08 -8.84 5.48
CA GLY A 262 -8.40 -9.28 6.83
C GLY A 262 -7.20 -10.00 7.40
N HIS A 263 -6.78 -9.65 8.59
CA HIS A 263 -5.61 -10.27 9.21
C HIS A 263 -6.02 -10.89 10.52
N LEU A 264 -5.55 -12.11 10.76
CA LEU A 264 -5.75 -12.75 12.05
C LEU A 264 -4.55 -12.42 12.91
N ARG A 265 -4.78 -11.71 14.01
CA ARG A 265 -3.72 -11.15 14.81
C ARG A 265 -3.97 -11.45 16.28
N GLU A 266 -3.05 -11.05 17.14
CA GLU A 266 -3.19 -11.34 18.56
C GLU A 266 -4.40 -10.64 19.16
N VAL A 267 -5.00 -9.68 18.45
CA VAL A 267 -6.20 -9.01 18.91
C VAL A 267 -7.45 -9.54 18.25
N GLY A 268 -7.35 -10.58 17.44
CA GLY A 268 -8.50 -11.11 16.74
C GLY A 268 -8.43 -10.83 15.25
N LEU A 269 -9.56 -11.01 14.60
CA LEU A 269 -9.61 -10.75 13.17
C LEU A 269 -9.82 -9.26 12.96
N THR A 270 -8.97 -8.64 12.15
CA THR A 270 -9.10 -7.24 11.85
C THR A 270 -9.57 -7.08 10.42
N PHE A 271 -10.33 -6.03 10.16
CA PHE A 271 -10.99 -5.78 8.88
C PHE A 271 -10.51 -4.46 8.32
N HIS A 272 -10.22 -4.40 7.01
CA HIS A 272 -9.60 -3.21 6.42
C HIS A 272 -10.16 -2.92 5.05
N LEU A 273 -10.84 -1.78 4.90
CA LEU A 273 -11.36 -1.33 3.62
C LEU A 273 -10.46 -0.24 3.06
N MET A 274 -10.06 -0.38 1.81
CA MET A 274 -9.20 0.63 1.22
C MET A 274 -9.55 1.00 -0.21
N LYS A 275 -10.69 0.55 -0.73
CA LYS A 275 -11.03 0.87 -2.09
C LYS A 275 -12.54 0.96 -2.19
N ASP A 276 -13.03 1.38 -3.34
CA ASP A 276 -14.47 1.56 -3.54
C ASP A 276 -15.03 0.20 -3.94
N VAL A 277 -15.40 -0.60 -2.95
CA VAL A 277 -15.80 -1.98 -3.21
C VAL A 277 -17.07 -2.00 -4.04
N PRO A 278 -18.17 -1.34 -3.66
CA PRO A 278 -19.35 -1.41 -4.53
C PRO A 278 -19.09 -0.86 -5.92
N GLY A 279 -18.24 0.16 -6.03
CA GLY A 279 -17.89 0.67 -7.34
C GLY A 279 -17.20 -0.38 -8.19
N ILE A 280 -16.16 -1.01 -7.64
CA ILE A 280 -15.39 -1.96 -8.45
C ILE A 280 -16.27 -3.12 -8.86
N ILE A 281 -17.17 -3.55 -7.98
CA ILE A 281 -18.02 -4.70 -8.29
C ILE A 281 -19.01 -4.35 -9.38
N SER A 282 -19.70 -3.23 -9.25
CA SER A 282 -20.66 -2.83 -10.24
C SER A 282 -20.01 -2.33 -11.51
N LYS A 283 -18.76 -1.86 -11.44
CA LYS A 283 -18.07 -1.52 -12.68
C LYS A 283 -17.73 -2.75 -13.50
N ASN A 284 -17.49 -3.89 -12.85
CA ASN A 284 -16.98 -5.05 -13.57
C ASN A 284 -17.99 -6.19 -13.67
N ILE A 285 -19.18 -6.06 -13.09
CA ILE A 285 -20.05 -7.23 -13.04
C ILE A 285 -20.61 -7.55 -14.41
N GLY A 286 -20.81 -6.55 -15.26
CA GLY A 286 -21.42 -6.82 -16.55
C GLY A 286 -20.62 -7.78 -17.41
N THR A 287 -19.32 -7.52 -17.53
CA THR A 287 -18.53 -8.44 -18.34
C THR A 287 -18.39 -9.80 -17.66
N VAL A 288 -18.44 -9.87 -16.34
CA VAL A 288 -18.38 -11.17 -15.68
C VAL A 288 -19.59 -12.00 -16.07
N LEU A 289 -20.76 -11.40 -16.00
CA LEU A 289 -21.98 -12.13 -16.31
C LEU A 289 -22.19 -12.29 -17.81
N LYS A 290 -21.68 -11.37 -18.63
CA LYS A 290 -21.74 -11.57 -20.06
C LYS A 290 -20.98 -12.83 -20.46
N ASP A 291 -19.73 -12.97 -19.98
CA ASP A 291 -18.96 -14.16 -20.28
C ASP A 291 -19.70 -15.41 -19.84
N ALA A 292 -20.14 -15.45 -18.59
CA ALA A 292 -20.93 -16.56 -18.10
C ALA A 292 -22.11 -16.88 -19.01
N PHE A 293 -22.90 -15.87 -19.38
CA PHE A 293 -24.08 -16.17 -20.18
C PHE A 293 -23.71 -16.66 -21.58
N GLU A 294 -22.54 -16.27 -22.10
CA GLU A 294 -22.13 -16.78 -23.39
C GLU A 294 -21.76 -18.25 -23.27
N LYS A 295 -20.99 -18.60 -22.26
CA LYS A 295 -20.68 -20.01 -22.05
C LYS A 295 -21.94 -20.84 -21.92
N VAL A 296 -22.94 -20.34 -21.18
CA VAL A 296 -24.04 -21.22 -20.78
C VAL A 296 -25.07 -21.38 -21.90
N PHE A 297 -25.41 -20.29 -22.59
CA PHE A 297 -26.51 -20.35 -23.55
C PHE A 297 -26.09 -20.19 -25.00
N GLY A 298 -25.02 -19.43 -25.27
CA GLY A 298 -24.58 -19.20 -26.62
C GLY A 298 -24.21 -17.75 -26.87
N VAL A 304 -29.91 -15.83 -25.30
CA VAL A 304 -29.37 -15.50 -23.97
C VAL A 304 -30.43 -14.65 -23.28
N PRO A 305 -30.85 -15.04 -22.07
CA PRO A 305 -31.97 -14.37 -21.41
C PRO A 305 -31.53 -13.10 -20.71
N SER A 306 -32.50 -12.22 -20.51
CA SER A 306 -32.21 -10.93 -19.92
C SER A 306 -31.73 -11.09 -18.49
N TYR A 307 -31.21 -9.99 -17.92
CA TYR A 307 -30.90 -10.00 -16.50
C TYR A 307 -32.17 -9.92 -15.66
N ASN A 308 -33.21 -9.28 -16.15
CA ASN A 308 -34.44 -9.22 -15.40
C ASN A 308 -35.26 -10.48 -15.47
N ASP A 309 -34.86 -11.45 -16.29
CA ASP A 309 -35.60 -12.68 -16.48
C ASP A 309 -34.87 -13.90 -15.91
N VAL A 310 -34.05 -13.71 -14.88
CA VAL A 310 -33.44 -14.79 -14.11
C VAL A 310 -33.62 -14.44 -12.64
N PHE A 311 -33.51 -15.45 -11.76
CA PHE A 311 -33.60 -15.15 -10.34
C PHE A 311 -32.22 -14.81 -9.81
N TRP A 312 -32.17 -13.93 -8.81
CA TRP A 312 -30.90 -13.44 -8.29
C TRP A 312 -30.69 -13.87 -6.85
N ILE A 313 -29.49 -14.35 -6.57
CA ILE A 313 -29.04 -14.67 -5.23
C ILE A 313 -27.69 -13.99 -5.11
N ALA A 314 -27.64 -12.84 -4.52
CA ALA A 314 -26.45 -12.03 -4.41
C ALA A 314 -26.02 -11.67 -3.02
N HIS A 315 -24.75 -11.90 -2.75
CA HIS A 315 -24.19 -11.65 -1.45
C HIS A 315 -24.22 -10.20 -1.06
N PRO A 316 -24.77 -9.90 0.08
CA PRO A 316 -25.14 -8.55 0.42
C PRO A 316 -24.11 -7.94 1.29
N GLY A 317 -22.98 -7.72 0.66
CA GLY A 317 -21.77 -7.19 1.21
C GLY A 317 -22.05 -6.00 2.02
N GLY A 318 -22.74 -5.11 1.35
CA GLY A 318 -23.41 -3.98 1.96
C GLY A 318 -24.58 -3.59 1.10
N PRO A 319 -25.37 -2.61 1.53
CA PRO A 319 -26.45 -2.15 0.66
C PRO A 319 -25.93 -1.57 -0.63
N ALA A 320 -24.80 -0.88 -0.58
CA ALA A 320 -24.32 -0.19 -1.76
C ALA A 320 -23.94 -1.15 -2.87
N ILE A 321 -23.49 -2.35 -2.51
CA ILE A 321 -23.22 -3.37 -3.51
C ILE A 321 -24.49 -3.67 -4.29
N LEU A 322 -25.55 -4.04 -3.60
CA LEU A 322 -26.77 -4.37 -4.30
C LEU A 322 -27.33 -3.16 -5.03
N ASP A 323 -27.18 -1.97 -4.44
CA ASP A 323 -27.72 -0.77 -5.06
C ASP A 323 -27.05 -0.48 -6.40
N GLN A 324 -25.73 -0.57 -6.45
CA GLN A 324 -25.03 -0.18 -7.65
C GLN A 324 -25.04 -1.28 -8.69
N VAL A 325 -24.98 -2.54 -8.27
CA VAL A 325 -25.19 -3.60 -9.24
C VAL A 325 -26.59 -3.48 -9.83
N GLU A 326 -27.57 -3.19 -8.99
CA GLU A 326 -28.92 -2.95 -9.49
C GLU A 326 -28.94 -1.78 -10.46
N GLN A 327 -28.11 -0.76 -10.20
CA GLN A 327 -28.13 0.43 -11.04
C GLN A 327 -27.38 0.21 -12.36
N LYS A 328 -26.13 -0.27 -12.32
CA LYS A 328 -25.39 -0.39 -13.57
C LYS A 328 -25.97 -1.46 -14.48
N LEU A 329 -26.64 -2.46 -13.94
CA LEU A 329 -27.24 -3.48 -14.78
C LEU A 329 -28.71 -3.22 -15.06
N GLN A 330 -29.26 -2.12 -14.55
CA GLN A 330 -30.65 -1.74 -14.82
C GLN A 330 -31.62 -2.86 -14.47
N LEU A 331 -31.46 -3.43 -13.29
CA LEU A 331 -32.41 -4.43 -12.80
C LEU A 331 -33.62 -3.71 -12.23
N LYS A 332 -34.80 -4.29 -12.45
CA LYS A 332 -35.96 -3.78 -11.75
C LYS A 332 -35.83 -4.14 -10.27
N THR A 333 -36.37 -3.27 -9.42
CA THR A 333 -36.01 -3.34 -8.01
C THR A 333 -36.35 -4.68 -7.39
N GLU A 334 -37.23 -5.46 -8.01
CA GLU A 334 -37.62 -6.74 -7.45
C GLU A 334 -36.52 -7.79 -7.52
N LYS A 335 -35.41 -7.55 -8.20
CA LYS A 335 -34.47 -8.65 -8.41
C LYS A 335 -33.62 -8.90 -7.17
N MET A 336 -33.06 -7.84 -6.59
CA MET A 336 -32.32 -7.92 -5.34
C MET A 336 -33.21 -8.11 -4.12
N ALA A 337 -34.52 -8.24 -4.30
CA ALA A 337 -35.43 -8.31 -3.17
C ALA A 337 -35.04 -9.43 -2.23
N ALA A 338 -34.99 -10.66 -2.73
CA ALA A 338 -34.57 -11.76 -1.88
C ALA A 338 -33.20 -11.52 -1.26
N SER A 339 -32.30 -10.82 -1.96
CA SER A 339 -30.99 -10.54 -1.36
C SER A 339 -31.08 -9.43 -0.32
N ARG A 340 -31.80 -8.35 -0.62
CA ARG A 340 -32.04 -7.33 0.39
C ARG A 340 -32.78 -7.88 1.60
N GLN A 341 -33.69 -8.83 1.37
CA GLN A 341 -34.51 -9.38 2.47
C GLN A 341 -33.65 -10.09 3.50
N VAL A 342 -32.66 -10.88 3.06
CA VAL A 342 -31.79 -11.57 3.99
C VAL A 342 -30.91 -10.59 4.75
N LEU A 343 -30.33 -9.62 4.04
CA LEU A 343 -29.52 -8.61 4.71
C LEU A 343 -30.30 -7.90 5.81
N SER A 344 -31.59 -7.66 5.55
CA SER A 344 -32.41 -6.97 6.53
C SER A 344 -32.70 -7.84 7.73
N ASP A 345 -32.93 -9.13 7.52
CA ASP A 345 -33.25 -9.99 8.64
C ASP A 345 -32.02 -10.49 9.40
N TYR A 346 -30.82 -10.38 8.82
CA TYR A 346 -29.64 -10.92 9.50
C TYR A 346 -28.34 -10.16 9.33
N GLY A 347 -28.29 -9.13 8.50
CA GLY A 347 -27.00 -8.53 8.20
C GLY A 347 -26.09 -9.45 7.37
N ASN A 348 -24.83 -9.01 7.23
CA ASN A 348 -23.82 -9.72 6.45
C ASN A 348 -23.31 -10.91 7.25
N MET A 349 -23.70 -12.12 6.86
CA MET A 349 -23.24 -13.30 7.58
C MET A 349 -22.08 -13.99 6.87
N SER A 350 -21.28 -13.21 6.16
CA SER A 350 -20.14 -13.74 5.42
C SER A 350 -20.61 -14.84 4.48
N SER A 351 -19.85 -15.93 4.39
CA SER A 351 -20.12 -16.96 3.41
C SER A 351 -21.53 -17.52 3.50
N ALA A 352 -22.17 -17.44 4.66
CA ALA A 352 -23.45 -18.10 4.85
C ALA A 352 -24.61 -17.39 4.15
N CYS A 353 -24.44 -16.15 3.71
CA CYS A 353 -25.59 -15.36 3.23
C CYS A 353 -26.29 -16.01 2.05
N VAL A 354 -25.54 -16.39 1.03
CA VAL A 354 -26.19 -16.80 -0.20
C VAL A 354 -27.02 -18.05 0.00
N LEU A 355 -26.62 -18.96 0.89
CA LEU A 355 -27.49 -20.09 1.12
C LEU A 355 -28.73 -19.68 1.92
N PHE A 356 -28.63 -18.62 2.73
CA PHE A 356 -29.83 -18.04 3.34
C PHE A 356 -30.74 -17.43 2.28
N ILE A 357 -30.18 -16.72 1.30
CA ILE A 357 -31.00 -16.14 0.25
C ILE A 357 -31.65 -17.24 -0.58
N MET A 358 -30.86 -18.25 -0.94
CA MET A 358 -31.37 -19.40 -1.69
C MET A 358 -32.51 -20.09 -0.97
N ASP A 359 -32.38 -20.30 0.34
CA ASP A 359 -33.47 -20.90 1.10
C ASP A 359 -34.69 -19.99 1.13
N HIS A 360 -34.48 -18.70 1.42
CA HIS A 360 -35.60 -17.78 1.44
C HIS A 360 -36.29 -17.73 0.08
N LEU A 361 -35.51 -17.71 -1.00
CA LEU A 361 -36.08 -17.60 -2.35
C LEU A 361 -36.98 -18.78 -2.65
N ARG A 362 -36.54 -19.98 -2.31
CA ARG A 362 -37.36 -21.13 -2.64
C ARG A 362 -38.60 -21.18 -1.77
N LYS A 363 -38.50 -20.77 -0.51
CA LYS A 363 -39.67 -20.84 0.35
C LYS A 363 -40.71 -19.84 -0.10
N LYS A 364 -40.30 -18.60 -0.35
CA LYS A 364 -41.23 -17.60 -0.83
C LYS A 364 -41.83 -17.97 -2.19
N SER A 365 -41.04 -18.61 -3.06
CA SER A 365 -41.58 -19.12 -4.30
C SER A 365 -42.71 -20.11 -4.04
N VAL A 366 -42.55 -21.00 -3.07
CA VAL A 366 -43.59 -21.98 -2.81
C VAL A 366 -44.81 -21.30 -2.20
N GLU A 367 -44.61 -20.53 -1.14
CA GLU A 367 -45.73 -19.87 -0.48
C GLU A 367 -46.56 -19.06 -1.46
N GLN A 368 -45.91 -18.27 -2.31
CA GLN A 368 -46.61 -17.46 -3.30
C GLN A 368 -47.07 -18.27 -4.50
N LYS A 369 -46.87 -19.58 -4.49
CA LYS A 369 -47.33 -20.48 -5.56
C LYS A 369 -46.91 -19.98 -6.93
N LEU A 370 -45.61 -19.80 -7.09
CA LEU A 370 -45.03 -19.39 -8.37
C LEU A 370 -44.60 -20.61 -9.16
N ALA A 371 -44.21 -20.39 -10.38
CA ALA A 371 -44.07 -21.50 -11.31
C ALA A 371 -42.84 -22.30 -11.04
N THR A 372 -41.82 -21.66 -10.52
CA THR A 372 -40.64 -22.37 -10.10
C THR A 372 -40.19 -21.96 -8.74
N SER A 373 -39.11 -22.59 -8.34
CA SER A 373 -38.43 -22.36 -7.12
C SER A 373 -37.50 -21.18 -7.15
N GLY A 374 -37.31 -20.59 -8.29
CA GLY A 374 -36.70 -19.30 -8.36
C GLY A 374 -37.47 -18.05 -8.67
N GLU A 375 -38.63 -17.92 -8.09
CA GLU A 375 -39.59 -16.87 -8.38
C GLU A 375 -40.32 -17.03 -9.73
N GLY A 376 -40.41 -18.25 -10.22
CA GLY A 376 -41.06 -18.49 -11.49
C GLY A 376 -40.14 -18.36 -12.67
N TYR A 377 -38.89 -18.01 -12.45
CA TYR A 377 -37.93 -18.03 -13.52
C TYR A 377 -37.24 -19.39 -13.59
N GLU A 378 -36.73 -19.70 -14.78
CA GLU A 378 -36.05 -20.98 -14.95
C GLU A 378 -34.59 -20.91 -14.55
N TRP A 379 -33.87 -19.86 -14.94
CA TRP A 379 -32.44 -19.75 -14.71
C TRP A 379 -32.16 -18.66 -13.69
N GLY A 380 -30.94 -18.65 -13.16
CA GLY A 380 -30.64 -17.66 -12.14
C GLY A 380 -29.16 -17.66 -11.84
N LEU A 381 -28.77 -16.72 -11.01
CA LEU A 381 -27.38 -16.49 -10.64
C LEU A 381 -27.21 -16.54 -9.13
N LEU A 382 -26.16 -17.18 -8.67
CA LEU A 382 -25.66 -16.98 -7.33
C LEU A 382 -24.32 -16.27 -7.43
N LEU A 383 -24.16 -15.23 -6.64
CA LEU A 383 -22.98 -14.41 -6.67
C LEU A 383 -22.24 -14.24 -5.35
N GLY A 384 -20.98 -14.64 -5.31
CA GLY A 384 -20.12 -14.36 -4.18
C GLY A 384 -19.17 -13.18 -4.32
N PHE A 385 -19.12 -12.32 -3.32
CA PHE A 385 -18.20 -11.20 -3.34
C PHE A 385 -17.31 -11.24 -2.11
N GLY A 386 -16.04 -10.99 -2.28
CA GLY A 386 -15.18 -10.70 -1.18
C GLY A 386 -13.77 -10.34 -1.52
N PRO A 387 -12.87 -10.66 -0.63
CA PRO A 387 -11.47 -10.27 -0.73
C PRO A 387 -10.82 -10.84 -1.93
N GLY A 388 -9.93 -10.08 -2.51
CA GLY A 388 -9.35 -10.37 -3.78
C GLY A 388 -9.12 -9.13 -4.62
N LEU A 389 -10.14 -8.34 -4.93
CA LEU A 389 -11.54 -8.69 -4.94
C LEU A 389 -11.94 -9.82 -5.86
N THR A 390 -12.64 -10.77 -5.26
CA THR A 390 -12.92 -12.05 -5.82
C THR A 390 -14.39 -12.09 -6.09
N CYS A 391 -14.78 -12.48 -7.29
CA CYS A 391 -16.14 -12.75 -7.58
C CYS A 391 -16.38 -14.14 -8.03
N GLU A 392 -17.20 -14.87 -7.30
CA GLU A 392 -17.63 -16.19 -7.71
C GLU A 392 -18.98 -16.18 -8.39
N THR A 393 -19.11 -16.86 -9.50
CA THR A 393 -20.34 -16.83 -10.24
C THR A 393 -20.90 -18.20 -10.38
N VAL A 394 -22.15 -18.36 -10.08
CA VAL A 394 -22.79 -19.67 -10.16
C VAL A 394 -24.09 -19.50 -10.93
N VAL A 395 -24.18 -20.14 -12.09
CA VAL A 395 -25.40 -20.10 -12.87
C VAL A 395 -26.22 -21.32 -12.49
N LEU A 396 -27.45 -21.08 -12.05
CA LEU A 396 -28.33 -22.10 -11.52
C LEU A 396 -29.53 -22.30 -12.42
N ARG A 397 -30.16 -23.44 -12.27
CA ARG A 397 -31.51 -23.66 -12.74
C ARG A 397 -32.37 -24.04 -11.56
N SER A 398 -33.60 -23.51 -11.54
CA SER A 398 -34.58 -23.83 -10.52
C SER A 398 -35.30 -25.12 -10.89
N VAL A 399 -36.35 -25.45 -10.17
CA VAL A 399 -37.19 -26.61 -10.49
C VAL A 399 -38.60 -26.09 -10.78
N PRO A 400 -39.37 -26.76 -11.63
CA PRO A 400 -40.76 -26.37 -11.81
C PRO A 400 -41.61 -26.73 -10.61
N LEU A 401 -42.63 -25.92 -10.37
CA LEU A 401 -43.48 -26.01 -9.19
C LEU A 401 -44.94 -25.97 -9.59
N ALA A 402 -45.77 -26.58 -8.76
CA ALA A 402 -47.22 -26.50 -8.86
C ALA A 402 -47.73 -25.05 -8.85
N ALA B 7 -20.85 12.00 -0.85
CA ALA B 7 -21.02 11.58 -2.21
C ALA B 7 -20.66 12.65 -3.17
N THR B 8 -20.87 12.37 -4.41
CA THR B 8 -20.18 13.07 -5.45
C THR B 8 -21.10 13.37 -6.61
N PHE B 9 -20.64 14.20 -7.53
CA PHE B 9 -21.27 14.31 -8.83
C PHE B 9 -20.84 13.16 -9.72
N PRO B 10 -21.49 13.02 -10.86
CA PRO B 10 -21.00 12.11 -11.88
C PRO B 10 -19.56 12.38 -12.24
N PRO B 11 -18.83 11.32 -12.41
CA PRO B 11 -17.44 11.41 -12.77
C PRO B 11 -17.31 11.91 -14.17
N CYS B 12 -16.28 12.66 -14.43
CA CYS B 12 -15.90 12.96 -15.77
C CYS B 12 -14.61 12.34 -16.18
N ALA B 13 -14.31 12.49 -17.45
CA ALA B 13 -12.99 12.40 -17.96
C ALA B 13 -12.09 13.38 -17.28
N ARG B 14 -10.95 12.89 -16.87
CA ARG B 14 -9.83 13.74 -16.51
C ARG B 14 -9.85 14.96 -17.40
N LYS B 15 -9.99 16.14 -16.83
CA LYS B 15 -10.13 17.31 -17.66
C LYS B 15 -8.81 17.89 -18.11
N MET B 16 -7.71 17.52 -17.46
CA MET B 16 -6.37 17.82 -17.97
C MET B 16 -5.71 16.49 -18.31
N GLU B 17 -5.57 16.21 -19.59
CA GLU B 17 -5.08 14.90 -20.03
C GLU B 17 -3.72 14.57 -19.43
N ARG B 18 -3.56 13.32 -19.06
CA ARG B 18 -2.31 12.80 -18.52
C ARG B 18 -1.53 12.03 -19.58
N ALA B 19 -0.21 11.98 -19.43
CA ALA B 19 0.61 11.18 -20.32
C ALA B 19 0.61 9.72 -19.89
N ASP B 20 1.18 8.86 -20.73
CA ASP B 20 1.12 7.42 -20.53
C ASP B 20 2.45 6.77 -20.20
N GLY B 21 3.54 7.20 -20.83
CA GLY B 21 4.84 6.63 -20.56
C GLY B 21 5.48 7.23 -19.33
N PRO B 22 6.74 6.92 -19.09
CA PRO B 22 7.42 7.39 -17.90
C PRO B 22 8.14 8.70 -18.17
N ALA B 23 8.26 9.51 -17.12
CA ALA B 23 8.95 10.79 -17.21
C ALA B 23 10.39 10.55 -17.63
N THR B 24 10.86 11.28 -18.62
CA THR B 24 12.14 10.96 -19.24
C THR B 24 13.02 12.18 -19.38
N VAL B 25 14.31 12.01 -19.11
CA VAL B 25 15.28 13.08 -19.36
C VAL B 25 15.55 13.17 -20.84
N LEU B 26 15.44 14.37 -21.39
CA LEU B 26 15.64 14.58 -22.81
C LEU B 26 16.84 15.44 -23.14
N ALA B 27 17.47 16.06 -22.14
CA ALA B 27 18.62 16.92 -22.37
C ALA B 27 19.20 17.35 -21.02
N ILE B 28 20.51 17.57 -20.99
CA ILE B 28 21.16 18.07 -19.78
C ILE B 28 22.19 19.11 -20.17
N GLY B 29 22.29 20.15 -19.36
CA GLY B 29 23.34 21.13 -19.54
C GLY B 29 23.81 21.64 -18.19
N THR B 30 25.02 22.18 -18.19
CA THR B 30 25.67 22.63 -16.96
C THR B 30 26.39 23.95 -17.20
N ALA B 31 26.62 24.67 -16.10
CA ALA B 31 27.35 25.93 -16.14
C ALA B 31 28.03 26.13 -14.81
N ASN B 32 29.14 26.87 -14.82
CA ASN B 32 29.92 27.17 -13.64
C ASN B 32 30.47 28.58 -13.76
N PRO B 33 30.67 29.26 -12.64
CA PRO B 33 31.28 30.60 -12.66
C PRO B 33 32.69 30.56 -13.21
N PRO B 34 33.29 31.71 -13.51
CA PRO B 34 34.55 31.71 -14.25
C PRO B 34 35.80 31.58 -13.42
N ASN B 35 35.74 31.62 -12.09
CA ASN B 35 36.94 31.62 -11.27
C ASN B 35 37.22 30.21 -10.77
N VAL B 36 38.37 29.67 -11.13
CA VAL B 36 38.73 28.31 -10.73
C VAL B 36 39.73 28.41 -9.60
N PHE B 37 39.51 27.64 -8.55
CA PHE B 37 40.39 27.63 -7.40
C PHE B 37 41.02 26.25 -7.31
N ASP B 38 42.33 26.20 -7.48
CA ASP B 38 43.02 24.94 -7.29
C ASP B 38 42.96 24.58 -5.80
N GLN B 39 42.51 23.36 -5.52
CA GLN B 39 42.24 22.98 -4.15
C GLN B 39 43.52 22.80 -3.36
N SER B 40 44.63 22.49 -4.02
CA SER B 40 45.84 22.20 -3.27
C SER B 40 46.45 23.46 -2.66
N THR B 41 46.41 24.57 -3.38
CA THR B 41 46.93 25.83 -2.89
C THR B 41 45.83 26.72 -2.31
N TYR B 42 44.66 26.17 -2.07
CA TYR B 42 43.54 26.94 -1.60
C TYR B 42 43.70 27.42 -0.16
N PRO B 43 44.31 26.65 0.75
CA PRO B 43 44.53 27.18 2.10
C PRO B 43 45.31 28.48 2.14
N ASP B 44 46.46 28.50 1.48
CA ASP B 44 47.27 29.72 1.41
C ASP B 44 46.41 30.90 1.00
N PHE B 45 45.61 30.71 -0.04
CA PHE B 45 44.67 31.74 -0.46
C PHE B 45 43.67 32.06 0.63
N TYR B 46 42.93 31.04 1.09
CA TYR B 46 41.81 31.25 2.00
C TYR B 46 42.25 31.92 3.29
N PHE B 47 43.32 31.43 3.90
CA PHE B 47 43.77 32.04 5.14
C PHE B 47 44.39 33.41 4.91
N ASN B 48 44.76 33.75 3.68
CA ASN B 48 45.28 35.09 3.49
C ASN B 48 44.15 36.10 3.34
N ILE B 49 43.15 35.81 2.52
CA ILE B 49 42.12 36.80 2.22
C ILE B 49 41.15 36.96 3.39
N THR B 50 41.33 36.17 4.45
CA THR B 50 40.51 36.34 5.64
C THR B 50 41.32 36.81 6.82
N ASN B 51 42.50 37.36 6.57
CA ASN B 51 43.28 38.03 7.60
C ASN B 51 43.64 37.07 8.75
N SER B 52 43.99 35.83 8.40
CA SER B 52 44.13 34.80 9.42
C SER B 52 45.38 33.95 9.21
N ASN B 53 46.41 34.52 8.60
CA ASN B 53 47.63 33.74 8.39
C ASN B 53 48.29 33.38 9.70
N HIS B 54 47.96 34.06 10.78
CA HIS B 54 48.56 33.78 12.07
C HIS B 54 47.97 32.56 12.73
N MET B 55 46.92 31.97 12.16
CA MET B 55 46.34 30.74 12.68
C MET B 55 47.01 29.55 12.02
N THR B 56 48.28 29.36 12.38
CA THR B 56 49.12 28.37 11.72
C THR B 56 48.59 26.96 11.95
N ASP B 57 48.24 26.61 13.19
CA ASP B 57 47.71 25.27 13.46
C ASP B 57 46.44 25.02 12.69
N LEU B 58 45.49 25.94 12.80
CA LEU B 58 44.23 25.79 12.08
C LEU B 58 44.48 25.67 10.58
N LYS B 59 45.43 26.43 10.05
CA LYS B 59 45.70 26.37 8.63
C LYS B 59 46.18 24.97 8.22
N THR B 60 47.15 24.40 8.94
CA THR B 60 47.63 23.08 8.54
C THR B 60 46.55 22.00 8.72
N LYS B 61 45.63 22.18 9.66
CA LYS B 61 44.45 21.31 9.65
C LYS B 61 43.66 21.48 8.36
N PHE B 62 43.37 22.73 7.98
CA PHE B 62 42.58 22.98 6.78
C PHE B 62 43.27 22.44 5.54
N GLN B 63 44.58 22.53 5.49
CA GLN B 63 45.29 21.92 4.38
C GLN B 63 45.08 20.41 4.35
N ARG B 64 45.04 19.78 5.53
CA ARG B 64 44.80 18.35 5.56
C ARG B 64 43.42 18.01 4.99
N MET B 65 42.39 18.75 5.42
CA MET B 65 41.05 18.50 4.87
C MET B 65 41.02 18.74 3.38
N CYS B 66 41.69 19.80 2.93
CA CYS B 66 41.73 20.07 1.49
C CYS B 66 42.45 18.95 0.74
N ASP B 67 43.47 18.37 1.36
CA ASP B 67 44.15 17.23 0.75
C ASP B 67 43.24 16.00 0.70
N LYS B 68 42.42 15.80 1.73
CA LYS B 68 41.60 14.60 1.85
C LYS B 68 40.18 14.81 1.36
N SER B 69 39.94 15.88 0.60
CA SER B 69 38.58 16.21 0.20
C SER B 69 38.13 15.54 -1.09
N GLY B 70 39.04 14.90 -1.81
CA GLY B 70 38.65 14.35 -3.09
C GLY B 70 38.38 15.38 -4.16
N ILE B 71 38.88 16.60 -4.00
CA ILE B 71 38.59 17.74 -4.87
C ILE B 71 39.90 18.27 -5.45
N THR B 72 39.96 18.37 -6.77
CA THR B 72 41.09 18.98 -7.46
C THR B 72 40.91 20.48 -7.61
N LYS B 73 39.68 20.92 -7.85
CA LYS B 73 39.41 22.30 -8.19
C LYS B 73 37.93 22.58 -8.00
N ARG B 74 37.60 23.85 -7.76
CA ARG B 74 36.22 24.30 -7.61
C ARG B 74 36.04 25.63 -8.33
N TYR B 75 34.79 25.94 -8.66
CA TYR B 75 34.44 27.16 -9.38
C TYR B 75 33.60 28.07 -8.50
N MET B 76 34.02 29.32 -8.35
CA MET B 76 33.31 30.23 -7.47
C MET B 76 33.03 31.55 -8.16
N TYR B 77 31.80 32.02 -8.01
CA TYR B 77 31.47 33.37 -8.43
C TYR B 77 32.35 34.39 -7.73
N LEU B 78 32.67 34.15 -6.46
CA LEU B 78 33.49 35.08 -5.72
C LEU B 78 34.91 35.08 -6.27
N ASN B 79 35.63 36.17 -6.05
CA ASN B 79 37.04 36.21 -6.37
C ASN B 79 37.74 37.11 -5.37
N GLU B 80 39.05 37.27 -5.57
CA GLU B 80 39.84 38.05 -4.62
C GLU B 80 39.25 39.44 -4.49
N GLU B 81 38.96 40.06 -5.63
CA GLU B 81 38.48 41.43 -5.65
C GLU B 81 37.14 41.55 -4.93
N ILE B 82 36.12 40.81 -5.41
CA ILE B 82 34.82 40.81 -4.76
C ILE B 82 34.96 40.64 -3.25
N LEU B 83 35.90 39.80 -2.83
CA LEU B 83 35.98 39.49 -1.40
C LEU B 83 36.60 40.62 -0.61
N LYS B 84 37.67 41.24 -1.09
CA LYS B 84 38.24 42.30 -0.27
C LYS B 84 37.37 43.54 -0.33
N ALA B 85 36.57 43.66 -1.37
CA ALA B 85 35.52 44.67 -1.39
C ALA B 85 34.42 44.43 -0.36
N ASN B 86 34.46 43.29 0.28
CA ASN B 86 33.44 42.94 1.23
C ASN B 86 34.06 42.27 2.43
N PRO B 87 34.67 43.04 3.29
CA PRO B 87 35.35 42.50 4.44
C PRO B 87 34.45 41.79 5.42
N ASN B 88 33.17 42.12 5.52
CA ASN B 88 32.27 41.43 6.39
C ASN B 88 32.04 39.97 5.95
N MET B 89 32.08 39.69 4.68
CA MET B 89 32.10 38.34 4.19
C MET B 89 33.39 37.60 4.47
N CYS B 90 34.50 38.28 4.68
CA CYS B 90 35.75 37.60 4.89
C CYS B 90 35.97 37.24 6.32
N ALA B 91 35.20 37.79 7.23
CA ALA B 91 35.34 37.45 8.63
C ALA B 91 34.57 36.21 9.00
N TYR B 92 34.79 35.73 10.20
CA TYR B 92 34.05 34.58 10.65
C TYR B 92 32.57 34.89 10.87
N TRP B 93 32.26 35.95 11.58
CA TRP B 93 30.93 36.16 12.09
C TRP B 93 30.64 37.62 12.17
N GLU B 94 30.43 38.22 11.02
CA GLU B 94 29.97 39.59 10.91
C GLU B 94 28.78 39.71 10.03
N LYS B 95 27.92 40.66 10.31
CA LYS B 95 26.70 40.83 9.54
C LYS B 95 26.95 41.13 8.09
N SER B 96 26.32 40.37 7.22
CA SER B 96 26.75 40.24 5.87
C SER B 96 25.68 39.72 4.95
N LEU B 97 24.59 39.24 5.50
CA LEU B 97 23.46 38.80 4.68
C LEU B 97 22.97 39.69 3.54
N ASP B 98 22.97 41.00 3.72
CA ASP B 98 22.53 41.92 2.70
C ASP B 98 23.39 41.95 1.46
N VAL B 99 24.69 41.97 1.64
CA VAL B 99 25.59 41.95 0.54
C VAL B 99 25.60 40.59 -0.13
N ARG B 100 25.39 39.54 0.65
CA ARG B 100 25.30 38.21 0.05
C ARG B 100 24.09 38.09 -0.79
N GLN B 101 22.96 38.51 -0.25
CA GLN B 101 21.71 38.53 -0.97
C GLN B 101 21.80 39.35 -2.23
N ASP B 102 22.45 40.50 -2.16
CA ASP B 102 22.64 41.32 -3.33
C ASP B 102 23.34 40.56 -4.46
N MET B 103 24.21 39.65 -4.12
CA MET B 103 24.90 38.84 -5.12
C MET B 103 24.04 37.69 -5.61
N VAL B 104 23.50 36.89 -4.69
CA VAL B 104 22.93 35.64 -5.13
C VAL B 104 21.55 35.81 -5.76
N VAL B 105 20.78 36.82 -5.32
CA VAL B 105 19.45 37.01 -5.88
C VAL B 105 19.53 37.29 -7.39
N VAL B 106 20.58 37.93 -7.85
CA VAL B 106 20.74 38.06 -9.29
C VAL B 106 21.61 36.95 -9.86
N GLU B 107 22.69 36.56 -9.20
CA GLU B 107 23.64 35.68 -9.88
C GLU B 107 23.17 34.24 -9.93
N VAL B 108 22.32 33.82 -9.00
CA VAL B 108 21.80 32.45 -8.99
C VAL B 108 20.95 32.20 -10.22
N PRO B 109 19.92 33.00 -10.52
CA PRO B 109 19.12 32.73 -11.72
C PRO B 109 19.92 32.85 -13.00
N LYS B 110 20.89 33.76 -13.06
CA LYS B 110 21.68 33.91 -14.27
C LYS B 110 22.46 32.64 -14.57
N LEU B 111 23.32 32.22 -13.65
CA LEU B 111 24.09 31.00 -13.85
C LEU B 111 23.19 29.85 -14.27
N GLY B 112 22.06 29.69 -13.59
CA GLY B 112 21.14 28.65 -13.97
C GLY B 112 20.60 28.85 -15.37
N LYS B 113 20.53 30.09 -15.80
CA LYS B 113 20.07 30.32 -17.15
C LYS B 113 21.11 29.91 -18.18
N GLU B 114 22.38 30.10 -17.86
CA GLU B 114 23.44 29.58 -18.72
C GLU B 114 23.28 28.09 -18.90
N ALA B 115 22.89 27.39 -17.84
CA ALA B 115 22.70 25.95 -17.87
C ALA B 115 21.42 25.54 -18.58
N ALA B 116 20.33 26.29 -18.38
CA ALA B 116 19.08 25.95 -19.05
C ALA B 116 19.24 26.03 -20.56
N THR B 117 19.88 27.09 -21.05
CA THR B 117 19.93 27.30 -22.50
C THR B 117 20.75 26.23 -23.18
N LYS B 118 21.86 25.81 -22.56
CA LYS B 118 22.60 24.65 -23.06
C LYS B 118 21.70 23.43 -23.17
N ALA B 119 20.93 23.17 -22.12
CA ALA B 119 20.01 22.05 -22.12
C ALA B 119 18.90 22.26 -23.15
N ILE B 120 18.36 23.48 -23.24
CA ILE B 120 17.33 23.75 -24.24
C ILE B 120 17.89 23.59 -25.64
N LYS B 121 19.15 23.99 -25.85
CA LYS B 121 19.74 23.85 -27.17
C LYS B 121 19.90 22.37 -27.55
N GLU B 122 20.48 21.54 -26.66
CA GLU B 122 20.54 20.11 -26.96
C GLU B 122 19.14 19.55 -27.18
N TRP B 123 18.20 19.95 -26.35
CA TRP B 123 16.83 19.55 -26.58
C TRP B 123 16.37 19.94 -27.99
N GLY B 124 16.81 21.10 -28.47
CA GLY B 124 16.44 21.52 -29.82
C GLY B 124 14.96 21.55 -30.06
N GLN B 125 14.18 22.09 -29.15
CA GLN B 125 12.77 22.32 -29.35
C GLN B 125 12.46 23.75 -28.97
N PRO B 126 11.37 24.32 -29.50
CA PRO B 126 11.09 25.73 -29.23
C PRO B 126 10.89 26.03 -27.74
N LYS B 127 11.50 27.13 -27.29
CA LYS B 127 11.37 27.58 -25.90
C LYS B 127 9.94 27.62 -25.42
N SER B 128 8.99 27.88 -26.33
CA SER B 128 7.61 27.99 -25.92
C SER B 128 6.93 26.65 -25.72
N LYS B 129 7.60 25.54 -26.01
CA LYS B 129 7.01 24.24 -25.68
C LYS B 129 7.32 23.81 -24.25
N ILE B 130 8.09 24.60 -23.50
CA ILE B 130 8.29 24.33 -22.08
C ILE B 130 7.04 24.77 -21.31
N THR B 131 6.45 23.84 -20.55
CA THR B 131 5.19 24.07 -19.87
C THR B 131 5.33 24.22 -18.36
N HIS B 132 6.42 23.72 -17.80
CA HIS B 132 6.68 23.75 -16.37
C HIS B 132 8.11 24.18 -16.13
N VAL B 133 8.31 24.92 -15.04
CA VAL B 133 9.64 25.30 -14.57
C VAL B 133 9.73 24.90 -13.11
N VAL B 134 10.80 24.19 -12.76
CA VAL B 134 11.11 23.83 -11.40
C VAL B 134 12.49 24.39 -11.13
N PHE B 135 12.59 25.30 -10.16
CA PHE B 135 13.86 25.93 -9.85
C PHE B 135 14.23 25.58 -8.42
N CYS B 136 15.48 25.20 -8.21
CA CYS B 136 15.93 24.69 -6.92
C CYS B 136 17.26 25.34 -6.56
N THR B 137 17.35 25.97 -5.40
CA THR B 137 18.61 26.53 -4.95
C THR B 137 18.67 26.52 -3.43
N THR B 138 19.88 26.65 -2.91
CA THR B 138 20.13 26.75 -1.48
C THR B 138 20.70 28.11 -1.11
N SER B 139 20.96 28.97 -2.08
CA SER B 139 21.65 30.24 -1.86
C SER B 139 20.75 31.40 -2.26
N GLY B 140 20.18 32.08 -1.27
CA GLY B 140 19.41 33.28 -1.46
C GLY B 140 17.92 33.03 -1.53
N VAL B 141 17.15 34.05 -1.19
CA VAL B 141 15.71 34.05 -1.38
C VAL B 141 15.27 35.42 -1.84
N ASP B 142 14.17 35.46 -2.56
CA ASP B 142 13.62 36.71 -3.04
C ASP B 142 12.19 36.49 -3.48
N MET B 143 11.45 37.58 -3.57
CA MET B 143 10.10 37.54 -4.12
C MET B 143 9.98 38.66 -5.13
N PRO B 144 9.57 38.34 -6.38
CA PRO B 144 9.36 37.01 -6.98
C PRO B 144 10.63 36.18 -6.96
N GLY B 145 10.48 34.86 -7.08
CA GLY B 145 11.59 33.96 -6.86
C GLY B 145 12.51 33.86 -8.05
N ALA B 146 13.60 33.11 -7.85
CA ALA B 146 14.50 32.82 -8.95
C ALA B 146 13.80 32.10 -10.11
N ASP B 147 12.69 31.40 -9.86
CA ASP B 147 11.92 30.84 -10.96
C ASP B 147 11.33 31.94 -11.85
N TRP B 148 10.83 33.01 -11.24
CA TRP B 148 10.31 34.12 -12.04
C TRP B 148 11.41 34.79 -12.83
N ALA B 149 12.55 35.03 -12.19
CA ALA B 149 13.71 35.53 -12.90
C ALA B 149 13.98 34.67 -14.13
N LEU B 150 14.33 33.39 -13.91
CA LEU B 150 14.68 32.50 -15.01
C LEU B 150 13.66 32.54 -16.12
N THR B 151 12.37 32.57 -15.76
CA THR B 151 11.33 32.70 -16.76
C THR B 151 11.45 34.00 -17.52
N LYS B 152 11.46 35.12 -16.81
CA LYS B 152 11.57 36.40 -17.50
C LYS B 152 12.81 36.42 -18.35
N LEU B 153 13.94 35.98 -17.78
CA LEU B 153 15.21 36.10 -18.49
C LEU B 153 15.25 35.21 -19.71
N LEU B 154 14.61 34.05 -19.67
CA LEU B 154 14.68 33.13 -20.80
C LEU B 154 13.62 33.38 -21.86
N GLY B 155 12.68 34.27 -21.61
CA GLY B 155 11.58 34.50 -22.53
C GLY B 155 10.66 33.32 -22.69
N LEU B 156 10.47 32.51 -21.66
CA LEU B 156 9.46 31.47 -21.73
C LEU B 156 8.07 32.07 -21.60
N ARG B 157 7.07 31.28 -21.98
CA ARG B 157 5.72 31.81 -21.99
C ARG B 157 5.32 32.22 -20.58
N PRO B 158 4.55 33.29 -20.43
CA PRO B 158 4.22 33.77 -19.10
C PRO B 158 3.34 32.81 -18.33
N SER B 159 2.77 31.81 -18.99
CA SER B 159 1.89 30.85 -18.35
C SER B 159 2.60 29.55 -17.97
N VAL B 160 3.91 29.57 -17.83
CA VAL B 160 4.60 28.36 -17.38
C VAL B 160 4.26 28.15 -15.90
N LYS B 161 3.89 26.91 -15.56
CA LYS B 161 3.60 26.56 -14.18
C LYS B 161 4.91 26.43 -13.41
N ARG B 162 5.11 27.26 -12.40
CA ARG B 162 6.38 27.43 -11.72
C ARG B 162 6.39 26.76 -10.35
N LEU B 163 7.56 26.28 -9.96
CA LEU B 163 7.76 25.64 -8.68
C LEU B 163 9.08 26.14 -8.14
N MET B 164 9.04 26.97 -7.12
CA MET B 164 10.23 27.60 -6.60
C MET B 164 10.64 26.90 -5.31
N MET B 165 11.82 26.29 -5.30
CA MET B 165 12.28 25.50 -4.17
C MET B 165 13.53 26.16 -3.56
N TYR B 166 13.34 26.79 -2.42
CA TYR B 166 14.36 27.58 -1.75
C TYR B 166 14.86 26.85 -0.51
N GLN B 167 16.11 27.15 -0.14
CA GLN B 167 16.77 26.66 1.08
C GLN B 167 16.69 25.16 1.20
N GLN B 168 16.84 24.46 0.10
CA GLN B 168 16.57 23.03 0.12
C GLN B 168 17.73 22.25 0.70
N GLY B 169 18.90 22.34 0.11
CA GLY B 169 20.07 21.65 0.62
C GLY B 169 20.45 20.47 -0.26
N CYS B 170 21.49 19.77 0.18
CA CYS B 170 22.22 18.83 -0.67
C CYS B 170 21.36 17.73 -1.28
N PHE B 171 20.16 17.47 -0.75
CA PHE B 171 19.40 16.32 -1.21
C PHE B 171 18.44 16.65 -2.35
N ALA B 172 18.25 17.92 -2.66
CA ALA B 172 17.14 18.29 -3.55
C ALA B 172 17.44 18.01 -5.01
N GLY B 173 18.66 17.63 -5.36
CA GLY B 173 18.87 17.03 -6.66
C GLY B 173 17.95 15.85 -6.85
N GLY B 174 17.76 15.05 -5.80
CA GLY B 174 16.82 13.95 -5.87
C GLY B 174 15.38 14.42 -5.83
N THR B 175 15.10 15.45 -5.02
CA THR B 175 13.73 15.94 -4.90
C THR B 175 13.19 16.47 -6.22
N VAL B 176 14.02 17.19 -6.97
CA VAL B 176 13.54 17.72 -8.25
C VAL B 176 13.21 16.60 -9.22
N MET B 177 14.03 15.54 -9.26
CA MET B 177 13.66 14.34 -10.00
C MET B 177 12.28 13.86 -9.56
N ARG B 178 12.10 13.66 -8.25
CA ARG B 178 10.82 13.25 -7.71
C ARG B 178 9.72 14.21 -8.10
N VAL B 179 9.97 15.52 -7.97
CA VAL B 179 8.95 16.51 -8.32
C VAL B 179 8.63 16.45 -9.80
N ALA B 180 9.66 16.45 -10.65
CA ALA B 180 9.42 16.49 -12.08
C ALA B 180 8.63 15.27 -12.54
N LYS B 181 8.84 14.12 -11.91
CA LYS B 181 8.18 12.90 -12.35
C LYS B 181 6.67 13.11 -12.46
N ASP B 182 6.06 13.68 -11.42
CA ASP B 182 4.60 13.80 -11.40
C ASP B 182 4.10 14.83 -12.38
N LEU B 183 4.86 15.93 -12.56
CA LEU B 183 4.44 16.98 -13.47
C LEU B 183 4.34 16.45 -14.89
N ALA B 184 5.38 15.71 -15.32
CA ALA B 184 5.43 15.18 -16.67
C ALA B 184 4.43 14.05 -16.84
N GLU B 185 4.36 13.14 -15.90
CA GLU B 185 3.48 11.99 -16.09
C GLU B 185 2.01 12.35 -15.90
N ASN B 186 1.67 13.35 -15.11
CA ASN B 186 0.26 13.64 -14.99
C ASN B 186 -0.27 14.61 -16.03
N ASN B 187 0.57 15.15 -16.92
CA ASN B 187 0.11 16.12 -17.91
C ASN B 187 0.71 15.76 -19.26
N LYS B 188 -0.11 15.17 -20.13
CA LYS B 188 0.33 14.85 -21.47
C LYS B 188 0.84 16.11 -22.15
N GLY B 189 1.98 15.98 -22.82
CA GLY B 189 2.58 17.12 -23.48
C GLY B 189 3.34 18.05 -22.58
N ALA B 190 3.32 17.82 -21.27
CA ALA B 190 4.14 18.64 -20.38
C ALA B 190 5.61 18.43 -20.68
N ARG B 191 6.37 19.50 -20.58
CA ARG B 191 7.81 19.46 -20.77
C ARG B 191 8.42 20.34 -19.69
N VAL B 192 9.10 19.72 -18.74
CA VAL B 192 9.49 20.38 -17.50
C VAL B 192 10.94 20.82 -17.61
N LEU B 193 11.18 22.10 -17.36
CA LEU B 193 12.54 22.63 -17.25
C LEU B 193 12.90 22.65 -15.77
N VAL B 194 13.90 21.86 -15.39
CA VAL B 194 14.37 21.75 -14.02
C VAL B 194 15.75 22.37 -13.96
N VAL B 195 15.97 23.26 -13.01
CA VAL B 195 17.25 23.95 -12.87
C VAL B 195 17.65 23.95 -11.40
N CYS B 196 18.84 23.47 -11.12
CA CYS B 196 19.47 23.60 -9.82
C CYS B 196 20.65 24.52 -9.98
N SER B 197 20.80 25.47 -9.07
CA SER B 197 21.84 26.48 -9.21
C SER B 197 22.28 26.91 -7.84
N GLU B 198 23.58 26.85 -7.58
CA GLU B 198 24.14 27.08 -6.25
C GLU B 198 25.36 27.97 -6.33
N LEU B 199 25.46 28.95 -5.43
CA LEU B 199 26.69 29.74 -5.30
C LEU B 199 27.08 29.85 -3.83
N THR B 200 28.34 29.57 -3.53
CA THR B 200 28.74 29.59 -2.13
C THR B 200 28.85 30.96 -1.56
N ALA B 201 28.40 31.97 -2.31
CA ALA B 201 28.43 33.33 -1.80
C ALA B 201 27.71 33.43 -0.47
N VAL B 202 26.58 32.74 -0.33
CA VAL B 202 25.88 32.83 0.94
C VAL B 202 26.69 32.22 2.06
N THR B 203 27.63 31.33 1.74
CA THR B 203 28.21 30.46 2.75
C THR B 203 29.68 30.70 3.01
N PHE B 204 30.37 31.39 2.12
CA PHE B 204 31.76 31.73 2.38
C PHE B 204 31.88 32.54 3.67
N ARG B 205 32.85 32.17 4.51
CA ARG B 205 33.21 32.95 5.68
C ARG B 205 34.59 32.52 6.18
N GLY B 206 35.10 33.27 7.17
CA GLY B 206 36.44 33.12 7.66
C GLY B 206 36.60 32.01 8.68
N PRO B 207 37.83 31.58 8.94
CA PRO B 207 38.03 30.44 9.83
C PRO B 207 37.76 30.78 11.29
N SER B 208 37.32 29.77 12.04
CA SER B 208 37.21 29.82 13.49
C SER B 208 37.75 28.54 14.10
N GLU B 209 38.66 28.67 15.08
CA GLU B 209 39.25 27.48 15.69
C GLU B 209 38.22 26.64 16.43
N THR B 210 37.17 27.28 16.93
CA THR B 210 36.20 26.57 17.73
C THR B 210 34.99 26.13 16.90
N HIS B 211 35.13 26.08 15.57
CA HIS B 211 34.01 25.66 14.73
C HIS B 211 34.60 24.95 13.50
N LEU B 212 35.06 23.73 13.71
CA LEU B 212 35.71 23.06 12.61
C LEU B 212 34.73 22.39 11.68
N ASP B 213 33.45 22.31 12.02
CA ASP B 213 32.49 21.87 11.02
C ASP B 213 32.29 22.95 9.95
N SER B 214 32.26 24.22 10.35
CA SER B 214 32.17 25.31 9.37
C SER B 214 33.37 25.27 8.43
N LEU B 215 34.56 25.06 8.98
CA LEU B 215 35.74 24.96 8.15
C LEU B 215 35.62 23.82 7.15
N VAL B 216 34.99 22.70 7.51
CA VAL B 216 34.74 21.66 6.53
C VAL B 216 34.00 22.24 5.34
N GLY B 217 33.05 23.12 5.60
CA GLY B 217 32.29 23.71 4.52
C GLY B 217 33.15 24.50 3.57
N GLN B 218 34.09 25.28 4.10
CA GLN B 218 34.99 26.04 3.25
C GLN B 218 35.88 25.13 2.41
N ALA B 219 36.01 23.88 2.80
CA ALA B 219 36.80 22.97 1.99
C ALA B 219 36.01 22.38 0.82
N LEU B 220 34.72 22.11 1.00
CA LEU B 220 34.00 21.19 0.12
C LEU B 220 33.06 21.85 -0.86
N PHE B 221 32.37 22.92 -0.51
CA PHE B 221 31.34 23.41 -1.41
C PHE B 221 31.92 24.23 -2.55
N GLY B 222 31.27 24.13 -3.71
CA GLY B 222 31.60 24.91 -4.88
C GLY B 222 30.36 25.38 -5.59
N ASP B 223 30.56 26.13 -6.68
CA ASP B 223 29.45 26.72 -7.40
C ASP B 223 29.21 25.97 -8.71
N GLY B 224 27.95 25.94 -9.09
CA GLY B 224 27.57 25.29 -10.34
C GLY B 224 26.07 25.31 -10.48
N ALA B 225 25.63 25.10 -11.71
CA ALA B 225 24.22 25.03 -12.03
C ALA B 225 24.00 23.99 -13.10
N SER B 226 22.88 23.27 -13.01
CA SER B 226 22.55 22.21 -13.95
C SER B 226 21.07 22.26 -14.26
N ALA B 227 20.72 21.78 -15.46
CA ALA B 227 19.35 21.85 -15.96
C ALA B 227 19.04 20.62 -16.79
N ILE B 228 17.82 20.13 -16.69
CA ILE B 228 17.35 19.02 -17.50
C ILE B 228 15.97 19.36 -18.03
N ILE B 229 15.65 18.78 -19.19
CA ILE B 229 14.27 18.75 -19.69
C ILE B 229 13.71 17.35 -19.43
N VAL B 230 12.57 17.30 -18.76
CA VAL B 230 11.91 16.05 -18.42
C VAL B 230 10.56 16.04 -19.09
N GLY B 231 10.28 14.97 -19.81
CA GLY B 231 8.98 14.83 -20.44
C GLY B 231 8.63 13.36 -20.57
N ALA B 232 7.33 13.09 -20.56
CA ALA B 232 6.83 11.77 -20.87
C ALA B 232 6.45 11.70 -22.34
N ASP B 233 6.55 10.51 -22.91
CA ASP B 233 6.19 10.24 -24.30
C ASP B 233 6.98 11.08 -25.24
N PRO B 234 8.27 10.82 -25.34
CA PRO B 234 9.13 11.61 -26.19
C PRO B 234 8.70 11.51 -27.64
N ILE B 235 8.78 12.61 -28.34
CA ILE B 235 8.39 12.63 -29.71
C ILE B 235 9.40 11.87 -30.53
N PRO B 236 8.96 10.82 -31.18
CA PRO B 236 9.85 9.95 -31.94
C PRO B 236 10.55 10.72 -33.00
N GLU B 237 11.87 10.55 -33.04
CA GLU B 237 12.80 11.18 -33.97
C GLU B 237 13.13 12.66 -33.76
N VAL B 238 12.48 13.30 -32.81
CA VAL B 238 12.57 14.70 -32.59
C VAL B 238 13.30 14.88 -31.29
N GLU B 239 12.72 14.32 -30.25
CA GLU B 239 13.36 14.32 -28.96
C GLU B 239 14.16 13.06 -28.72
N ARG B 240 14.99 13.09 -27.71
CA ARG B 240 15.89 12.01 -27.48
C ARG B 240 16.01 11.62 -26.03
N PRO B 241 15.54 10.44 -25.67
CA PRO B 241 15.54 10.07 -24.26
C PRO B 241 16.93 9.69 -23.82
N TRP B 242 17.24 10.01 -22.56
CA TRP B 242 18.51 9.61 -21.97
C TRP B 242 18.35 8.82 -20.68
N PHE B 243 17.40 9.16 -19.81
CA PHE B 243 17.15 8.35 -18.64
C PHE B 243 15.66 8.39 -18.33
N GLU B 244 15.18 7.34 -17.67
CA GLU B 244 13.78 7.22 -17.32
C GLU B 244 13.64 7.20 -15.82
N ILE B 245 12.65 7.90 -15.31
CA ILE B 245 12.37 7.97 -13.88
C ILE B 245 11.30 6.95 -13.57
N HIS B 246 11.66 5.88 -12.85
CA HIS B 246 10.74 4.78 -12.55
C HIS B 246 10.32 4.71 -11.09
N TYR B 247 11.22 4.91 -10.14
CA TYR B 247 10.84 4.82 -8.74
C TYR B 247 11.51 5.96 -7.95
N VAL B 248 10.77 6.59 -7.07
CA VAL B 248 11.28 7.64 -6.21
C VAL B 248 10.87 7.30 -4.79
N ALA B 249 11.78 7.51 -3.84
CA ALA B 249 11.44 7.34 -2.43
C ALA B 249 12.12 8.43 -1.63
N SER B 250 11.67 8.60 -0.39
CA SER B 250 12.26 9.57 0.51
C SER B 250 12.39 8.88 1.86
N ASN B 251 13.47 9.16 2.60
CA ASN B 251 13.63 8.50 3.91
C ASN B 251 14.40 9.40 4.87
N ILE B 252 13.81 9.72 6.01
CA ILE B 252 14.53 10.40 7.08
C ILE B 252 15.28 9.34 7.88
N LEU B 253 16.61 9.34 7.80
CA LEU B 253 17.39 8.23 8.35
C LEU B 253 17.30 8.20 9.88
N PRO B 254 17.31 7.01 10.49
CA PRO B 254 17.15 6.93 11.94
C PRO B 254 18.38 7.41 12.68
N ASP B 255 18.16 7.89 13.90
CA ASP B 255 19.24 8.34 14.78
C ASP B 255 20.11 9.39 14.10
N SER B 256 19.48 10.26 13.33
CA SER B 256 20.24 11.27 12.59
C SER B 256 19.81 12.68 12.96
N ASP B 257 18.93 12.81 13.92
CA ASP B 257 18.37 14.11 14.29
C ASP B 257 19.48 15.11 14.55
N GLY B 258 19.62 16.10 13.70
CA GLY B 258 20.66 17.11 13.86
C GLY B 258 21.98 16.81 13.20
N ALA B 259 22.05 15.89 12.25
CA ALA B 259 23.35 15.61 11.66
C ALA B 259 23.83 16.75 10.79
N ILE B 260 22.93 17.46 10.13
CA ILE B 260 23.30 18.57 9.25
C ILE B 260 22.23 19.65 9.38
N ASP B 261 22.63 20.84 9.80
CA ASP B 261 21.72 21.97 9.90
C ASP B 261 22.29 23.14 9.12
N GLY B 262 21.41 24.00 8.67
CA GLY B 262 21.81 25.20 7.97
C GLY B 262 20.85 26.32 8.25
N HIS B 263 21.33 27.37 8.87
CA HIS B 263 20.48 28.47 9.30
C HIS B 263 20.85 29.71 8.53
N LEU B 264 19.85 30.48 8.15
CA LEU B 264 20.03 31.74 7.43
C LEU B 264 19.99 32.86 8.44
N ARG B 265 21.15 33.42 8.74
CA ARG B 265 21.28 34.40 9.79
C ARG B 265 21.74 35.72 9.18
N GLU B 266 21.99 36.70 10.05
CA GLU B 266 22.46 37.96 9.55
C GLU B 266 23.91 37.88 9.10
N VAL B 267 24.61 36.80 9.44
CA VAL B 267 26.00 36.63 9.02
C VAL B 267 26.05 35.72 7.81
N GLY B 268 24.89 35.41 7.24
CA GLY B 268 24.82 34.53 6.10
C GLY B 268 24.31 33.16 6.46
N LEU B 269 24.61 32.21 5.61
CA LEU B 269 24.19 30.84 5.85
C LEU B 269 25.25 30.13 6.66
N THR B 270 24.85 29.53 7.77
CA THR B 270 25.76 28.84 8.67
C THR B 270 25.55 27.33 8.60
N PHE B 271 26.65 26.59 8.70
CA PHE B 271 26.74 25.18 8.37
C PHE B 271 27.09 24.40 9.62
N HIS B 272 26.48 23.24 9.80
CA HIS B 272 26.69 22.49 11.02
C HIS B 272 26.68 21.00 10.72
N LEU B 273 27.77 20.32 11.06
CA LEU B 273 27.84 18.86 11.10
C LEU B 273 28.06 18.46 12.54
N MET B 274 27.10 17.72 13.11
CA MET B 274 27.26 17.28 14.49
C MET B 274 26.73 15.87 14.70
N LYS B 275 26.83 15.05 13.67
CA LYS B 275 26.81 13.62 13.78
C LYS B 275 27.77 13.06 12.73
N ASP B 276 28.06 11.76 12.84
CA ASP B 276 28.89 11.05 11.86
C ASP B 276 28.02 10.80 10.63
N VAL B 277 27.94 11.80 9.75
CA VAL B 277 27.09 11.67 8.57
C VAL B 277 27.45 10.46 7.72
N PRO B 278 28.71 10.24 7.34
CA PRO B 278 29.01 9.04 6.53
C PRO B 278 28.62 7.76 7.24
N GLY B 279 28.84 7.69 8.55
CA GLY B 279 28.36 6.57 9.31
C GLY B 279 26.89 6.35 9.06
N ILE B 280 26.07 7.38 9.34
CA ILE B 280 24.63 7.21 9.33
C ILE B 280 24.13 6.74 7.96
N ILE B 281 24.66 7.34 6.90
CA ILE B 281 24.19 6.99 5.58
C ILE B 281 24.55 5.55 5.25
N SER B 282 25.78 5.16 5.56
CA SER B 282 26.23 3.82 5.19
C SER B 282 25.51 2.74 5.99
N LYS B 283 25.12 3.01 7.24
CA LYS B 283 24.44 1.98 8.01
C LYS B 283 23.03 1.76 7.51
N ASN B 284 22.39 2.79 6.99
CA ASN B 284 20.99 2.68 6.66
C ASN B 284 20.74 2.51 5.18
N ILE B 285 21.72 2.77 4.33
CA ILE B 285 21.45 2.77 2.89
C ILE B 285 21.05 1.38 2.40
N GLY B 286 21.67 0.34 2.96
CA GLY B 286 21.37 -1.01 2.50
C GLY B 286 19.88 -1.28 2.47
N THR B 287 19.20 -0.93 3.54
CA THR B 287 17.82 -1.33 3.69
C THR B 287 16.89 -0.48 2.84
N VAL B 288 17.20 0.80 2.74
CA VAL B 288 16.57 1.68 1.78
C VAL B 288 16.60 1.20 0.35
N LEU B 289 17.72 0.70 -0.10
CA LEU B 289 17.82 0.19 -1.44
C LEU B 289 17.02 -1.09 -1.68
N LYS B 290 17.06 -2.02 -0.75
CA LYS B 290 16.26 -3.20 -0.88
C LYS B 290 14.79 -2.93 -1.01
N ASP B 291 14.29 -2.00 -0.24
CA ASP B 291 12.96 -1.54 -0.48
C ASP B 291 12.78 -1.06 -1.90
N ALA B 292 13.61 -0.19 -2.40
CA ALA B 292 13.48 0.25 -3.76
C ALA B 292 13.54 -0.91 -4.73
N PHE B 293 14.58 -1.72 -4.67
CA PHE B 293 14.74 -2.83 -5.56
C PHE B 293 13.63 -3.87 -5.48
N GLU B 294 13.04 -4.07 -4.32
CA GLU B 294 11.86 -4.89 -4.23
C GLU B 294 10.64 -4.30 -4.91
N LYS B 295 10.47 -2.99 -4.92
CA LYS B 295 9.32 -2.42 -5.62
C LYS B 295 9.52 -2.44 -7.09
N VAL B 296 10.68 -2.03 -7.54
CA VAL B 296 10.94 -1.97 -8.95
C VAL B 296 10.96 -3.37 -9.56
N PHE B 297 11.47 -4.35 -8.84
CA PHE B 297 11.75 -5.63 -9.44
C PHE B 297 10.91 -6.74 -8.85
N GLY B 298 11.34 -7.29 -7.73
CA GLY B 298 10.51 -8.19 -6.99
C GLY B 298 11.25 -8.67 -5.79
N VAL B 304 16.53 -9.74 -10.14
CA VAL B 304 16.86 -8.53 -9.38
C VAL B 304 18.33 -8.25 -9.46
N PRO B 305 18.70 -7.12 -10.05
CA PRO B 305 20.13 -6.84 -10.26
C PRO B 305 20.83 -6.63 -8.94
N SER B 306 22.10 -7.01 -8.90
CA SER B 306 22.92 -6.62 -7.77
C SER B 306 23.19 -5.12 -7.84
N TYR B 307 23.82 -4.59 -6.80
CA TYR B 307 24.26 -3.21 -6.84
C TYR B 307 25.43 -3.02 -7.77
N ASN B 308 26.21 -4.07 -8.05
CA ASN B 308 27.32 -3.88 -8.96
C ASN B 308 26.89 -3.87 -10.40
N ASP B 309 25.69 -4.37 -10.70
CA ASP B 309 25.15 -4.40 -12.05
C ASP B 309 24.19 -3.24 -12.33
N VAL B 310 24.34 -2.13 -11.61
CA VAL B 310 23.54 -0.95 -11.89
C VAL B 310 24.48 0.24 -11.92
N PHE B 311 24.10 1.27 -12.69
CA PHE B 311 24.95 2.45 -12.64
C PHE B 311 24.56 3.29 -11.44
N TRP B 312 25.46 4.17 -11.02
CA TRP B 312 25.33 4.88 -9.77
C TRP B 312 25.52 6.37 -9.97
N ILE B 313 24.57 7.13 -9.48
CA ILE B 313 24.64 8.58 -9.47
C ILE B 313 24.47 8.98 -8.00
N ALA B 314 25.53 9.09 -7.26
CA ALA B 314 25.45 9.45 -5.84
C ALA B 314 26.00 10.80 -5.47
N HIS B 315 25.20 11.55 -4.76
CA HIS B 315 25.63 12.79 -4.19
C HIS B 315 26.96 12.76 -3.43
N PRO B 316 27.89 13.56 -3.86
CA PRO B 316 29.22 13.57 -3.29
C PRO B 316 29.35 14.54 -2.16
N GLY B 317 28.73 14.19 -1.07
CA GLY B 317 28.72 14.99 0.11
C GLY B 317 30.08 15.34 0.58
N GLY B 318 30.88 14.34 0.77
CA GLY B 318 32.32 14.41 0.87
C GLY B 318 32.83 13.05 0.46
N PRO B 319 34.14 12.85 0.41
CA PRO B 319 34.63 11.55 -0.04
C PRO B 319 34.25 10.41 0.90
N ALA B 320 34.12 10.71 2.19
CA ALA B 320 33.90 9.66 3.17
C ALA B 320 32.53 9.04 3.05
N ILE B 321 31.56 9.75 2.51
CA ILE B 321 30.24 9.16 2.32
C ILE B 321 30.29 8.09 1.25
N LEU B 322 30.82 8.44 0.07
CA LEU B 322 30.97 7.47 -1.01
C LEU B 322 31.87 6.33 -0.58
N ASP B 323 32.93 6.62 0.17
CA ASP B 323 33.82 5.56 0.62
C ASP B 323 33.07 4.56 1.48
N GLN B 324 32.22 5.04 2.37
CA GLN B 324 31.63 4.13 3.34
C GLN B 324 30.40 3.44 2.76
N VAL B 325 29.70 4.06 1.82
CA VAL B 325 28.68 3.30 1.09
C VAL B 325 29.35 2.22 0.26
N GLU B 326 30.44 2.56 -0.39
CA GLU B 326 31.19 1.59 -1.17
C GLU B 326 31.59 0.39 -0.32
N GLN B 327 32.15 0.63 0.86
CA GLN B 327 32.65 -0.46 1.66
C GLN B 327 31.55 -1.25 2.33
N LYS B 328 30.44 -0.62 2.70
CA LYS B 328 29.37 -1.32 3.40
C LYS B 328 28.54 -2.19 2.47
N LEU B 329 28.33 -1.78 1.23
CA LEU B 329 27.62 -2.57 0.22
C LEU B 329 28.56 -3.43 -0.61
N GLN B 330 29.85 -3.39 -0.34
CA GLN B 330 30.86 -4.10 -1.12
C GLN B 330 30.70 -3.86 -2.62
N LEU B 331 30.70 -2.58 -2.99
CA LEU B 331 30.65 -2.21 -4.39
C LEU B 331 32.02 -2.40 -5.04
N LYS B 332 31.99 -2.68 -6.32
CA LYS B 332 33.18 -2.51 -7.14
C LYS B 332 33.64 -1.07 -7.08
N THR B 333 34.94 -0.85 -7.21
CA THR B 333 35.41 0.53 -7.14
C THR B 333 34.91 1.37 -8.30
N GLU B 334 34.50 0.74 -9.39
CA GLU B 334 34.01 1.46 -10.55
C GLU B 334 32.72 2.22 -10.24
N LYS B 335 31.87 1.64 -9.38
CA LYS B 335 30.49 2.10 -9.29
C LYS B 335 30.40 3.56 -8.91
N MET B 336 31.28 4.03 -8.05
CA MET B 336 31.30 5.40 -7.60
C MET B 336 32.09 6.34 -8.51
N ALA B 337 32.80 5.80 -9.52
CA ALA B 337 33.81 6.58 -10.22
C ALA B 337 33.22 7.82 -10.86
N ALA B 338 32.03 7.72 -11.45
CA ALA B 338 31.42 8.91 -12.03
C ALA B 338 31.13 9.95 -10.94
N SER B 339 30.66 9.49 -9.78
CA SER B 339 30.34 10.44 -8.73
C SER B 339 31.59 11.05 -8.13
N ARG B 340 32.68 10.30 -8.10
CA ARG B 340 33.93 10.87 -7.60
C ARG B 340 34.60 11.75 -8.62
N GLN B 341 34.38 11.51 -9.91
CA GLN B 341 34.98 12.39 -10.90
C GLN B 341 34.43 13.81 -10.74
N VAL B 342 33.11 13.93 -10.67
CA VAL B 342 32.50 15.25 -10.57
C VAL B 342 32.94 15.94 -9.29
N LEU B 343 32.96 15.21 -8.18
CA LEU B 343 33.51 15.79 -6.95
C LEU B 343 34.93 16.26 -7.16
N SER B 344 35.74 15.45 -7.84
CA SER B 344 37.12 15.84 -8.09
C SER B 344 37.18 17.09 -8.92
N ASP B 345 36.27 17.25 -9.87
CA ASP B 345 36.36 18.36 -10.80
C ASP B 345 35.59 19.58 -10.37
N TYR B 346 34.77 19.52 -9.32
CA TYR B 346 33.96 20.70 -8.98
C TYR B 346 33.72 20.89 -7.50
N GLY B 347 34.02 19.89 -6.67
CA GLY B 347 33.64 19.96 -5.27
C GLY B 347 32.15 19.75 -5.11
N ASN B 348 31.67 19.97 -3.89
CA ASN B 348 30.26 19.73 -3.57
C ASN B 348 29.43 20.94 -4.02
N MET B 349 28.49 20.71 -4.93
CA MET B 349 27.66 21.79 -5.47
C MET B 349 26.21 21.68 -5.04
N SER B 350 25.97 21.17 -3.83
CA SER B 350 24.64 21.07 -3.26
C SER B 350 23.72 20.36 -4.24
N SER B 351 22.52 20.89 -4.44
CA SER B 351 21.51 20.22 -5.23
C SER B 351 21.94 20.00 -6.66
N ALA B 352 23.06 20.56 -7.09
CA ALA B 352 23.43 20.48 -8.49
C ALA B 352 24.31 19.27 -8.83
N CYS B 353 24.85 18.56 -7.85
CA CYS B 353 25.87 17.57 -8.15
C CYS B 353 25.32 16.38 -8.93
N VAL B 354 24.16 15.86 -8.55
CA VAL B 354 23.72 14.60 -9.16
C VAL B 354 23.50 14.77 -10.65
N LEU B 355 23.07 15.95 -11.07
CA LEU B 355 22.82 16.16 -12.49
C LEU B 355 24.11 16.45 -13.26
N PHE B 356 25.13 16.98 -12.59
CA PHE B 356 26.48 16.98 -13.16
C PHE B 356 27.01 15.56 -13.32
N ILE B 357 26.66 14.65 -12.40
CA ILE B 357 27.10 13.27 -12.49
C ILE B 357 26.32 12.54 -13.56
N MET B 358 25.02 12.82 -13.66
CA MET B 358 24.19 12.17 -14.68
C MET B 358 24.63 12.56 -16.08
N ASP B 359 25.06 13.81 -16.26
CA ASP B 359 25.52 14.25 -17.56
C ASP B 359 26.90 13.68 -17.88
N HIS B 360 27.79 13.66 -16.90
CA HIS B 360 29.11 13.07 -17.13
C HIS B 360 29.00 11.59 -17.40
N LEU B 361 27.96 10.95 -16.87
CA LEU B 361 27.82 9.51 -17.01
C LEU B 361 27.37 9.14 -18.42
N ARG B 362 26.35 9.83 -18.95
CA ARG B 362 25.95 9.58 -20.32
C ARG B 362 26.99 10.11 -21.30
N LYS B 363 27.73 11.14 -20.92
CA LYS B 363 28.77 11.67 -21.80
C LYS B 363 29.91 10.65 -21.96
N LYS B 364 30.37 10.09 -20.86
CA LYS B 364 31.42 9.07 -20.91
C LYS B 364 30.93 7.80 -21.58
N SER B 365 29.65 7.49 -21.43
CA SER B 365 29.11 6.27 -22.04
C SER B 365 29.14 6.39 -23.55
N VAL B 366 28.65 7.50 -24.08
CA VAL B 366 28.70 7.66 -25.53
C VAL B 366 30.16 7.68 -25.99
N GLU B 367 31.03 8.34 -25.23
CA GLU B 367 32.41 8.54 -25.66
C GLU B 367 33.15 7.23 -25.82
N GLN B 368 32.86 6.26 -24.96
CA GLN B 368 33.46 4.93 -24.99
C GLN B 368 32.61 3.92 -25.76
N LYS B 369 31.45 4.35 -26.27
CA LYS B 369 30.55 3.49 -27.04
C LYS B 369 30.07 2.28 -26.25
N LEU B 370 29.94 2.42 -24.94
CA LEU B 370 29.24 1.43 -24.14
C LEU B 370 27.82 1.27 -24.67
N ALA B 371 27.03 0.38 -24.09
CA ALA B 371 25.76 0.02 -24.69
C ALA B 371 24.57 0.81 -24.18
N THR B 372 24.70 1.49 -23.05
CA THR B 372 23.61 2.33 -22.58
C THR B 372 24.14 3.71 -22.23
N SER B 373 23.21 4.63 -22.00
CA SER B 373 23.59 5.92 -21.48
C SER B 373 24.11 5.84 -20.05
N GLY B 374 23.88 4.73 -19.36
CA GLY B 374 24.40 4.61 -18.02
C GLY B 374 25.62 3.78 -17.64
N GLU B 375 26.62 3.68 -18.51
CA GLU B 375 27.77 2.77 -18.36
C GLU B 375 27.49 1.36 -18.85
N GLY B 376 26.52 1.16 -19.72
CA GLY B 376 26.24 -0.17 -20.21
C GLY B 376 25.29 -1.00 -19.35
N TYR B 377 24.80 -0.47 -18.24
CA TYR B 377 23.79 -1.16 -17.46
C TYR B 377 22.41 -0.62 -17.81
N GLU B 378 21.38 -1.44 -17.56
CA GLU B 378 20.03 -1.02 -17.89
C GLU B 378 19.45 -0.12 -16.80
N TRP B 379 19.76 -0.41 -15.54
CA TRP B 379 19.16 0.25 -14.40
C TRP B 379 20.24 0.92 -13.56
N GLY B 380 19.86 1.99 -12.89
CA GLY B 380 20.79 2.69 -12.04
C GLY B 380 20.07 3.42 -10.93
N LEU B 381 20.86 3.97 -10.02
CA LEU B 381 20.37 4.71 -8.88
C LEU B 381 20.85 6.14 -8.95
N LEU B 382 19.98 7.07 -8.60
CA LEU B 382 20.38 8.43 -8.28
C LEU B 382 20.01 8.65 -6.82
N LEU B 383 20.92 9.25 -6.06
CA LEU B 383 20.73 9.36 -4.62
C LEU B 383 21.11 10.75 -4.14
N GLY B 384 20.28 11.34 -3.29
CA GLY B 384 20.58 12.61 -2.64
C GLY B 384 20.67 12.41 -1.14
N PHE B 385 21.51 13.18 -0.50
CA PHE B 385 21.71 13.12 0.92
C PHE B 385 21.82 14.51 1.45
N GLY B 386 20.94 14.94 2.32
CA GLY B 386 21.12 16.17 3.07
C GLY B 386 20.43 16.21 4.41
N PRO B 387 19.98 17.39 4.82
CA PRO B 387 19.56 17.70 6.18
C PRO B 387 18.61 16.90 7.07
N GLY B 388 17.46 16.39 6.69
CA GLY B 388 16.65 15.60 7.65
C GLY B 388 17.21 14.66 8.77
N LEU B 389 18.38 14.07 8.67
CA LEU B 389 19.03 13.56 7.49
C LEU B 389 18.20 12.84 6.45
N THR B 390 18.09 13.46 5.29
CA THR B 390 17.22 13.05 4.22
C THR B 390 17.95 12.29 3.14
N CYS B 391 17.43 11.13 2.80
CA CYS B 391 17.91 10.41 1.69
C CYS B 391 16.88 10.31 0.62
N GLU B 392 17.12 10.90 -0.55
CA GLU B 392 16.22 10.83 -1.69
C GLU B 392 16.76 9.78 -2.65
N THR B 393 15.93 8.79 -2.97
CA THR B 393 16.32 7.65 -3.79
C THR B 393 15.50 7.65 -5.07
N VAL B 394 16.19 7.58 -6.21
CA VAL B 394 15.57 7.57 -7.52
C VAL B 394 16.13 6.38 -8.27
N VAL B 395 15.27 5.46 -8.70
CA VAL B 395 15.69 4.36 -9.53
C VAL B 395 15.46 4.73 -10.99
N LEU B 396 16.53 4.78 -11.77
CA LEU B 396 16.50 5.20 -13.17
C LEU B 396 16.77 4.01 -14.10
N ARG B 397 16.32 4.16 -15.34
CA ARG B 397 16.62 3.26 -16.43
C ARG B 397 17.24 4.07 -17.56
N SER B 398 18.20 3.46 -18.28
CA SER B 398 18.94 4.17 -19.31
C SER B 398 18.34 3.87 -20.68
N VAL B 399 19.04 4.29 -21.70
CA VAL B 399 18.75 3.94 -23.06
C VAL B 399 19.92 3.24 -23.69
N PRO B 400 19.66 2.51 -24.75
CA PRO B 400 20.69 1.79 -25.49
C PRO B 400 21.44 2.69 -26.46
N LEU B 401 22.67 2.33 -26.79
CA LEU B 401 23.53 3.20 -27.54
C LEU B 401 24.01 2.68 -28.90
N ALA B 402 25.02 1.80 -28.92
CA ALA B 402 25.83 1.51 -30.13
C ALA B 402 26.78 0.34 -29.95
N ALA C 7 16.07 5.88 -28.98
CA ALA C 7 15.25 4.71 -28.73
C ALA C 7 15.41 4.23 -27.31
N THR C 8 14.65 3.22 -26.95
CA THR C 8 14.47 2.88 -25.57
C THR C 8 14.61 1.41 -25.38
N PHE C 9 14.73 1.04 -24.13
CA PHE C 9 14.31 -0.27 -23.69
C PHE C 9 12.80 -0.49 -23.82
N PRO C 10 12.40 -1.74 -23.97
CA PRO C 10 10.99 -2.06 -24.19
C PRO C 10 10.10 -1.48 -23.11
N PRO C 11 9.01 -0.84 -23.48
CA PRO C 11 8.05 -0.35 -22.50
C PRO C 11 7.76 -1.37 -21.42
N CYS C 12 7.58 -0.88 -20.20
CA CYS C 12 7.18 -1.71 -19.09
C CYS C 12 6.07 -0.97 -18.36
N ALA C 13 5.35 -1.69 -17.50
CA ALA C 13 4.23 -1.08 -16.79
C ALA C 13 4.73 -0.04 -15.79
N ARG C 14 3.91 0.99 -15.58
CA ARG C 14 4.29 2.09 -14.70
C ARG C 14 4.54 1.56 -13.29
N LYS C 15 5.80 1.61 -12.85
CA LYS C 15 6.22 0.91 -11.64
C LYS C 15 5.63 1.54 -10.39
N MET C 16 5.19 2.78 -10.47
CA MET C 16 4.42 3.37 -9.39
C MET C 16 3.00 3.55 -9.88
N GLU C 17 2.06 2.85 -9.25
CA GLU C 17 0.69 2.85 -9.73
C GLU C 17 0.09 4.24 -9.62
N ARG C 18 -0.54 4.68 -10.70
CA ARG C 18 -1.22 5.96 -10.82
C ARG C 18 -2.67 5.84 -10.38
N ALA C 19 -3.23 6.94 -9.92
CA ALA C 19 -4.63 7.04 -9.54
C ALA C 19 -5.49 7.35 -10.76
N ASP C 20 -6.81 7.23 -10.61
CA ASP C 20 -7.66 7.51 -11.75
C ASP C 20 -8.76 8.54 -11.52
N GLY C 21 -9.25 8.71 -10.31
CA GLY C 21 -10.12 9.83 -10.03
C GLY C 21 -9.38 11.17 -9.98
N PRO C 22 -10.11 12.27 -9.86
CA PRO C 22 -9.46 13.58 -9.74
C PRO C 22 -9.08 13.85 -8.30
N ALA C 23 -8.11 14.76 -8.13
CA ALA C 23 -7.63 15.11 -6.80
C ALA C 23 -8.75 15.77 -5.98
N THR C 24 -9.04 15.22 -4.80
CA THR C 24 -10.17 15.66 -3.98
C THR C 24 -9.71 16.20 -2.63
N VAL C 25 -10.32 17.30 -2.19
CA VAL C 25 -10.10 17.81 -0.84
C VAL C 25 -11.00 17.02 0.10
N LEU C 26 -10.37 16.28 1.03
CA LEU C 26 -11.09 15.39 1.96
C LEU C 26 -11.22 15.96 3.38
N ALA C 27 -10.59 17.08 3.68
CA ALA C 27 -10.59 17.64 5.03
C ALA C 27 -9.94 19.02 4.99
N ILE C 28 -10.38 19.90 5.89
CA ILE C 28 -9.80 21.22 6.01
C ILE C 28 -9.70 21.58 7.50
N GLY C 29 -8.56 22.11 7.90
CA GLY C 29 -8.41 22.58 9.27
C GLY C 29 -7.65 23.89 9.32
N THR C 30 -8.01 24.78 10.24
CA THR C 30 -7.33 26.06 10.36
C THR C 30 -7.02 26.36 11.82
N ALA C 31 -6.10 27.29 12.02
CA ALA C 31 -5.73 27.74 13.34
C ALA C 31 -5.14 29.13 13.22
N ASN C 32 -5.09 29.83 14.34
CA ASN C 32 -4.57 31.19 14.41
C ASN C 32 -3.91 31.36 15.76
N PRO C 33 -2.97 32.29 15.88
CA PRO C 33 -2.39 32.58 17.18
C PRO C 33 -3.44 33.09 18.15
N PRO C 34 -3.16 33.06 19.44
CA PRO C 34 -4.18 33.42 20.44
C PRO C 34 -4.43 34.91 20.61
N ASN C 35 -3.56 35.79 20.12
CA ASN C 35 -3.67 37.22 20.37
C ASN C 35 -4.54 37.89 19.32
N VAL C 36 -5.68 38.42 19.73
CA VAL C 36 -6.64 39.04 18.83
C VAL C 36 -6.44 40.55 18.84
N PHE C 37 -6.57 41.17 17.66
CA PHE C 37 -6.36 42.61 17.53
C PHE C 37 -7.54 43.24 16.82
N ASP C 38 -8.35 44.01 17.54
CA ASP C 38 -9.38 44.77 16.86
C ASP C 38 -8.72 45.78 15.93
N GLN C 39 -9.22 45.83 14.71
CA GLN C 39 -8.58 46.69 13.72
C GLN C 39 -8.80 48.15 14.06
N SER C 40 -10.05 48.54 14.35
CA SER C 40 -10.34 49.95 14.54
C SER C 40 -9.65 50.52 15.78
N THR C 41 -9.18 49.66 16.67
CA THR C 41 -8.26 50.02 17.72
C THR C 41 -6.81 49.91 17.25
N TYR C 42 -6.54 49.11 16.23
CA TYR C 42 -5.15 48.76 15.91
C TYR C 42 -4.22 49.97 15.81
N PRO C 43 -4.56 51.06 15.09
CA PRO C 43 -3.62 52.20 15.02
C PRO C 43 -3.14 52.71 16.37
N ASP C 44 -4.06 52.90 17.31
CA ASP C 44 -3.67 53.27 18.67
C ASP C 44 -2.61 52.33 19.21
N PHE C 45 -2.85 51.02 19.12
CA PHE C 45 -1.88 50.07 19.64
C PHE C 45 -0.58 50.08 18.85
N TYR C 46 -0.67 50.15 17.52
CA TYR C 46 0.53 50.07 16.72
C TYR C 46 1.47 51.21 17.01
N PHE C 47 0.93 52.44 17.08
CA PHE C 47 1.80 53.59 17.34
C PHE C 47 2.29 53.62 18.79
N ASN C 48 1.53 53.07 19.72
CA ASN C 48 2.05 52.96 21.08
C ASN C 48 3.19 51.98 21.14
N ILE C 49 3.07 50.84 20.46
CA ILE C 49 4.10 49.82 20.61
C ILE C 49 5.35 50.16 19.83
N THR C 50 5.26 51.01 18.80
CA THR C 50 6.44 51.50 18.12
C THR C 50 6.76 52.92 18.53
N ASN C 51 6.20 53.38 19.64
CA ASN C 51 6.61 54.63 20.28
C ASN C 51 6.65 55.77 19.30
N SER C 52 5.70 55.78 18.37
CA SER C 52 5.71 56.70 17.24
C SER C 52 4.58 57.71 17.30
N ASN C 53 4.14 58.06 18.52
CA ASN C 53 2.96 58.90 18.66
C ASN C 53 3.16 60.31 18.12
N HIS C 54 4.40 60.77 17.96
CA HIS C 54 4.62 62.10 17.41
C HIS C 54 4.23 62.21 15.94
N MET C 55 4.13 61.10 15.21
CA MET C 55 3.87 61.18 13.78
C MET C 55 2.37 61.35 13.55
N THR C 56 1.83 62.48 14.00
CA THR C 56 0.38 62.66 13.99
C THR C 56 -0.19 62.54 12.59
N ASP C 57 0.44 63.18 11.61
CA ASP C 57 -0.06 63.12 10.24
C ASP C 57 -0.09 61.68 9.73
N LEU C 58 0.93 60.91 10.05
CA LEU C 58 0.99 59.52 9.62
C LEU C 58 -0.10 58.69 10.29
N LYS C 59 -0.28 58.88 11.60
CA LYS C 59 -1.30 58.11 12.32
C LYS C 59 -2.68 58.34 11.73
N THR C 60 -3.00 59.57 11.35
CA THR C 60 -4.27 59.81 10.66
C THR C 60 -4.35 58.96 9.40
N LYS C 61 -3.30 58.99 8.58
CA LYS C 61 -3.25 58.18 7.37
C LYS C 61 -3.42 56.71 7.68
N PHE C 62 -2.88 56.25 8.80
CA PHE C 62 -2.94 54.83 9.14
C PHE C 62 -4.31 54.45 9.67
N GLN C 63 -4.98 55.32 10.41
CA GLN C 63 -6.32 54.97 10.84
C GLN C 63 -7.26 54.88 9.66
N ARG C 64 -7.11 55.77 8.68
CA ARG C 64 -7.97 55.64 7.50
C ARG C 64 -7.59 54.40 6.71
N MET C 65 -6.31 54.02 6.74
CA MET C 65 -5.89 52.78 6.11
C MET C 65 -6.61 51.57 6.71
N CYS C 66 -6.60 51.47 8.03
CA CYS C 66 -7.25 50.35 8.68
C CYS C 66 -8.77 50.35 8.46
N ASP C 67 -9.39 51.52 8.43
CA ASP C 67 -10.85 51.58 8.29
C ASP C 67 -11.30 51.19 6.89
N LYS C 68 -10.56 51.57 5.87
CA LYS C 68 -10.91 51.17 4.52
C LYS C 68 -10.41 49.77 4.17
N SER C 69 -9.88 49.03 5.14
CA SER C 69 -9.20 47.78 4.84
C SER C 69 -10.11 46.57 4.79
N GLY C 70 -11.40 46.72 5.12
CA GLY C 70 -12.29 45.59 5.12
C GLY C 70 -12.04 44.57 6.19
N ILE C 71 -11.20 44.89 7.19
CA ILE C 71 -10.77 43.93 8.20
C ILE C 71 -11.38 44.33 9.53
N THR C 72 -11.85 43.35 10.28
CA THR C 72 -12.41 43.64 11.59
C THR C 72 -11.48 43.28 12.73
N LYS C 73 -10.67 42.24 12.55
CA LYS C 73 -9.76 41.76 13.58
C LYS C 73 -8.74 40.86 12.90
N ARG C 74 -7.58 40.73 13.54
CA ARG C 74 -6.58 39.78 13.08
C ARG C 74 -5.98 39.09 14.28
N TYR C 75 -5.33 37.96 14.03
CA TYR C 75 -4.65 37.21 15.05
C TYR C 75 -3.17 37.25 14.75
N MET C 76 -2.36 37.32 15.81
CA MET C 76 -0.93 37.48 15.64
C MET C 76 -0.16 36.75 16.72
N TYR C 77 0.96 36.15 16.30
CA TYR C 77 1.91 35.61 17.25
C TYR C 77 2.43 36.71 18.16
N LEU C 78 2.83 37.83 17.57
CA LEU C 78 3.31 38.96 18.32
C LEU C 78 2.20 39.55 19.19
N ASN C 79 2.59 40.05 20.36
CA ASN C 79 1.70 40.77 21.27
C ASN C 79 2.49 41.85 21.96
N GLU C 80 1.83 42.55 22.89
CA GLU C 80 2.46 43.70 23.54
C GLU C 80 3.78 43.30 24.21
N GLU C 81 3.81 42.15 24.88
CA GLU C 81 4.99 41.85 25.68
C GLU C 81 6.13 41.27 24.86
N ILE C 82 5.82 40.59 23.75
CA ILE C 82 6.89 40.12 22.88
C ILE C 82 7.56 41.31 22.21
N LEU C 83 6.76 42.28 21.79
CA LEU C 83 7.32 43.47 21.17
C LEU C 83 8.13 44.29 22.16
N LYS C 84 7.59 44.54 23.35
CA LYS C 84 8.36 45.28 24.35
C LYS C 84 9.70 44.61 24.62
N ALA C 85 9.76 43.29 24.43
CA ALA C 85 10.97 42.51 24.61
C ALA C 85 11.92 42.59 23.42
N ASN C 86 11.50 43.15 22.28
CA ASN C 86 12.38 43.31 21.11
C ASN C 86 12.19 44.68 20.47
N PRO C 87 12.87 45.69 20.98
CA PRO C 87 12.78 47.02 20.35
C PRO C 87 13.16 47.01 18.89
N ASN C 88 14.12 46.16 18.50
CA ASN C 88 14.59 46.12 17.13
C ASN C 88 13.49 45.76 16.13
N MET C 89 12.44 45.09 16.58
CA MET C 89 11.30 44.87 15.70
C MET C 89 10.34 46.04 15.71
N CYS C 90 10.26 46.77 16.82
CA CYS C 90 9.42 47.96 16.89
C CYS C 90 9.97 49.12 16.11
N ALA C 91 11.27 49.11 15.83
CA ALA C 91 11.83 50.13 14.97
C ALA C 91 11.60 49.75 13.52
N TYR C 92 11.54 50.78 12.68
CA TYR C 92 11.63 50.60 11.24
C TYR C 92 13.10 50.54 10.89
N TRP C 93 13.53 49.45 10.25
CA TRP C 93 14.88 49.35 9.71
C TRP C 93 15.97 49.27 10.79
N GLU C 94 15.80 48.34 11.73
CA GLU C 94 16.89 47.92 12.59
C GLU C 94 17.22 46.45 12.31
N LYS C 95 18.49 46.09 12.49
CA LYS C 95 18.92 44.71 12.26
C LYS C 95 18.14 43.78 13.16
N SER C 96 17.31 42.91 12.59
CA SER C 96 16.43 42.11 13.44
C SER C 96 15.96 40.82 12.79
N LEU C 97 16.67 40.33 11.77
CA LEU C 97 16.26 39.08 11.14
C LEU C 97 16.52 37.89 12.06
N ASP C 98 17.59 37.94 12.84
CA ASP C 98 17.92 36.82 13.72
C ASP C 98 16.80 36.57 14.72
N VAL C 99 16.35 37.61 15.40
CA VAL C 99 15.25 37.41 16.34
C VAL C 99 13.98 37.05 15.60
N ARG C 100 13.79 37.56 14.38
CA ARG C 100 12.62 37.19 13.59
C ARG C 100 12.70 35.74 13.13
N GLN C 101 13.89 35.29 12.71
CA GLN C 101 14.07 33.89 12.38
C GLN C 101 13.83 33.02 13.60
N ASP C 102 14.45 33.39 14.73
CA ASP C 102 14.28 32.64 15.97
C ASP C 102 12.83 32.43 16.32
N MET C 103 11.96 33.35 15.93
CA MET C 103 10.55 33.17 16.21
C MET C 103 9.88 32.30 15.16
N VAL C 104 10.04 32.63 13.88
CA VAL C 104 9.20 31.95 12.89
C VAL C 104 9.66 30.53 12.61
N VAL C 105 10.96 30.24 12.67
CA VAL C 105 11.33 28.87 12.37
C VAL C 105 10.78 27.91 13.39
N VAL C 106 10.44 28.38 14.59
CA VAL C 106 9.80 27.52 15.59
C VAL C 106 8.29 27.64 15.55
N GLU C 107 7.75 28.84 15.38
CA GLU C 107 6.30 28.99 15.50
C GLU C 107 5.56 28.74 14.21
N VAL C 108 6.18 28.85 13.05
CA VAL C 108 5.47 28.57 11.80
C VAL C 108 5.05 27.10 11.74
N PRO C 109 5.94 26.13 11.96
CA PRO C 109 5.48 24.74 11.93
C PRO C 109 4.61 24.37 13.12
N LYS C 110 4.85 24.93 14.29
CA LYS C 110 3.95 24.71 15.39
C LYS C 110 2.51 25.11 15.03
N LEU C 111 2.31 26.33 14.50
CA LEU C 111 0.95 26.70 14.11
C LEU C 111 0.41 25.78 13.03
N GLY C 112 1.27 25.32 12.13
CA GLY C 112 0.81 24.38 11.12
C GLY C 112 0.37 23.06 11.71
N LYS C 113 1.13 22.54 12.70
CA LYS C 113 0.74 21.33 13.39
C LYS C 113 -0.67 21.44 13.93
N GLU C 114 -1.02 22.59 14.50
CA GLU C 114 -2.38 22.77 15.00
C GLU C 114 -3.40 22.65 13.90
N ALA C 115 -3.14 23.25 12.74
CA ALA C 115 -4.11 23.20 11.67
C ALA C 115 -4.15 21.83 11.02
N ALA C 116 -3.01 21.13 10.96
CA ALA C 116 -3.04 19.79 10.40
C ALA C 116 -3.74 18.81 11.34
N THR C 117 -3.46 18.91 12.64
CA THR C 117 -4.16 18.10 13.62
C THR C 117 -5.67 18.14 13.41
N LYS C 118 -6.25 19.35 13.33
CA LYS C 118 -7.68 19.47 13.12
C LYS C 118 -8.10 18.80 11.83
N ALA C 119 -7.35 18.97 10.75
CA ALA C 119 -7.73 18.37 9.48
C ALA C 119 -7.67 16.86 9.56
N ILE C 120 -6.55 16.32 10.01
CA ILE C 120 -6.39 14.88 10.15
C ILE C 120 -7.49 14.30 11.00
N LYS C 121 -7.86 14.99 12.08
CA LYS C 121 -8.96 14.50 12.92
C LYS C 121 -10.29 14.51 12.17
N GLU C 122 -10.54 15.50 11.31
CA GLU C 122 -11.75 15.45 10.48
C GLU C 122 -11.66 14.32 9.47
N TRP C 123 -10.44 14.06 8.99
CA TRP C 123 -10.22 13.02 7.99
C TRP C 123 -10.60 11.65 8.51
N GLY C 124 -10.24 11.34 9.75
CA GLY C 124 -10.54 10.08 10.37
C GLY C 124 -9.56 8.96 10.07
N GLN C 125 -8.56 9.18 9.25
CA GLN C 125 -7.60 8.13 8.97
C GLN C 125 -6.42 8.21 9.93
N PRO C 126 -5.66 7.13 10.10
CA PRO C 126 -4.47 7.22 10.93
C PRO C 126 -3.38 8.01 10.23
N LYS C 127 -2.59 8.72 11.03
CA LYS C 127 -1.54 9.57 10.48
C LYS C 127 -0.55 8.79 9.62
N SER C 128 -0.44 7.49 9.82
CA SER C 128 0.48 6.72 9.00
C SER C 128 -0.04 6.49 7.59
N LYS C 129 -1.24 6.97 7.29
CA LYS C 129 -1.71 6.86 5.92
C LYS C 129 -1.30 8.04 5.07
N ILE C 130 -0.73 9.07 5.66
CA ILE C 130 -0.27 10.24 4.91
C ILE C 130 1.04 9.87 4.22
N THR C 131 1.10 10.09 2.90
CA THR C 131 2.29 9.74 2.12
C THR C 131 3.11 10.94 1.70
N HIS C 132 2.46 12.08 1.52
CA HIS C 132 3.11 13.29 1.05
C HIS C 132 2.79 14.42 1.98
N VAL C 133 3.77 15.29 2.19
CA VAL C 133 3.60 16.50 2.97
C VAL C 133 4.04 17.67 2.12
N VAL C 134 3.18 18.68 2.01
CA VAL C 134 3.47 19.92 1.30
C VAL C 134 3.31 21.07 2.28
N PHE C 135 4.39 21.76 2.57
CA PHE C 135 4.36 22.86 3.52
C PHE C 135 4.70 24.14 2.80
N CYS C 136 3.85 25.15 2.98
CA CYS C 136 4.00 26.41 2.30
C CYS C 136 3.97 27.55 3.31
N THR C 137 4.94 28.45 3.22
CA THR C 137 4.93 29.64 4.05
C THR C 137 5.80 30.70 3.39
N THR C 138 5.58 31.94 3.82
CA THR C 138 6.41 33.07 3.46
C THR C 138 7.18 33.61 4.66
N SER C 139 7.10 32.95 5.81
CA SER C 139 7.64 33.47 7.06
C SER C 139 8.86 32.66 7.45
N GLY C 140 10.04 33.10 7.04
CA GLY C 140 11.28 32.52 7.49
C GLY C 140 11.71 31.30 6.69
N VAL C 141 12.97 30.92 6.87
CA VAL C 141 13.53 29.73 6.22
C VAL C 141 14.51 29.06 7.18
N ASP C 142 14.72 27.76 6.97
CA ASP C 142 15.67 27.01 7.77
C ASP C 142 15.96 25.68 7.09
N MET C 143 17.07 25.06 7.52
CA MET C 143 17.46 23.72 7.06
C MET C 143 17.75 22.78 8.25
N PRO C 144 17.05 21.64 8.32
CA PRO C 144 15.95 21.23 7.45
C PRO C 144 14.71 22.08 7.70
N GLY C 145 13.76 22.03 6.77
CA GLY C 145 12.75 23.05 6.69
C GLY C 145 11.52 22.74 7.51
N ALA C 146 10.58 23.67 7.48
CA ALA C 146 9.35 23.49 8.20
C ALA C 146 8.61 22.22 7.79
N ASP C 147 8.88 21.68 6.62
CA ASP C 147 8.25 20.42 6.26
C ASP C 147 8.77 19.28 7.13
N TRP C 148 10.07 19.23 7.36
CA TRP C 148 10.63 18.24 8.26
C TRP C 148 10.19 18.48 9.68
N ALA C 149 10.27 19.72 10.15
CA ALA C 149 9.82 20.04 11.50
C ALA C 149 8.37 19.60 11.70
N LEU C 150 7.52 19.84 10.72
CA LEU C 150 6.14 19.40 10.84
C LEU C 150 6.02 17.89 10.83
N THR C 151 6.93 17.20 10.14
CA THR C 151 6.92 15.74 10.15
C THR C 151 7.30 15.21 11.54
N LYS C 152 8.25 15.87 12.21
CA LYS C 152 8.56 15.47 13.59
C LYS C 152 7.42 15.80 14.53
N LEU C 153 6.87 17.01 14.44
CA LEU C 153 5.85 17.45 15.40
C LEU C 153 4.59 16.60 15.37
N LEU C 154 4.21 16.11 14.19
CA LEU C 154 3.03 15.30 13.97
C LEU C 154 3.30 13.80 14.12
N GLY C 155 4.56 13.40 14.14
CA GLY C 155 4.88 11.99 14.17
C GLY C 155 4.44 11.25 12.94
N LEU C 156 4.68 11.80 11.76
CA LEU C 156 4.35 11.10 10.54
C LEU C 156 5.48 10.13 10.20
N ARG C 157 5.19 9.21 9.27
CA ARG C 157 6.14 8.17 8.93
C ARG C 157 7.44 8.78 8.41
N PRO C 158 8.59 8.20 8.75
CA PRO C 158 9.87 8.77 8.29
C PRO C 158 10.03 8.76 6.78
N SER C 159 9.14 8.10 6.04
CA SER C 159 9.29 7.99 4.59
C SER C 159 8.34 8.88 3.83
N VAL C 160 7.63 9.79 4.51
CA VAL C 160 6.78 10.74 3.79
C VAL C 160 7.61 11.49 2.77
N LYS C 161 7.00 11.74 1.62
CA LYS C 161 7.63 12.51 0.57
C LYS C 161 7.25 13.97 0.76
N ARG C 162 8.23 14.81 1.00
CA ARG C 162 7.99 16.19 1.33
C ARG C 162 8.32 17.11 0.17
N LEU C 163 7.62 18.24 0.15
CA LEU C 163 7.97 19.39 -0.68
C LEU C 163 7.89 20.62 0.20
N MET C 164 8.97 21.39 0.23
CA MET C 164 9.08 22.60 1.04
C MET C 164 9.05 23.80 0.13
N MET C 165 7.97 24.57 0.21
CA MET C 165 7.77 25.80 -0.54
C MET C 165 7.96 26.99 0.39
N TYR C 166 9.11 27.65 0.28
CA TYR C 166 9.46 28.81 1.09
C TYR C 166 9.35 30.10 0.29
N GLN C 167 9.04 31.20 0.99
CA GLN C 167 9.18 32.55 0.45
C GLN C 167 8.35 32.73 -0.83
N GLN C 168 7.16 32.15 -0.83
CA GLN C 168 6.33 32.17 -2.03
C GLN C 168 5.57 33.48 -2.15
N GLY C 169 4.74 33.78 -1.18
CA GLY C 169 3.91 34.95 -1.23
C GLY C 169 2.46 34.58 -1.41
N CYS C 170 1.63 35.62 -1.57
CA CYS C 170 0.19 35.46 -1.50
C CYS C 170 -0.41 34.52 -2.56
N PHE C 171 0.29 34.22 -3.66
CA PHE C 171 -0.36 33.40 -4.68
C PHE C 171 -0.28 31.92 -4.38
N ALA C 172 0.56 31.50 -3.44
CA ALA C 172 0.90 30.10 -3.31
C ALA C 172 -0.23 29.25 -2.76
N GLY C 173 -1.31 29.86 -2.31
CA GLY C 173 -2.49 29.06 -2.01
C GLY C 173 -3.00 28.33 -3.23
N GLY C 174 -2.93 28.97 -4.41
CA GLY C 174 -3.26 28.28 -5.64
C GLY C 174 -2.18 27.29 -6.02
N THR C 175 -0.92 27.66 -5.81
CA THR C 175 0.18 26.76 -6.11
C THR C 175 0.01 25.43 -5.39
N VAL C 176 -0.31 25.46 -4.10
CA VAL C 176 -0.38 24.19 -3.37
C VAL C 176 -1.51 23.32 -3.91
N MET C 177 -2.61 23.92 -4.35
CA MET C 177 -3.64 23.12 -5.01
C MET C 177 -3.09 22.46 -6.25
N ARG C 178 -2.32 23.20 -7.03
CA ARG C 178 -1.77 22.65 -8.26
C ARG C 178 -0.71 21.60 -7.96
N VAL C 179 0.08 21.79 -6.90
CA VAL C 179 1.09 20.80 -6.56
C VAL C 179 0.42 19.54 -6.06
N ALA C 180 -0.53 19.67 -5.14
CA ALA C 180 -1.22 18.49 -4.64
C ALA C 180 -1.95 17.76 -5.75
N LYS C 181 -2.43 18.49 -6.76
CA LYS C 181 -3.15 17.86 -7.85
C LYS C 181 -2.33 16.73 -8.46
N ASP C 182 -1.09 17.02 -8.84
CA ASP C 182 -0.27 16.03 -9.51
C ASP C 182 0.24 14.95 -8.55
N LEU C 183 0.49 15.28 -7.28
CA LEU C 183 0.93 14.21 -6.39
C LEU C 183 -0.18 13.21 -6.16
N ALA C 184 -1.42 13.68 -6.08
CA ALA C 184 -2.52 12.80 -5.71
C ALA C 184 -2.98 11.94 -6.88
N GLU C 185 -3.02 12.51 -8.08
CA GLU C 185 -3.55 11.81 -9.24
C GLU C 185 -2.56 10.85 -9.86
N ASN C 186 -1.27 11.07 -9.68
CA ASN C 186 -0.27 10.19 -10.27
C ASN C 186 0.22 9.12 -9.31
N ASN C 187 -0.31 9.04 -8.09
CA ASN C 187 0.16 8.07 -7.11
C ASN C 187 -1.04 7.44 -6.42
N LYS C 188 -1.27 6.15 -6.69
CA LYS C 188 -2.45 5.49 -6.15
C LYS C 188 -2.29 5.36 -4.67
N GLY C 189 -3.35 5.68 -3.92
CA GLY C 189 -3.28 5.64 -2.48
C GLY C 189 -2.59 6.83 -1.84
N ALA C 190 -1.96 7.70 -2.62
CA ALA C 190 -1.30 8.85 -2.02
C ALA C 190 -2.34 9.69 -1.32
N ARG C 191 -2.01 10.09 -0.10
CA ARG C 191 -2.81 11.00 0.68
C ARG C 191 -1.88 12.15 1.06
N VAL C 192 -2.13 13.32 0.48
CA VAL C 192 -1.23 14.47 0.59
C VAL C 192 -1.69 15.36 1.72
N LEU C 193 -0.81 15.64 2.67
CA LEU C 193 -1.08 16.66 3.67
C LEU C 193 -0.47 17.98 3.21
N VAL C 194 -1.32 18.98 3.02
CA VAL C 194 -0.93 20.30 2.52
C VAL C 194 -1.20 21.29 3.63
N VAL C 195 -0.18 22.08 3.99
CA VAL C 195 -0.28 23.04 5.09
C VAL C 195 0.28 24.39 4.66
N CYS C 196 -0.47 25.46 4.92
CA CYS C 196 0.01 26.82 4.74
C CYS C 196 -0.05 27.51 6.10
N SER C 197 1.03 28.18 6.46
CA SER C 197 1.16 28.72 7.81
C SER C 197 1.99 29.99 7.74
N GLU C 198 1.40 31.13 8.12
CA GLU C 198 2.02 32.44 7.92
C GLU C 198 1.96 33.29 9.18
N LEU C 199 3.10 33.84 9.58
CA LEU C 199 3.17 34.70 10.75
C LEU C 199 3.84 36.01 10.36
N THR C 200 3.22 37.16 10.74
CA THR C 200 3.72 38.50 10.43
C THR C 200 4.95 38.84 11.18
N ALA C 201 5.54 37.95 11.96
CA ALA C 201 6.73 38.32 12.69
C ALA C 201 7.90 38.60 11.77
N VAL C 202 7.93 38.03 10.56
CA VAL C 202 9.05 38.35 9.66
C VAL C 202 8.88 39.70 9.02
N THR C 203 7.74 40.33 9.22
CA THR C 203 7.39 41.51 8.47
C THR C 203 6.92 42.68 9.31
N PHE C 204 6.69 42.49 10.60
CA PHE C 204 6.30 43.58 11.46
C PHE C 204 7.45 44.56 11.63
N ARG C 205 7.15 45.86 11.57
CA ARG C 205 8.15 46.90 11.81
C ARG C 205 7.45 48.22 12.07
N GLY C 206 8.19 49.14 12.70
CA GLY C 206 7.70 50.48 12.94
C GLY C 206 7.42 51.28 11.68
N PRO C 207 6.72 52.40 11.83
CA PRO C 207 6.26 53.18 10.68
C PRO C 207 7.26 54.21 10.18
N SER C 208 7.10 54.59 8.91
CA SER C 208 7.99 55.57 8.28
C SER C 208 7.22 56.42 7.27
N GLU C 209 7.28 57.75 7.43
CA GLU C 209 6.47 58.68 6.61
C GLU C 209 6.78 58.58 5.12
N THR C 210 7.94 58.05 4.77
CA THR C 210 8.41 57.99 3.39
C THR C 210 8.17 56.63 2.75
N HIS C 211 7.44 55.72 3.41
CA HIS C 211 7.27 54.39 2.87
C HIS C 211 5.88 53.87 3.24
N LEU C 212 4.88 54.42 2.56
CA LEU C 212 3.50 54.07 2.83
C LEU C 212 3.13 52.69 2.32
N ASP C 213 3.95 52.04 1.51
CA ASP C 213 3.62 50.66 1.17
C ASP C 213 3.92 49.71 2.31
N SER C 214 5.06 49.86 2.98
CA SER C 214 5.31 49.07 4.19
C SER C 214 4.21 49.26 5.21
N LEU C 215 3.56 50.44 5.18
CA LEU C 215 2.51 50.78 6.12
C LEU C 215 1.22 50.05 5.80
N VAL C 216 0.89 49.92 4.50
CA VAL C 216 -0.31 49.18 4.13
C VAL C 216 -0.19 47.73 4.55
N GLY C 217 1.04 47.20 4.59
CA GLY C 217 1.21 45.81 4.98
C GLY C 217 0.95 45.60 6.45
N GLN C 218 1.34 46.57 7.28
CA GLN C 218 0.97 46.57 8.68
C GLN C 218 -0.52 46.71 8.89
N ALA C 219 -1.26 47.19 7.88
CA ALA C 219 -2.70 47.34 7.99
C ALA C 219 -3.48 46.14 7.51
N LEU C 220 -2.86 45.21 6.77
CA LEU C 220 -3.57 44.09 6.19
C LEU C 220 -3.11 42.72 6.65
N PHE C 221 -1.83 42.52 6.91
CA PHE C 221 -1.30 41.18 7.10
C PHE C 221 -1.59 40.67 8.51
N GLY C 222 -2.16 39.47 8.58
CA GLY C 222 -2.39 38.78 9.83
C GLY C 222 -1.90 37.35 9.74
N ASP C 223 -1.96 36.66 10.86
CA ASP C 223 -1.40 35.32 11.00
C ASP C 223 -2.48 34.25 10.91
N GLY C 224 -2.04 33.06 10.50
CA GLY C 224 -2.91 31.91 10.55
C GLY C 224 -2.34 30.78 9.75
N ALA C 225 -2.94 29.61 9.92
CA ALA C 225 -2.51 28.42 9.22
C ALA C 225 -3.73 27.61 8.78
N SER C 226 -3.65 27.04 7.61
CA SER C 226 -4.70 26.17 7.11
C SER C 226 -4.08 24.89 6.60
N ALA C 227 -4.87 23.82 6.67
CA ALA C 227 -4.38 22.51 6.30
C ALA C 227 -5.50 21.74 5.64
N ILE C 228 -5.14 20.93 4.64
CA ILE C 228 -6.07 20.10 3.92
C ILE C 228 -5.43 18.75 3.64
N ILE C 229 -6.26 17.73 3.47
CA ILE C 229 -5.86 16.40 3.04
C ILE C 229 -6.38 16.21 1.62
N VAL C 230 -5.48 15.93 0.69
CA VAL C 230 -5.83 15.82 -0.72
C VAL C 230 -5.54 14.41 -1.18
N GLY C 231 -6.49 13.81 -1.87
CA GLY C 231 -6.30 12.49 -2.43
C GLY C 231 -7.30 12.19 -3.52
N ALA C 232 -6.87 11.35 -4.45
CA ALA C 232 -7.75 10.79 -5.46
C ALA C 232 -8.31 9.45 -4.96
N ASP C 233 -9.52 9.13 -5.46
CA ASP C 233 -10.25 7.92 -5.15
C ASP C 233 -10.57 7.85 -3.66
N PRO C 234 -11.56 8.61 -3.20
CA PRO C 234 -11.95 8.53 -1.79
C PRO C 234 -12.70 7.25 -1.47
N ILE C 235 -12.42 6.69 -0.31
CA ILE C 235 -13.01 5.46 0.15
C ILE C 235 -14.38 5.71 0.71
N PRO C 236 -15.39 5.16 0.08
CA PRO C 236 -16.76 5.38 0.47
C PRO C 236 -17.01 5.01 1.90
N GLU C 237 -17.67 5.89 2.63
CA GLU C 237 -18.03 5.76 4.06
C GLU C 237 -16.91 5.84 5.10
N VAL C 238 -15.69 5.99 4.65
CA VAL C 238 -14.57 6.10 5.50
C VAL C 238 -14.02 7.50 5.37
N GLU C 239 -13.85 7.90 4.12
CA GLU C 239 -13.45 9.23 3.75
C GLU C 239 -14.63 10.02 3.22
N ARG C 240 -14.48 11.32 3.09
CA ARG C 240 -15.56 12.12 2.55
C ARG C 240 -15.10 13.23 1.62
N PRO C 241 -15.63 13.31 0.40
CA PRO C 241 -15.15 14.32 -0.55
C PRO C 241 -15.84 15.67 -0.38
N TRP C 242 -15.06 16.74 -0.53
CA TRP C 242 -15.57 18.10 -0.36
C TRP C 242 -15.39 18.99 -1.57
N PHE C 243 -14.26 18.91 -2.26
CA PHE C 243 -14.04 19.69 -3.46
C PHE C 243 -13.11 18.88 -4.36
N GLU C 244 -13.27 19.04 -5.67
CA GLU C 244 -12.45 18.33 -6.64
C GLU C 244 -11.63 19.32 -7.42
N ILE C 245 -10.35 19.02 -7.61
CA ILE C 245 -9.49 19.83 -8.46
C ILE C 245 -9.59 19.31 -9.89
N HIS C 246 -10.08 20.14 -10.79
CA HIS C 246 -10.21 19.74 -12.18
C HIS C 246 -9.32 20.50 -13.15
N TYR C 247 -8.90 21.73 -12.81
CA TYR C 247 -8.03 22.47 -13.70
C TYR C 247 -7.15 23.43 -12.92
N VAL C 248 -5.91 23.62 -13.40
CA VAL C 248 -4.95 24.53 -12.79
C VAL C 248 -4.24 25.30 -13.90
N ALA C 249 -3.94 26.57 -13.64
CA ALA C 249 -3.18 27.36 -14.58
C ALA C 249 -2.38 28.40 -13.82
N SER C 250 -1.45 29.01 -14.51
CA SER C 250 -0.54 29.98 -13.93
C SER C 250 -0.36 31.09 -14.94
N ASN C 251 -0.32 32.34 -14.50
CA ASN C 251 -0.16 33.43 -15.45
C ASN C 251 0.61 34.56 -14.79
N ILE C 252 1.75 34.92 -15.36
CA ILE C 252 2.36 36.20 -15.05
C ILE C 252 1.62 37.27 -15.83
N LEU C 253 1.12 38.29 -15.15
CA LEU C 253 0.21 39.22 -15.81
C LEU C 253 0.98 40.25 -16.64
N PRO C 254 0.36 40.74 -17.71
CA PRO C 254 1.04 41.69 -18.60
C PRO C 254 1.31 43.02 -17.92
N ASP C 255 2.55 43.50 -18.08
CA ASP C 255 2.97 44.82 -17.59
C ASP C 255 2.99 44.89 -16.08
N SER C 256 3.16 43.75 -15.43
CA SER C 256 3.15 43.66 -13.98
C SER C 256 4.54 43.72 -13.41
N ASP C 257 5.52 43.99 -14.24
CA ASP C 257 6.89 43.86 -13.82
C ASP C 257 7.16 44.79 -12.64
N GLY C 258 7.38 44.25 -11.45
CA GLY C 258 7.69 45.05 -10.30
C GLY C 258 6.53 45.40 -9.40
N ALA C 259 5.32 44.89 -9.68
CA ALA C 259 4.16 45.31 -8.91
C ALA C 259 4.33 45.00 -7.42
N ILE C 260 4.69 43.76 -7.08
CA ILE C 260 4.81 43.33 -5.70
C ILE C 260 6.18 42.65 -5.56
N ASP C 261 7.10 43.28 -4.81
CA ASP C 261 8.39 42.69 -4.53
C ASP C 261 8.57 42.57 -3.02
N GLY C 262 9.26 41.51 -2.61
CA GLY C 262 9.63 41.35 -1.24
C GLY C 262 11.04 40.83 -1.13
N HIS C 263 11.84 41.43 -0.26
CA HIS C 263 13.23 41.06 -0.09
C HIS C 263 13.45 40.69 1.36
N LEU C 264 14.17 39.59 1.60
CA LEU C 264 14.51 39.16 2.95
C LEU C 264 15.84 39.79 3.31
N ARG C 265 15.82 40.75 4.22
CA ARG C 265 17.01 41.53 4.56
C ARG C 265 17.31 41.40 6.05
N GLU C 266 18.43 42.00 6.45
CA GLU C 266 18.83 41.99 7.85
C GLU C 266 17.81 42.71 8.73
N VAL C 267 16.99 43.59 8.15
CA VAL C 267 15.92 44.25 8.88
C VAL C 267 14.61 43.48 8.84
N GLY C 268 14.61 42.30 8.22
CA GLY C 268 13.44 41.47 8.11
C GLY C 268 12.99 41.36 6.67
N LEU C 269 11.79 40.82 6.49
CA LEU C 269 11.17 40.80 5.18
C LEU C 269 10.52 42.14 4.93
N THR C 270 10.87 42.78 3.81
CA THR C 270 10.35 44.07 3.46
C THR C 270 9.46 43.92 2.22
N PHE C 271 8.53 44.85 2.08
CA PHE C 271 7.38 44.70 1.19
C PHE C 271 7.24 46.00 0.42
N HIS C 272 7.09 45.89 -0.89
CA HIS C 272 7.05 47.06 -1.77
C HIS C 272 5.92 46.92 -2.77
N LEU C 273 5.15 48.00 -2.92
CA LEU C 273 4.17 48.15 -3.99
C LEU C 273 4.68 49.21 -4.93
N MET C 274 4.75 48.90 -6.22
CA MET C 274 5.20 49.90 -7.17
C MET C 274 4.16 50.27 -8.20
N LYS C 275 3.19 49.42 -8.46
CA LYS C 275 2.18 49.77 -9.45
C LYS C 275 0.79 49.59 -8.86
N ASP C 276 -0.20 49.86 -9.71
CA ASP C 276 -1.63 49.74 -9.41
C ASP C 276 -2.03 48.27 -9.45
N VAL C 277 -1.87 47.58 -8.33
CA VAL C 277 -2.01 46.12 -8.31
C VAL C 277 -3.46 45.67 -8.48
N PRO C 278 -4.45 46.23 -7.77
CA PRO C 278 -5.84 45.92 -8.14
C PRO C 278 -6.16 46.25 -9.58
N GLY C 279 -5.48 47.23 -10.16
CA GLY C 279 -5.73 47.55 -11.55
C GLY C 279 -5.27 46.44 -12.48
N ILE C 280 -4.04 45.97 -12.29
CA ILE C 280 -3.47 45.01 -13.22
C ILE C 280 -4.27 43.71 -13.20
N ILE C 281 -4.80 43.34 -12.04
CA ILE C 281 -5.56 42.09 -11.93
C ILE C 281 -6.93 42.26 -12.57
N SER C 282 -7.69 43.25 -12.11
CA SER C 282 -9.06 43.40 -12.58
C SER C 282 -9.11 43.56 -14.08
N LYS C 283 -8.05 44.09 -14.66
CA LYS C 283 -8.00 44.30 -16.10
C LYS C 283 -7.67 43.01 -16.85
N ASN C 284 -6.91 42.12 -16.24
CA ASN C 284 -6.45 40.92 -16.92
C ASN C 284 -7.17 39.66 -16.50
N ILE C 285 -8.06 39.74 -15.51
CA ILE C 285 -8.67 38.52 -15.00
C ILE C 285 -9.66 37.94 -15.99
N GLY C 286 -10.29 38.78 -16.82
CA GLY C 286 -11.25 38.26 -17.79
C GLY C 286 -10.62 37.34 -18.82
N THR C 287 -9.40 37.68 -19.25
CA THR C 287 -8.68 36.82 -20.19
C THR C 287 -8.29 35.50 -19.56
N VAL C 288 -7.84 35.52 -18.31
CA VAL C 288 -7.37 34.32 -17.65
C VAL C 288 -8.51 33.35 -17.44
N LEU C 289 -9.66 33.82 -16.96
CA LEU C 289 -10.74 32.90 -16.69
C LEU C 289 -11.45 32.41 -17.95
N LYS C 290 -11.54 33.25 -18.98
CA LYS C 290 -12.16 32.79 -20.21
C LYS C 290 -11.36 31.64 -20.82
N ASP C 291 -10.03 31.74 -20.77
CA ASP C 291 -9.19 30.64 -21.23
C ASP C 291 -9.43 29.39 -20.39
N ALA C 292 -9.34 29.52 -19.06
CA ALA C 292 -9.61 28.41 -18.17
C ALA C 292 -10.98 27.80 -18.41
N PHE C 293 -12.01 28.63 -18.55
CA PHE C 293 -13.36 28.08 -18.69
C PHE C 293 -13.56 27.35 -20.01
N GLU C 294 -12.94 27.82 -21.09
CA GLU C 294 -13.00 27.08 -22.35
C GLU C 294 -12.33 25.72 -22.21
N LYS C 295 -11.06 25.70 -21.80
CA LYS C 295 -10.35 24.44 -21.66
C LYS C 295 -11.09 23.48 -20.76
N VAL C 296 -11.91 23.99 -19.84
CA VAL C 296 -12.69 23.12 -18.95
C VAL C 296 -14.06 22.78 -19.54
N PHE C 297 -14.74 23.75 -20.16
CA PHE C 297 -16.08 23.58 -20.72
C PHE C 297 -16.09 23.64 -22.24
N GLY C 298 -15.66 24.75 -22.84
CA GLY C 298 -15.76 24.93 -24.28
C GLY C 298 -15.74 26.37 -24.74
N VAL C 304 -18.90 28.27 -20.09
CA VAL C 304 -20.28 27.95 -20.42
C VAL C 304 -21.21 28.42 -19.31
N PRO C 305 -20.90 28.14 -18.03
CA PRO C 305 -21.61 28.87 -16.96
C PRO C 305 -21.02 30.26 -16.77
N SER C 306 -21.90 31.26 -16.73
CA SER C 306 -21.48 32.63 -16.46
C SER C 306 -20.83 32.71 -15.08
N TYR C 307 -20.11 33.81 -14.85
CA TYR C 307 -19.33 33.93 -13.64
C TYR C 307 -20.19 33.95 -12.39
N ASN C 308 -21.47 34.34 -12.50
CA ASN C 308 -22.35 34.35 -11.34
C ASN C 308 -22.88 32.98 -10.97
N ASP C 309 -22.59 31.95 -11.77
CA ASP C 309 -23.07 30.60 -11.54
C ASP C 309 -21.95 29.66 -11.11
N VAL C 310 -20.91 30.19 -10.46
CA VAL C 310 -19.85 29.37 -9.93
C VAL C 310 -19.49 29.95 -8.57
N PHE C 311 -18.90 29.12 -7.73
CA PHE C 311 -18.51 29.66 -6.44
C PHE C 311 -17.11 30.24 -6.55
N TRP C 312 -16.88 31.31 -5.80
CA TRP C 312 -15.69 32.11 -5.93
C TRP C 312 -14.87 31.98 -4.65
N ILE C 313 -13.63 31.57 -4.78
CA ILE C 313 -12.67 31.58 -3.68
C ILE C 313 -11.50 32.44 -4.16
N ALA C 314 -11.60 33.74 -3.93
CA ALA C 314 -10.62 34.70 -4.43
C ALA C 314 -9.70 35.14 -3.31
N HIS C 315 -8.39 35.16 -3.57
CA HIS C 315 -7.45 35.62 -2.55
C HIS C 315 -7.64 37.10 -2.29
N PRO C 316 -7.91 37.50 -1.09
CA PRO C 316 -8.16 38.92 -0.81
C PRO C 316 -6.89 39.65 -0.38
N GLY C 317 -5.99 39.87 -1.32
CA GLY C 317 -4.86 40.75 -1.06
C GLY C 317 -5.29 42.02 -0.35
N GLY C 318 -6.33 42.68 -0.87
CA GLY C 318 -6.94 43.77 -0.18
C GLY C 318 -8.30 44.01 -0.78
N PRO C 319 -9.13 44.82 -0.12
CA PRO C 319 -10.47 45.08 -0.66
C PRO C 319 -10.45 45.57 -2.09
N ALA C 320 -9.43 46.34 -2.49
CA ALA C 320 -9.43 46.94 -3.82
C ALA C 320 -9.45 45.87 -4.91
N ILE C 321 -8.69 44.80 -4.70
CA ILE C 321 -8.65 43.72 -5.67
C ILE C 321 -10.05 43.14 -5.88
N LEU C 322 -10.66 42.66 -4.81
CA LEU C 322 -11.99 42.07 -4.93
C LEU C 322 -13.05 43.07 -5.38
N ASP C 323 -12.83 44.37 -5.15
CA ASP C 323 -13.81 45.36 -5.58
C ASP C 323 -13.78 45.57 -7.08
N GLN C 324 -12.59 45.71 -7.64
CA GLN C 324 -12.49 46.00 -9.06
C GLN C 324 -12.72 44.76 -9.90
N VAL C 325 -12.35 43.57 -9.40
CA VAL C 325 -12.69 42.34 -10.10
C VAL C 325 -14.21 42.18 -10.15
N GLU C 326 -14.87 42.34 -9.00
CA GLU C 326 -16.33 42.29 -8.97
C GLU C 326 -16.93 43.28 -9.95
N GLN C 327 -16.29 44.43 -10.13
CA GLN C 327 -16.79 45.43 -11.06
C GLN C 327 -16.59 45.01 -12.50
N LYS C 328 -15.36 44.64 -12.86
CA LYS C 328 -15.04 44.40 -14.27
C LYS C 328 -15.85 43.25 -14.84
N LEU C 329 -16.00 42.16 -14.08
CA LEU C 329 -16.74 40.98 -14.51
C LEU C 329 -18.23 41.05 -14.20
N GLN C 330 -18.69 42.14 -13.57
CA GLN C 330 -20.09 42.32 -13.26
C GLN C 330 -20.57 41.29 -12.25
N LEU C 331 -19.72 40.93 -11.30
CA LEU C 331 -20.12 39.95 -10.30
C LEU C 331 -21.21 40.53 -9.42
N LYS C 332 -22.33 39.84 -9.39
CA LYS C 332 -23.37 40.04 -8.39
C LYS C 332 -22.74 39.95 -6.99
N THR C 333 -23.36 40.53 -5.96
CA THR C 333 -22.59 40.85 -4.77
C THR C 333 -22.20 39.63 -3.94
N GLU C 334 -22.99 38.56 -3.93
CA GLU C 334 -22.64 37.44 -3.07
C GLU C 334 -21.46 36.62 -3.57
N LYS C 335 -21.03 36.78 -4.81
CA LYS C 335 -19.97 35.93 -5.29
C LYS C 335 -18.74 36.09 -4.42
N MET C 336 -18.42 37.31 -4.04
CA MET C 336 -17.25 37.53 -3.20
C MET C 336 -17.54 37.49 -1.72
N ALA C 337 -18.78 37.20 -1.32
CA ALA C 337 -19.13 37.23 0.10
C ALA C 337 -18.25 36.33 0.93
N ALA C 338 -17.99 35.11 0.44
CA ALA C 338 -17.13 34.22 1.20
C ALA C 338 -15.72 34.78 1.33
N SER C 339 -15.22 35.40 0.26
CA SER C 339 -13.84 35.90 0.30
C SER C 339 -13.71 37.09 1.24
N ARG C 340 -14.68 38.01 1.21
CA ARG C 340 -14.61 39.17 2.07
C ARG C 340 -14.84 38.79 3.53
N GLN C 341 -15.63 37.76 3.78
CA GLN C 341 -15.89 37.35 5.16
C GLN C 341 -14.61 36.91 5.85
N VAL C 342 -13.75 36.17 5.14
CA VAL C 342 -12.49 35.76 5.74
C VAL C 342 -11.58 36.96 5.93
N LEU C 343 -11.51 37.83 4.93
CA LEU C 343 -10.72 39.04 5.10
C LEU C 343 -11.19 39.83 6.32
N SER C 344 -12.50 39.92 6.52
CA SER C 344 -12.99 40.68 7.67
C SER C 344 -12.61 40.01 8.99
N ASP C 345 -12.56 38.67 9.06
CA ASP C 345 -12.33 37.98 10.33
C ASP C 345 -10.87 37.71 10.63
N TYR C 346 -9.99 37.75 9.64
CA TYR C 346 -8.59 37.37 9.82
C TYR C 346 -7.58 38.26 9.11
N GLY C 347 -7.99 39.15 8.23
CA GLY C 347 -7.00 39.87 7.47
C GLY C 347 -6.38 39.02 6.37
N ASN C 348 -5.30 39.54 5.82
CA ASN C 348 -4.61 38.90 4.70
C ASN C 348 -3.56 37.96 5.27
N MET C 349 -3.87 36.67 5.30
CA MET C 349 -2.97 35.65 5.83
C MET C 349 -2.08 35.05 4.75
N SER C 350 -1.84 35.79 3.67
CA SER C 350 -0.97 35.40 2.57
C SER C 350 -1.46 34.06 2.04
N SER C 351 -0.62 33.03 1.96
CA SER C 351 -1.00 31.82 1.26
C SER C 351 -2.17 31.11 1.95
N ALA C 352 -2.29 31.23 3.28
CA ALA C 352 -3.32 30.49 4.00
C ALA C 352 -4.73 30.98 3.73
N CYS C 353 -4.91 32.09 3.03
CA CYS C 353 -6.21 32.72 2.97
C CYS C 353 -7.23 31.86 2.25
N VAL C 354 -6.91 31.38 1.06
CA VAL C 354 -7.92 30.71 0.26
C VAL C 354 -8.39 29.43 0.93
N LEU C 355 -7.52 28.73 1.64
CA LEU C 355 -7.96 27.53 2.33
C LEU C 355 -8.90 27.87 3.47
N PHE C 356 -8.66 28.99 4.16
CA PHE C 356 -9.64 29.52 5.10
C PHE C 356 -10.96 29.82 4.42
N ILE C 357 -10.92 30.39 3.21
CA ILE C 357 -12.14 30.71 2.49
C ILE C 357 -12.83 29.45 2.03
N MET C 358 -12.07 28.48 1.55
CA MET C 358 -12.68 27.21 1.19
C MET C 358 -13.36 26.58 2.39
N ASP C 359 -12.67 26.55 3.53
CA ASP C 359 -13.26 25.93 4.72
C ASP C 359 -14.52 26.66 5.13
N HIS C 360 -14.46 27.98 5.18
CA HIS C 360 -15.65 28.74 5.50
C HIS C 360 -16.76 28.50 4.50
N LEU C 361 -16.41 28.26 3.24
CA LEU C 361 -17.43 28.15 2.20
C LEU C 361 -18.26 26.88 2.36
N ARG C 362 -17.63 25.75 2.67
CA ARG C 362 -18.42 24.54 2.85
C ARG C 362 -19.20 24.57 4.14
N LYS C 363 -18.59 25.08 5.21
CA LYS C 363 -19.29 25.14 6.49
C LYS C 363 -20.52 26.01 6.38
N LYS C 364 -20.46 27.05 5.56
CA LYS C 364 -21.62 27.92 5.40
C LYS C 364 -22.68 27.25 4.55
N SER C 365 -22.27 26.60 3.46
CA SER C 365 -23.22 25.92 2.60
C SER C 365 -23.92 24.80 3.34
N VAL C 366 -23.21 24.15 4.25
CA VAL C 366 -23.81 23.15 5.13
C VAL C 366 -24.85 23.81 6.04
N GLU C 367 -24.45 24.89 6.72
CA GLU C 367 -25.31 25.51 7.72
C GLU C 367 -26.61 26.04 7.10
N GLN C 368 -26.51 26.79 6.01
CA GLN C 368 -27.69 27.28 5.31
C GLN C 368 -28.38 26.22 4.46
N LYS C 369 -27.92 24.97 4.53
CA LYS C 369 -28.57 23.84 3.88
C LYS C 369 -28.80 24.11 2.39
N LEU C 370 -27.69 24.09 1.67
CA LEU C 370 -27.72 24.33 0.24
C LEU C 370 -27.31 23.06 -0.49
N ALA C 371 -27.41 23.10 -1.81
CA ALA C 371 -27.40 21.86 -2.58
C ALA C 371 -26.01 21.24 -2.66
N THR C 372 -24.97 22.07 -2.56
CA THR C 372 -23.58 21.64 -2.70
C THR C 372 -22.74 22.33 -1.65
N SER C 373 -21.49 21.90 -1.55
CA SER C 373 -20.51 22.52 -0.65
C SER C 373 -19.98 23.85 -1.18
N GLY C 374 -20.39 24.24 -2.38
CA GLY C 374 -20.02 25.51 -2.95
C GLY C 374 -20.87 26.74 -3.01
N GLU C 375 -21.88 26.82 -2.13
CA GLU C 375 -23.12 27.60 -2.19
C GLU C 375 -24.17 27.08 -3.13
N GLY C 376 -24.28 25.76 -3.26
CA GLY C 376 -25.22 25.17 -4.18
C GLY C 376 -24.75 25.13 -5.61
N TYR C 377 -23.66 25.80 -5.94
CA TYR C 377 -23.11 25.74 -7.27
C TYR C 377 -22.31 24.47 -7.45
N GLU C 378 -22.26 23.98 -8.69
CA GLU C 378 -21.50 22.77 -8.98
C GLU C 378 -20.03 23.08 -9.18
N TRP C 379 -19.73 24.16 -9.90
CA TRP C 379 -18.38 24.51 -10.28
C TRP C 379 -17.93 25.79 -9.58
N GLY C 380 -16.61 25.96 -9.51
CA GLY C 380 -16.06 27.06 -8.74
C GLY C 380 -14.64 27.43 -9.12
N LEU C 381 -14.20 28.53 -8.51
CA LEU C 381 -12.93 29.13 -8.76
C LEU C 381 -12.14 29.27 -7.48
N LEU C 382 -10.84 29.12 -7.58
CA LEU C 382 -9.93 29.47 -6.52
C LEU C 382 -8.79 30.29 -7.10
N LEU C 383 -8.55 31.44 -6.53
CA LEU C 383 -7.69 32.40 -7.16
C LEU C 383 -6.73 32.97 -6.17
N GLY C 384 -5.45 32.84 -6.43
CA GLY C 384 -4.44 33.50 -5.64
C GLY C 384 -3.65 34.50 -6.44
N PHE C 385 -3.29 35.61 -5.80
CA PHE C 385 -2.47 36.64 -6.41
C PHE C 385 -1.29 37.02 -5.56
N GLY C 386 -0.16 37.17 -6.22
CA GLY C 386 1.12 37.47 -5.60
C GLY C 386 2.09 38.00 -6.62
N PRO C 387 3.33 37.60 -6.54
CA PRO C 387 4.45 38.45 -6.83
C PRO C 387 5.22 38.20 -8.08
N GLY C 388 4.61 37.83 -9.17
CA GLY C 388 5.17 38.10 -10.48
C GLY C 388 4.91 39.32 -11.36
N LEU C 389 3.74 39.96 -11.35
CA LEU C 389 2.45 39.52 -10.81
C LEU C 389 1.90 38.19 -11.32
N THR C 390 1.74 37.23 -10.42
CA THR C 390 1.17 35.95 -10.79
C THR C 390 -0.27 35.71 -10.32
N CYS C 391 -1.03 35.11 -11.20
CA CYS C 391 -2.35 34.65 -10.90
C CYS C 391 -2.55 33.16 -11.09
N GLU C 392 -2.62 32.44 -9.98
CA GLU C 392 -2.94 31.02 -9.95
C GLU C 392 -4.43 30.79 -9.96
N THR C 393 -4.85 29.86 -10.81
CA THR C 393 -6.24 29.63 -11.11
C THR C 393 -6.51 28.18 -10.90
N VAL C 394 -7.58 27.90 -10.21
CA VAL C 394 -8.04 26.55 -10.01
C VAL C 394 -9.52 26.48 -10.25
N VAL C 395 -9.93 25.65 -11.17
CA VAL C 395 -11.33 25.33 -11.33
C VAL C 395 -11.64 24.18 -10.42
N LEU C 396 -12.56 24.41 -9.51
CA LEU C 396 -12.96 23.37 -8.59
C LEU C 396 -14.36 22.90 -8.93
N ARG C 397 -14.69 21.69 -8.49
CA ARG C 397 -16.07 21.24 -8.46
C ARG C 397 -16.45 20.91 -7.02
N SER C 398 -17.66 21.26 -6.63
CA SER C 398 -18.16 21.05 -5.27
C SER C 398 -18.57 19.59 -5.10
N VAL C 399 -19.25 19.28 -4.01
CA VAL C 399 -19.91 17.98 -3.89
C VAL C 399 -21.33 18.22 -3.44
N PRO C 400 -22.28 17.31 -3.73
CA PRO C 400 -23.67 17.56 -3.36
C PRO C 400 -23.91 17.33 -1.88
N LEU C 401 -25.03 17.87 -1.40
CA LEU C 401 -25.40 17.71 0.01
C LEU C 401 -26.84 17.22 0.19
N GLY D 6 -41.98 -34.48 -7.18
CA GLY D 6 -40.96 -33.45 -7.32
C GLY D 6 -40.21 -33.42 -8.66
N ALA D 7 -40.80 -32.74 -9.65
CA ALA D 7 -40.35 -32.80 -11.04
C ALA D 7 -39.07 -32.00 -11.25
N THR D 8 -38.64 -31.98 -12.51
CA THR D 8 -37.37 -31.41 -12.91
C THR D 8 -37.51 -30.91 -14.33
N PHE D 9 -36.93 -29.75 -14.62
CA PHE D 9 -36.90 -29.28 -16.00
C PHE D 9 -36.22 -30.33 -16.87
N PRO D 10 -36.64 -30.46 -18.13
CA PRO D 10 -36.08 -31.50 -18.99
C PRO D 10 -34.56 -31.44 -19.01
N PRO D 11 -33.89 -32.58 -18.91
CA PRO D 11 -32.43 -32.59 -18.83
C PRO D 11 -31.81 -31.90 -20.03
N CYS D 12 -30.62 -31.34 -19.84
CA CYS D 12 -29.85 -30.81 -20.95
C CYS D 12 -28.42 -31.34 -20.85
N ALA D 13 -27.71 -31.32 -21.99
CA ALA D 13 -26.34 -31.80 -21.98
C ALA D 13 -25.52 -31.01 -20.98
N ARG D 14 -24.56 -31.69 -20.36
CA ARG D 14 -23.69 -31.05 -19.37
C ARG D 14 -23.17 -29.71 -19.89
N LYS D 15 -23.43 -28.64 -19.11
CA LYS D 15 -23.02 -27.31 -19.55
C LYS D 15 -21.51 -27.19 -19.63
N MET D 16 -20.82 -27.69 -18.63
CA MET D 16 -19.37 -27.67 -18.59
C MET D 16 -18.85 -29.07 -18.88
N GLU D 17 -18.25 -29.25 -20.05
CA GLU D 17 -17.76 -30.56 -20.44
C GLU D 17 -16.76 -31.12 -19.45
N ARG D 18 -16.84 -32.43 -19.23
CA ARG D 18 -15.98 -33.16 -18.32
C ARG D 18 -14.91 -33.92 -19.10
N ALA D 19 -13.83 -34.26 -18.40
CA ALA D 19 -12.79 -35.10 -18.97
C ALA D 19 -13.17 -36.56 -18.84
N ASP D 20 -12.40 -37.43 -19.49
CA ASP D 20 -12.71 -38.85 -19.51
C ASP D 20 -11.65 -39.73 -18.88
N GLY D 21 -10.37 -39.44 -19.08
CA GLY D 21 -9.33 -40.23 -18.49
C GLY D 21 -9.21 -39.97 -17.00
N PRO D 22 -8.24 -40.64 -16.37
CA PRO D 22 -7.97 -40.38 -14.95
C PRO D 22 -7.17 -39.11 -14.77
N ALA D 23 -7.35 -38.47 -13.62
CA ALA D 23 -6.49 -37.35 -13.25
C ALA D 23 -5.04 -37.81 -13.22
N THR D 24 -4.18 -37.08 -13.90
CA THR D 24 -2.78 -37.46 -14.00
C THR D 24 -1.87 -36.35 -13.51
N VAL D 25 -0.85 -36.71 -12.75
CA VAL D 25 0.22 -35.79 -12.42
C VAL D 25 1.09 -35.60 -13.65
N LEU D 26 1.32 -34.34 -14.03
CA LEU D 26 2.05 -34.03 -15.26
C LEU D 26 3.38 -33.36 -15.04
N ALA D 27 3.71 -32.95 -13.81
CA ALA D 27 4.92 -32.22 -13.46
C ALA D 27 5.00 -32.11 -11.96
N ILE D 28 6.22 -32.06 -11.44
CA ILE D 28 6.46 -31.88 -10.01
C ILE D 28 7.64 -30.93 -9.85
N GLY D 29 7.53 -30.01 -8.91
CA GLY D 29 8.64 -29.13 -8.56
C GLY D 29 8.65 -28.90 -7.08
N THR D 30 9.85 -28.69 -6.54
CA THR D 30 10.01 -28.50 -5.10
C THR D 30 10.96 -27.33 -4.83
N ALA D 31 10.97 -26.85 -3.59
CA ALA D 31 11.89 -25.81 -3.17
C ALA D 31 11.97 -25.83 -1.66
N ASN D 32 13.08 -25.31 -1.14
CA ASN D 32 13.30 -25.25 0.31
C ASN D 32 13.97 -23.92 0.66
N PRO D 33 13.75 -23.42 1.86
CA PRO D 33 14.44 -22.22 2.28
C PRO D 33 15.94 -22.44 2.33
N PRO D 34 16.74 -21.38 2.44
CA PRO D 34 18.18 -21.53 2.26
C PRO D 34 18.93 -22.07 3.45
N ASN D 35 18.39 -22.02 4.66
CA ASN D 35 19.18 -22.28 5.85
C ASN D 35 19.14 -23.76 6.21
N VAL D 36 20.30 -24.40 6.28
CA VAL D 36 20.41 -25.84 6.52
C VAL D 36 20.81 -26.08 7.96
N PHE D 37 20.15 -27.02 8.61
CA PHE D 37 20.40 -27.34 10.01
C PHE D 37 20.75 -28.82 10.11
N ASP D 38 22.04 -29.10 10.28
CA ASP D 38 22.50 -30.46 10.53
C ASP D 38 21.77 -31.05 11.73
N GLN D 39 21.26 -32.27 11.59
CA GLN D 39 20.44 -32.79 12.68
C GLN D 39 21.26 -33.25 13.89
N SER D 40 22.46 -33.79 13.67
CA SER D 40 23.27 -34.31 14.76
C SER D 40 23.67 -33.23 15.77
N THR D 41 23.91 -32.01 15.30
CA THR D 41 24.28 -30.88 16.18
C THR D 41 23.15 -29.87 16.34
N TYR D 42 21.95 -30.18 15.87
CA TYR D 42 20.84 -29.30 16.17
C TYR D 42 20.62 -29.12 17.66
N PRO D 43 20.74 -30.16 18.50
CA PRO D 43 20.50 -29.93 19.93
C PRO D 43 21.41 -28.86 20.51
N ASP D 44 22.70 -28.89 20.17
CA ASP D 44 23.57 -27.82 20.61
C ASP D 44 23.05 -26.45 20.18
N PHE D 45 22.55 -26.36 18.96
CA PHE D 45 22.11 -25.06 18.45
C PHE D 45 20.80 -24.64 19.09
N TYR D 46 19.84 -25.56 19.15
CA TYR D 46 18.50 -25.20 19.59
C TYR D 46 18.50 -24.79 21.06
N PHE D 47 19.03 -25.65 21.93
CA PHE D 47 18.99 -25.33 23.35
C PHE D 47 19.80 -24.09 23.68
N ASN D 48 20.80 -23.76 22.87
CA ASN D 48 21.54 -22.53 23.13
C ASN D 48 20.72 -21.31 22.73
N ILE D 49 20.05 -21.36 21.57
CA ILE D 49 19.32 -20.18 21.13
C ILE D 49 18.06 -19.97 21.94
N THR D 50 17.59 -20.98 22.67
CA THR D 50 16.44 -20.82 23.52
C THR D 50 16.83 -20.62 24.97
N ASN D 51 18.11 -20.32 25.24
CA ASN D 51 18.61 -20.06 26.58
C ASN D 51 18.14 -21.13 27.57
N SER D 52 18.50 -22.36 27.28
CA SER D 52 18.10 -23.45 28.16
C SER D 52 19.20 -24.50 28.32
N ASN D 53 20.47 -24.15 28.08
CA ASN D 53 21.56 -25.09 28.26
C ASN D 53 21.57 -25.68 29.66
N HIS D 54 20.90 -25.00 30.59
CA HIS D 54 20.79 -25.50 31.95
C HIS D 54 19.79 -26.65 32.07
N MET D 55 18.91 -26.84 31.09
CA MET D 55 17.97 -27.95 31.08
C MET D 55 18.71 -29.21 30.63
N THR D 56 19.62 -29.65 31.48
CA THR D 56 20.66 -30.55 30.98
C THR D 56 20.14 -31.97 30.73
N ASP D 57 19.17 -32.45 31.51
CA ASP D 57 18.60 -33.75 31.22
C ASP D 57 17.68 -33.69 30.01
N LEU D 58 17.00 -32.56 29.85
CA LEU D 58 16.16 -32.38 28.70
C LEU D 58 16.99 -32.39 27.43
N LYS D 59 18.13 -31.70 27.45
CA LYS D 59 18.95 -31.68 26.25
C LYS D 59 19.36 -33.07 25.84
N THR D 60 19.78 -33.90 26.79
CA THR D 60 20.19 -35.23 26.38
C THR D 60 19.01 -36.04 25.90
N LYS D 61 17.80 -35.72 26.37
CA LYS D 61 16.62 -36.38 25.79
C LYS D 61 16.38 -35.90 24.38
N PHE D 62 16.67 -34.63 24.13
CA PHE D 62 16.47 -34.10 22.80
C PHE D 62 17.50 -34.66 21.84
N GLN D 63 18.75 -34.75 22.27
CA GLN D 63 19.77 -35.38 21.44
C GLN D 63 19.36 -36.80 21.08
N ARG D 64 18.67 -37.47 21.99
CA ARG D 64 18.20 -38.82 21.70
C ARG D 64 17.15 -38.81 20.60
N MET D 65 16.12 -37.99 20.77
CA MET D 65 15.10 -37.87 19.74
C MET D 65 15.70 -37.49 18.40
N CYS D 66 16.65 -36.56 18.42
CA CYS D 66 17.26 -36.11 17.17
C CYS D 66 18.04 -37.22 16.50
N ASP D 67 18.80 -37.99 17.27
CA ASP D 67 19.59 -39.07 16.69
C ASP D 67 18.71 -40.21 16.19
N LYS D 68 17.63 -40.51 16.91
CA LYS D 68 16.69 -41.55 16.51
C LYS D 68 15.56 -41.01 15.67
N SER D 69 15.75 -39.89 14.98
CA SER D 69 14.67 -39.30 14.20
C SER D 69 14.65 -39.76 12.74
N GLY D 70 15.74 -40.35 12.24
CA GLY D 70 15.84 -40.65 10.85
C GLY D 70 16.08 -39.45 9.96
N ILE D 71 16.47 -38.32 10.53
CA ILE D 71 16.64 -37.08 9.79
C ILE D 71 18.12 -36.73 9.78
N THR D 72 18.63 -36.34 8.63
CA THR D 72 20.01 -35.92 8.55
C THR D 72 20.16 -34.41 8.55
N LYS D 73 19.17 -33.70 8.01
CA LYS D 73 19.22 -32.25 7.98
C LYS D 73 17.82 -31.73 7.68
N ARG D 74 17.58 -30.48 8.01
CA ARG D 74 16.36 -29.81 7.62
C ARG D 74 16.68 -28.43 7.04
N TYR D 75 15.75 -27.89 6.30
CA TYR D 75 15.84 -26.54 5.79
C TYR D 75 14.79 -25.70 6.47
N MET D 76 15.13 -24.46 6.77
CA MET D 76 14.24 -23.60 7.53
C MET D 76 14.35 -22.17 7.04
N TYR D 77 13.22 -21.48 7.04
CA TYR D 77 13.26 -20.04 6.85
C TYR D 77 13.95 -19.35 8.02
N LEU D 78 13.58 -19.73 9.23
CA LEU D 78 14.29 -19.32 10.44
C LEU D 78 15.77 -19.59 10.33
N ASN D 79 16.57 -18.57 10.54
CA ASN D 79 18.00 -18.75 10.73
C ASN D 79 18.37 -18.21 12.11
N GLU D 80 19.67 -18.22 12.39
CA GLU D 80 20.17 -17.67 13.65
C GLU D 80 19.73 -16.22 13.78
N GLU D 81 20.22 -15.38 12.87
CA GLU D 81 19.94 -13.96 12.94
C GLU D 81 18.45 -13.65 13.14
N ILE D 82 17.58 -14.29 12.36
CA ILE D 82 16.15 -14.03 12.47
C ILE D 82 15.65 -14.36 13.88
N LEU D 83 16.19 -15.41 14.48
CA LEU D 83 15.62 -15.82 15.74
C LEU D 83 16.03 -14.90 16.87
N LYS D 84 17.22 -14.31 16.82
CA LYS D 84 17.55 -13.35 17.86
C LYS D 84 16.74 -12.08 17.71
N ALA D 85 16.34 -11.76 16.49
CA ALA D 85 15.48 -10.60 16.36
C ALA D 85 14.17 -10.79 17.11
N ASN D 86 13.80 -12.02 17.46
CA ASN D 86 12.49 -12.32 18.03
C ASN D 86 12.64 -13.23 19.23
N PRO D 87 13.05 -12.69 20.39
CA PRO D 87 13.16 -13.51 21.60
C PRO D 87 11.86 -14.09 22.09
N ASN D 88 10.71 -13.48 21.77
CA ASN D 88 9.43 -14.09 22.09
C ASN D 88 9.19 -15.39 21.32
N MET D 89 9.89 -15.61 20.20
CA MET D 89 9.81 -16.89 19.53
C MET D 89 10.76 -17.92 20.12
N CYS D 90 11.82 -17.49 20.79
CA CYS D 90 12.71 -18.46 21.38
C CYS D 90 12.24 -18.92 22.74
N ALA D 91 11.36 -18.16 23.37
CA ALA D 91 10.73 -18.63 24.58
C ALA D 91 9.87 -19.85 24.28
N TYR D 92 9.55 -20.61 25.32
CA TYR D 92 8.58 -21.67 25.14
C TYR D 92 7.18 -21.11 24.93
N TRP D 93 6.79 -20.12 25.71
CA TRP D 93 5.40 -19.75 25.71
C TRP D 93 5.26 -18.23 25.92
N GLU D 94 5.80 -17.43 25.01
CA GLU D 94 5.55 -15.99 25.03
C GLU D 94 4.79 -15.60 23.77
N LYS D 95 3.94 -14.59 23.91
CA LYS D 95 3.07 -14.23 22.81
C LYS D 95 3.88 -13.72 21.64
N SER D 96 3.66 -14.31 20.47
CA SER D 96 4.49 -14.06 19.30
C SER D 96 3.79 -14.38 17.99
N LEU D 97 2.48 -14.65 18.06
CA LEU D 97 1.76 -14.92 16.83
C LEU D 97 1.96 -13.83 15.80
N ASP D 98 1.99 -12.57 16.23
CA ASP D 98 1.99 -11.46 15.27
C ASP D 98 3.30 -11.41 14.47
N VAL D 99 4.43 -11.65 15.12
CA VAL D 99 5.67 -11.66 14.35
C VAL D 99 5.74 -12.90 13.49
N ARG D 100 5.07 -13.97 13.90
CA ARG D 100 5.02 -15.17 13.06
C ARG D 100 4.20 -14.94 11.82
N GLN D 101 2.99 -14.40 11.99
CA GLN D 101 2.15 -14.06 10.86
C GLN D 101 2.88 -13.16 9.89
N ASP D 102 3.60 -12.16 10.41
CA ASP D 102 4.34 -11.25 9.53
C ASP D 102 5.29 -12.01 8.62
N MET D 103 5.86 -13.11 9.11
CA MET D 103 6.79 -13.87 8.30
C MET D 103 6.05 -14.73 7.29
N VAL D 104 5.12 -15.56 7.78
CA VAL D 104 4.63 -16.65 6.94
C VAL D 104 3.61 -16.19 5.91
N VAL D 105 2.85 -15.12 6.19
CA VAL D 105 1.91 -14.67 5.18
C VAL D 105 2.66 -14.14 3.97
N VAL D 106 3.94 -13.86 4.12
CA VAL D 106 4.79 -13.44 3.02
C VAL D 106 5.58 -14.62 2.46
N GLU D 107 6.24 -15.39 3.34
CA GLU D 107 7.19 -16.39 2.88
C GLU D 107 6.54 -17.71 2.47
N VAL D 108 5.35 -18.02 2.96
CA VAL D 108 4.68 -19.23 2.49
C VAL D 108 4.36 -19.08 1.01
N PRO D 109 3.68 -18.04 0.55
CA PRO D 109 3.42 -17.95 -0.89
C PRO D 109 4.70 -17.84 -1.68
N LYS D 110 5.72 -17.24 -1.09
CA LYS D 110 6.97 -17.02 -1.80
C LYS D 110 7.65 -18.36 -2.12
N LEU D 111 7.75 -19.24 -1.12
CA LEU D 111 8.37 -20.53 -1.37
C LEU D 111 7.52 -21.39 -2.30
N GLY D 112 6.20 -21.29 -2.18
CA GLY D 112 5.35 -21.97 -3.14
C GLY D 112 5.58 -21.49 -4.56
N LYS D 113 5.84 -20.20 -4.73
CA LYS D 113 6.14 -19.72 -6.07
C LYS D 113 7.37 -20.41 -6.63
N GLU D 114 8.41 -20.56 -5.83
CA GLU D 114 9.61 -21.22 -6.36
C GLU D 114 9.29 -22.63 -6.83
N ALA D 115 8.54 -23.39 -6.04
CA ALA D 115 8.21 -24.74 -6.47
C ALA D 115 7.30 -24.71 -7.70
N ALA D 116 6.30 -23.85 -7.71
CA ALA D 116 5.35 -23.84 -8.82
C ALA D 116 6.03 -23.47 -10.12
N THR D 117 6.96 -22.51 -10.08
CA THR D 117 7.68 -22.12 -11.29
C THR D 117 8.48 -23.28 -11.86
N LYS D 118 9.16 -24.03 -11.00
CA LYS D 118 9.85 -25.24 -11.44
C LYS D 118 8.87 -26.21 -12.10
N ALA D 119 7.75 -26.46 -11.44
CA ALA D 119 6.73 -27.34 -11.98
C ALA D 119 6.25 -26.85 -13.34
N ILE D 120 5.94 -25.56 -13.47
CA ILE D 120 5.43 -25.08 -14.75
C ILE D 120 6.48 -25.21 -15.82
N LYS D 121 7.74 -25.01 -15.46
CA LYS D 121 8.81 -25.10 -16.45
C LYS D 121 8.89 -26.52 -17.01
N GLU D 122 8.88 -27.52 -16.12
CA GLU D 122 8.94 -28.91 -16.59
C GLU D 122 7.68 -29.25 -17.37
N TRP D 123 6.53 -28.77 -16.91
CA TRP D 123 5.28 -29.04 -17.59
C TRP D 123 5.34 -28.61 -19.04
N GLY D 124 5.92 -27.45 -19.30
CA GLY D 124 6.12 -27.00 -20.65
C GLY D 124 5.02 -26.13 -21.22
N GLN D 125 3.91 -26.05 -20.59
CA GLN D 125 2.82 -25.31 -21.18
C GLN D 125 2.81 -23.88 -20.66
N PRO D 126 2.23 -22.95 -21.41
CA PRO D 126 2.13 -21.58 -20.92
C PRO D 126 1.33 -21.55 -19.64
N LYS D 127 1.78 -20.74 -18.69
CA LYS D 127 1.04 -20.61 -17.43
C LYS D 127 -0.37 -20.09 -17.66
N SER D 128 -0.65 -19.54 -18.83
CA SER D 128 -2.00 -19.08 -19.07
C SER D 128 -2.98 -20.22 -19.23
N LYS D 129 -2.51 -21.45 -19.30
CA LYS D 129 -3.41 -22.58 -19.46
C LYS D 129 -3.76 -23.23 -18.13
N ILE D 130 -3.26 -22.71 -17.02
CA ILE D 130 -3.68 -23.17 -15.72
C ILE D 130 -5.04 -22.60 -15.41
N THR D 131 -5.98 -23.46 -15.05
CA THR D 131 -7.36 -23.08 -14.81
C THR D 131 -7.75 -23.12 -13.36
N HIS D 132 -7.01 -23.84 -12.52
CA HIS D 132 -7.36 -24.09 -11.14
C HIS D 132 -6.10 -23.94 -10.28
N VAL D 133 -6.27 -23.41 -9.08
CA VAL D 133 -5.17 -23.32 -8.12
C VAL D 133 -5.66 -23.90 -6.82
N VAL D 134 -4.89 -24.82 -6.26
CA VAL D 134 -5.13 -25.35 -4.93
C VAL D 134 -3.89 -25.07 -4.12
N PHE D 135 -4.03 -24.29 -3.05
CA PHE D 135 -2.92 -23.96 -2.16
C PHE D 135 -3.16 -24.60 -0.81
N CYS D 136 -2.17 -25.35 -0.32
CA CYS D 136 -2.30 -26.10 0.92
C CYS D 136 -1.20 -25.69 1.89
N THR D 137 -1.58 -25.29 3.09
CA THR D 137 -0.61 -24.93 4.11
C THR D 137 -1.20 -25.12 5.49
N THR D 138 -0.31 -25.22 6.47
CA THR D 138 -0.73 -25.16 7.87
C THR D 138 0.11 -24.13 8.62
N SER D 139 0.77 -23.24 7.88
CA SER D 139 1.58 -22.12 8.36
C SER D 139 0.88 -20.78 8.10
N GLY D 140 0.04 -20.36 9.02
CA GLY D 140 -0.53 -19.02 8.99
C GLY D 140 -1.77 -18.93 8.12
N VAL D 141 -2.53 -17.85 8.33
CA VAL D 141 -3.73 -17.57 7.55
C VAL D 141 -3.76 -16.09 7.24
N ASP D 142 -4.50 -15.72 6.19
CA ASP D 142 -4.59 -14.33 5.78
C ASP D 142 -5.74 -14.20 4.79
N MET D 143 -6.23 -12.98 4.67
CA MET D 143 -7.26 -12.64 3.70
C MET D 143 -6.85 -11.38 2.95
N PRO D 144 -6.74 -11.47 1.62
CA PRO D 144 -6.90 -12.71 0.85
C PRO D 144 -5.79 -13.72 1.13
N GLY D 145 -6.00 -14.97 0.74
CA GLY D 145 -5.17 -16.06 1.20
C GLY D 145 -3.90 -16.23 0.39
N ALA D 146 -3.06 -17.16 0.83
CA ALA D 146 -1.86 -17.47 0.10
C ALA D 146 -2.17 -17.93 -1.32
N ASP D 147 -3.38 -18.47 -1.55
CA ASP D 147 -3.76 -18.82 -2.91
C ASP D 147 -3.87 -17.57 -3.78
N TRP D 148 -4.44 -16.49 -3.24
CA TRP D 148 -4.47 -15.25 -3.98
C TRP D 148 -3.06 -14.70 -4.23
N ALA D 149 -2.19 -14.74 -3.23
CA ALA D 149 -0.87 -14.17 -3.44
C ALA D 149 -0.09 -14.95 -4.47
N LEU D 150 -0.24 -16.27 -4.50
CA LEU D 150 0.45 -17.08 -5.49
C LEU D 150 -0.01 -16.76 -6.90
N THR D 151 -1.32 -16.57 -7.06
CA THR D 151 -1.84 -16.13 -8.36
C THR D 151 -1.18 -14.82 -8.76
N LYS D 152 -1.00 -13.93 -7.80
CA LYS D 152 -0.42 -12.63 -8.10
C LYS D 152 1.04 -12.78 -8.49
N LEU D 153 1.84 -13.48 -7.68
CA LEU D 153 3.27 -13.57 -7.96
C LEU D 153 3.56 -14.37 -9.20
N LEU D 154 2.70 -15.32 -9.55
CA LEU D 154 2.92 -16.14 -10.72
C LEU D 154 2.38 -15.50 -11.99
N GLY D 155 1.48 -14.53 -11.87
CA GLY D 155 0.91 -13.91 -13.04
C GLY D 155 -0.10 -14.76 -13.77
N LEU D 156 -0.80 -15.65 -13.08
CA LEU D 156 -1.83 -16.45 -13.71
C LEU D 156 -3.04 -15.57 -14.07
N ARG D 157 -4.01 -16.17 -14.75
CA ARG D 157 -5.19 -15.43 -15.17
C ARG D 157 -5.95 -14.91 -13.96
N PRO D 158 -6.55 -13.74 -14.06
CA PRO D 158 -7.56 -13.32 -13.08
C PRO D 158 -8.61 -14.38 -12.79
N SER D 159 -8.97 -15.21 -13.77
CA SER D 159 -10.12 -16.07 -13.61
C SER D 159 -9.78 -17.49 -13.22
N VAL D 160 -8.62 -17.74 -12.60
CA VAL D 160 -8.38 -19.08 -12.08
C VAL D 160 -9.37 -19.38 -10.96
N LYS D 161 -9.85 -20.61 -10.95
CA LYS D 161 -10.71 -21.10 -9.87
C LYS D 161 -9.80 -21.58 -8.75
N ARG D 162 -9.80 -20.83 -7.64
CA ARG D 162 -8.91 -21.05 -6.52
C ARG D 162 -9.60 -21.85 -5.44
N LEU D 163 -8.83 -22.67 -4.75
CA LEU D 163 -9.28 -23.35 -3.54
C LEU D 163 -8.18 -23.19 -2.51
N MET D 164 -8.52 -22.62 -1.35
CA MET D 164 -7.54 -22.27 -0.34
C MET D 164 -7.70 -23.16 0.88
N MET D 165 -6.67 -23.95 1.15
CA MET D 165 -6.68 -24.94 2.23
C MET D 165 -5.74 -24.50 3.34
N TYR D 166 -6.30 -24.02 4.45
CA TYR D 166 -5.54 -23.48 5.56
C TYR D 166 -5.62 -24.41 6.75
N GLN D 167 -4.53 -24.48 7.52
CA GLN D 167 -4.56 -25.12 8.82
C GLN D 167 -4.96 -26.59 8.69
N GLN D 168 -4.28 -27.28 7.79
CA GLN D 168 -4.68 -28.59 7.31
C GLN D 168 -4.16 -29.74 8.19
N GLY D 169 -2.85 -29.86 8.33
CA GLY D 169 -2.26 -30.98 9.02
C GLY D 169 -1.47 -31.87 8.09
N CYS D 170 -0.75 -32.82 8.68
CA CYS D 170 0.16 -33.65 7.90
C CYS D 170 -0.53 -34.56 6.91
N PHE D 171 -1.85 -34.69 6.94
CA PHE D 171 -2.50 -35.59 6.02
C PHE D 171 -2.84 -34.94 4.68
N ALA D 172 -2.81 -33.61 4.63
CA ALA D 172 -3.44 -32.90 3.51
C ALA D 172 -2.72 -33.09 2.20
N GLY D 173 -1.46 -33.55 2.22
CA GLY D 173 -0.81 -33.95 0.99
C GLY D 173 -1.57 -35.06 0.30
N GLY D 174 -2.24 -35.90 1.08
CA GLY D 174 -3.20 -36.79 0.48
C GLY D 174 -4.50 -36.11 0.12
N THR D 175 -4.85 -35.02 0.81
CA THR D 175 -6.12 -34.37 0.51
C THR D 175 -6.05 -33.62 -0.80
N VAL D 176 -4.92 -32.97 -1.08
CA VAL D 176 -4.83 -32.22 -2.32
C VAL D 176 -5.02 -33.15 -3.50
N MET D 177 -4.46 -34.36 -3.42
CA MET D 177 -4.63 -35.30 -4.52
C MET D 177 -6.09 -35.67 -4.68
N ARG D 178 -6.77 -35.93 -3.57
CA ARG D 178 -8.21 -36.22 -3.63
C ARG D 178 -8.98 -35.02 -4.15
N VAL D 179 -8.54 -33.81 -3.82
CA VAL D 179 -9.19 -32.60 -4.29
C VAL D 179 -8.93 -32.42 -5.79
N ALA D 180 -7.67 -32.47 -6.20
CA ALA D 180 -7.35 -32.27 -7.59
C ALA D 180 -7.91 -33.35 -8.48
N LYS D 181 -8.17 -34.54 -7.94
CA LYS D 181 -8.72 -35.61 -8.78
C LYS D 181 -10.08 -35.20 -9.35
N ASP D 182 -10.98 -34.69 -8.52
CA ASP D 182 -12.28 -34.27 -9.01
C ASP D 182 -12.21 -32.98 -9.82
N LEU D 183 -11.28 -32.08 -9.52
CA LEU D 183 -11.18 -30.88 -10.33
C LEU D 183 -10.83 -31.24 -11.76
N ALA D 184 -9.83 -32.09 -11.92
CA ALA D 184 -9.33 -32.38 -13.24
C ALA D 184 -10.31 -33.24 -14.04
N GLU D 185 -10.95 -34.20 -13.40
CA GLU D 185 -11.77 -35.16 -14.13
C GLU D 185 -13.11 -34.57 -14.54
N ASN D 186 -13.63 -33.64 -13.78
CA ASN D 186 -14.95 -33.09 -14.04
C ASN D 186 -14.90 -31.88 -14.95
N ASN D 187 -13.74 -31.54 -15.50
CA ASN D 187 -13.62 -30.30 -16.25
C ASN D 187 -12.65 -30.52 -17.40
N LYS D 188 -13.19 -30.67 -18.60
CA LYS D 188 -12.35 -30.92 -19.78
C LYS D 188 -11.38 -29.77 -19.98
N GLY D 189 -10.10 -30.10 -20.09
CA GLY D 189 -9.07 -29.11 -20.21
C GLY D 189 -8.66 -28.42 -18.93
N ALA D 190 -9.19 -28.83 -17.80
CA ALA D 190 -8.70 -28.28 -16.55
C ALA D 190 -7.23 -28.63 -16.38
N ARG D 191 -6.44 -27.65 -15.95
CA ARG D 191 -5.08 -27.91 -15.52
C ARG D 191 -4.88 -27.28 -14.14
N VAL D 192 -4.68 -28.11 -13.13
CA VAL D 192 -4.70 -27.68 -11.74
C VAL D 192 -3.28 -27.54 -11.23
N LEU D 193 -2.95 -26.36 -10.69
CA LEU D 193 -1.69 -26.16 -9.98
C LEU D 193 -1.92 -26.41 -8.50
N VAL D 194 -1.29 -27.45 -7.97
CA VAL D 194 -1.41 -27.82 -6.57
C VAL D 194 -0.10 -27.45 -5.92
N VAL D 195 -0.17 -26.66 -4.85
CA VAL D 195 1.01 -26.24 -4.10
C VAL D 195 0.78 -26.45 -2.60
N CYS D 196 1.72 -27.14 -1.97
CA CYS D 196 1.78 -27.29 -0.51
C CYS D 196 3.05 -26.61 -0.03
N SER D 197 2.94 -25.84 1.04
CA SER D 197 4.04 -24.95 1.43
C SER D 197 3.97 -24.76 2.93
N GLU D 198 5.02 -25.17 3.63
CA GLU D 198 5.02 -25.23 5.07
C GLU D 198 6.32 -24.66 5.63
N LEU D 199 6.20 -23.72 6.58
CA LEU D 199 7.35 -23.15 7.27
C LEU D 199 7.15 -23.28 8.77
N THR D 200 8.20 -23.71 9.47
CA THR D 200 8.09 -23.93 10.90
C THR D 200 8.09 -22.66 11.72
N ALA D 201 8.11 -21.49 11.07
CA ALA D 201 8.07 -20.24 11.81
C ALA D 201 6.86 -20.15 12.72
N VAL D 202 5.79 -20.86 12.41
CA VAL D 202 4.60 -20.83 13.27
C VAL D 202 4.74 -21.73 14.50
N THR D 203 5.62 -22.73 14.45
CA THR D 203 5.63 -23.82 15.42
C THR D 203 6.88 -23.83 16.27
N PHE D 204 7.91 -23.09 15.90
CA PHE D 204 9.14 -23.06 16.67
C PHE D 204 8.94 -22.38 18.02
N ARG D 205 9.45 -23.01 19.07
CA ARG D 205 9.34 -22.49 20.43
C ARG D 205 10.32 -23.23 21.33
N GLY D 206 10.60 -22.60 22.47
CA GLY D 206 11.54 -23.09 23.44
C GLY D 206 11.12 -24.41 24.03
N PRO D 207 12.02 -25.07 24.76
CA PRO D 207 11.71 -26.36 25.35
C PRO D 207 11.01 -26.24 26.70
N SER D 208 10.25 -27.28 27.02
CA SER D 208 9.59 -27.43 28.32
C SER D 208 9.69 -28.85 28.83
N GLU D 209 10.10 -29.02 30.10
CA GLU D 209 10.22 -30.36 30.67
C GLU D 209 8.89 -31.07 30.68
N THR D 210 7.80 -30.33 30.83
CA THR D 210 6.49 -30.93 30.97
C THR D 210 5.75 -31.07 29.66
N HIS D 211 6.40 -30.84 28.53
CA HIS D 211 5.74 -30.99 27.24
C HIS D 211 6.74 -31.60 26.25
N LEU D 212 7.05 -32.88 26.44
CA LEU D 212 7.95 -33.56 25.52
C LEU D 212 7.32 -33.86 24.18
N ASP D 213 5.99 -33.75 24.07
CA ASP D 213 5.37 -33.81 22.75
C ASP D 213 5.71 -32.58 21.93
N SER D 214 5.60 -31.39 22.53
CA SER D 214 6.06 -30.19 21.83
C SER D 214 7.49 -30.34 21.38
N LEU D 215 8.31 -30.99 22.20
CA LEU D 215 9.71 -31.14 21.86
C LEU D 215 9.90 -32.12 20.70
N VAL D 216 9.04 -33.13 20.59
CA VAL D 216 9.13 -34.01 19.44
C VAL D 216 8.98 -33.22 18.14
N GLY D 217 8.04 -32.28 18.10
CA GLY D 217 7.89 -31.46 16.91
C GLY D 217 9.13 -30.65 16.58
N GLN D 218 9.82 -30.15 17.59
CA GLN D 218 11.02 -29.37 17.31
C GLN D 218 12.13 -30.25 16.77
N ALA D 219 12.00 -31.55 16.89
CA ALA D 219 13.01 -32.45 16.34
C ALA D 219 12.70 -32.87 14.92
N LEU D 220 11.42 -32.88 14.52
CA LEU D 220 11.00 -33.49 13.27
C LEU D 220 10.57 -32.52 12.20
N PHE D 221 10.10 -31.34 12.55
CA PHE D 221 9.47 -30.48 11.58
C PHE D 221 10.53 -29.67 10.83
N GLY D 222 10.38 -29.58 9.51
CA GLY D 222 11.26 -28.83 8.64
C GLY D 222 10.43 -28.08 7.62
N ASP D 223 11.10 -27.28 6.79
CA ASP D 223 10.41 -26.38 5.87
C ASP D 223 10.50 -26.86 4.44
N GLY D 224 9.47 -26.62 3.66
CA GLY D 224 9.57 -26.93 2.25
C GLY D 224 8.27 -26.70 1.54
N ALA D 225 8.36 -26.72 0.23
CA ALA D 225 7.18 -26.58 -0.61
C ALA D 225 7.36 -27.44 -1.84
N SER D 226 6.23 -27.93 -2.35
CA SER D 226 6.19 -28.73 -3.56
C SER D 226 4.95 -28.36 -4.36
N ALA D 227 5.04 -28.55 -5.66
CA ALA D 227 3.94 -28.23 -6.54
C ALA D 227 3.78 -29.30 -7.59
N ILE D 228 2.54 -29.58 -7.96
CA ILE D 228 2.30 -30.46 -9.08
C ILE D 228 1.29 -29.81 -10.01
N ILE D 229 1.34 -30.24 -11.27
CA ILE D 229 0.32 -29.94 -12.26
C ILE D 229 -0.48 -31.20 -12.48
N VAL D 230 -1.79 -31.11 -12.32
CA VAL D 230 -2.66 -32.28 -12.45
C VAL D 230 -3.67 -32.00 -13.55
N GLY D 231 -3.77 -32.89 -14.52
CA GLY D 231 -4.78 -32.74 -15.55
C GLY D 231 -5.26 -34.10 -15.99
N ALA D 232 -6.43 -34.12 -16.60
CA ALA D 232 -6.95 -35.33 -17.23
C ALA D 232 -6.90 -35.20 -18.74
N ASP D 233 -6.85 -36.33 -19.40
CA ASP D 233 -6.76 -36.40 -20.86
C ASP D 233 -5.58 -35.56 -21.33
N PRO D 234 -4.38 -36.08 -21.18
CA PRO D 234 -3.18 -35.33 -21.54
C PRO D 234 -3.01 -35.16 -23.04
N ILE D 235 -2.44 -34.05 -23.47
CA ILE D 235 -2.06 -33.87 -24.84
C ILE D 235 -0.92 -34.80 -25.16
N PRO D 236 -1.14 -35.74 -26.07
CA PRO D 236 -0.13 -36.68 -26.51
C PRO D 236 1.02 -35.97 -27.19
N GLU D 237 2.23 -36.43 -26.90
CA GLU D 237 3.51 -35.76 -27.14
C GLU D 237 3.88 -34.35 -26.68
N VAL D 238 3.06 -33.69 -25.90
CA VAL D 238 3.19 -32.33 -25.58
C VAL D 238 3.35 -32.40 -24.07
N GLU D 239 2.49 -33.17 -23.44
CA GLU D 239 2.50 -33.41 -22.03
C GLU D 239 3.06 -34.77 -21.72
N ARG D 240 3.50 -34.93 -20.51
CA ARG D 240 4.03 -36.17 -20.06
C ARG D 240 3.44 -36.66 -18.72
N PRO D 241 2.71 -37.75 -18.75
CA PRO D 241 2.15 -38.37 -17.55
C PRO D 241 3.23 -39.00 -16.67
N TRP D 242 3.08 -38.84 -15.35
CA TRP D 242 3.97 -39.50 -14.40
C TRP D 242 3.26 -40.46 -13.45
N PHE D 243 2.09 -40.09 -12.95
CA PHE D 243 1.29 -40.98 -12.10
C PHE D 243 -0.17 -40.71 -12.38
N GLU D 244 -1.00 -41.73 -12.25
CA GLU D 244 -2.43 -41.53 -12.43
C GLU D 244 -3.14 -41.78 -11.12
N ILE D 245 -4.13 -40.93 -10.83
CA ILE D 245 -4.92 -41.05 -9.62
C ILE D 245 -6.13 -41.91 -9.94
N HIS D 246 -6.26 -43.06 -9.27
CA HIS D 246 -7.35 -43.97 -9.58
C HIS D 246 -8.37 -44.14 -8.47
N TYR D 247 -7.96 -44.03 -7.21
CA TYR D 247 -8.92 -44.20 -6.13
C TYR D 247 -8.42 -43.41 -4.94
N VAL D 248 -9.34 -42.77 -4.22
CA VAL D 248 -9.00 -41.97 -3.06
C VAL D 248 -9.96 -42.32 -1.94
N ALA D 249 -9.47 -42.29 -0.71
CA ALA D 249 -10.34 -42.53 0.44
C ALA D 249 -9.78 -41.85 1.68
N SER D 250 -10.69 -41.45 2.57
CA SER D 250 -10.38 -40.88 3.88
C SER D 250 -11.01 -41.76 4.95
N ASN D 251 -10.27 -42.00 6.03
CA ASN D 251 -10.86 -42.65 7.18
C ASN D 251 -10.36 -41.97 8.44
N ILE D 252 -11.27 -41.72 9.39
CA ILE D 252 -10.87 -41.40 10.75
C ILE D 252 -10.63 -42.71 11.49
N LEU D 253 -9.40 -42.92 11.94
CA LEU D 253 -9.07 -44.20 12.54
C LEU D 253 -9.81 -44.38 13.87
N PRO D 254 -10.11 -45.62 14.24
CA PRO D 254 -10.94 -45.86 15.43
C PRO D 254 -10.22 -45.48 16.72
N ASP D 255 -11.01 -45.01 17.70
CA ASP D 255 -10.48 -44.70 19.03
C ASP D 255 -9.31 -43.74 18.99
N SER D 256 -9.14 -42.98 17.89
CA SER D 256 -8.02 -42.05 17.74
C SER D 256 -8.37 -40.64 18.16
N ASP D 257 -9.51 -40.48 18.82
CA ASP D 257 -9.96 -39.21 19.36
C ASP D 257 -8.88 -38.51 20.16
N GLY D 258 -8.33 -37.42 19.63
CA GLY D 258 -7.40 -36.60 20.36
C GLY D 258 -5.94 -36.96 20.22
N ALA D 259 -5.58 -37.83 19.29
CA ALA D 259 -4.20 -38.29 19.23
C ALA D 259 -3.26 -37.15 18.89
N ILE D 260 -3.65 -36.32 17.93
CA ILE D 260 -2.86 -35.20 17.42
C ILE D 260 -3.77 -34.00 17.37
N ASP D 261 -3.43 -32.97 18.13
CA ASP D 261 -4.11 -31.70 18.08
C ASP D 261 -3.12 -30.61 17.74
N GLY D 262 -3.66 -29.49 17.25
CA GLY D 262 -2.89 -28.33 16.91
C GLY D 262 -3.73 -27.11 17.14
N HIS D 263 -3.29 -26.20 17.97
CA HIS D 263 -4.07 -25.01 18.27
C HIS D 263 -3.26 -23.80 17.87
N LEU D 264 -3.91 -22.84 17.21
CA LEU D 264 -3.29 -21.56 16.89
C LEU D 264 -3.67 -20.56 17.97
N ARG D 265 -2.70 -20.17 18.76
CA ARG D 265 -2.90 -19.30 19.91
C ARG D 265 -2.02 -18.06 19.75
N GLU D 266 -2.12 -17.16 20.71
CA GLU D 266 -1.27 -15.98 20.66
C GLU D 266 0.21 -16.31 20.81
N VAL D 267 0.57 -17.54 21.21
CA VAL D 267 1.96 -17.99 21.35
C VAL D 267 2.37 -18.74 20.10
N GLY D 268 1.49 -18.74 19.13
CA GLY D 268 1.77 -19.42 17.89
C GLY D 268 0.99 -20.71 17.76
N LEU D 269 1.51 -21.59 16.92
CA LEU D 269 0.88 -22.88 16.67
C LEU D 269 1.43 -23.88 17.67
N THR D 270 0.55 -24.53 18.42
CA THR D 270 0.95 -25.48 19.44
C THR D 270 0.51 -26.88 19.05
N PHE D 271 1.28 -27.86 19.49
CA PHE D 271 1.28 -29.19 18.94
C PHE D 271 1.22 -30.15 20.11
N HIS D 272 0.37 -31.17 20.02
CA HIS D 272 0.15 -32.06 21.15
C HIS D 272 -0.08 -33.48 20.65
N LEU D 273 0.59 -34.44 21.28
CA LEU D 273 0.41 -35.85 21.00
C LEU D 273 -0.18 -36.47 22.26
N MET D 274 -1.41 -36.95 22.19
CA MET D 274 -2.08 -37.45 23.37
C MET D 274 -2.41 -38.94 23.29
N LYS D 275 -1.94 -39.62 22.26
CA LYS D 275 -2.08 -41.06 22.19
C LYS D 275 -0.81 -41.59 21.53
N ASP D 276 -0.73 -42.92 21.36
CA ASP D 276 0.40 -43.56 20.69
C ASP D 276 0.10 -43.56 19.19
N VAL D 277 0.67 -42.60 18.49
CA VAL D 277 0.29 -42.38 17.10
C VAL D 277 0.80 -43.49 16.19
N PRO D 278 2.09 -43.84 16.20
CA PRO D 278 2.53 -44.86 15.25
C PRO D 278 1.85 -46.19 15.50
N GLY D 279 1.43 -46.43 16.74
CA GLY D 279 0.65 -47.62 17.01
C GLY D 279 -0.72 -47.58 16.40
N ILE D 280 -1.41 -46.45 16.52
CA ILE D 280 -2.78 -46.38 16.02
C ILE D 280 -2.78 -46.46 14.49
N ILE D 281 -1.83 -45.82 13.84
CA ILE D 281 -1.73 -45.93 12.40
C ILE D 281 -1.45 -47.37 12.02
N SER D 282 -0.41 -47.95 12.59
CA SER D 282 -0.01 -49.27 12.17
C SER D 282 -0.99 -50.34 12.62
N LYS D 283 -1.80 -50.08 13.64
CA LYS D 283 -2.80 -51.06 14.03
C LYS D 283 -3.94 -51.09 13.03
N ASN D 284 -4.25 -49.98 12.40
CA ASN D 284 -5.42 -49.89 11.56
C ASN D 284 -5.11 -49.80 10.08
N ILE D 285 -3.85 -49.60 9.70
CA ILE D 285 -3.61 -49.37 8.29
C ILE D 285 -3.93 -50.63 7.48
N GLY D 286 -3.76 -51.81 8.07
CA GLY D 286 -4.17 -53.02 7.38
C GLY D 286 -5.60 -52.92 6.88
N THR D 287 -6.53 -52.58 7.78
CA THR D 287 -7.93 -52.51 7.39
C THR D 287 -8.15 -51.44 6.33
N VAL D 288 -7.43 -50.32 6.43
CA VAL D 288 -7.65 -49.24 5.48
C VAL D 288 -7.18 -49.64 4.11
N LEU D 289 -6.00 -50.24 4.02
CA LEU D 289 -5.44 -50.62 2.74
C LEU D 289 -6.21 -51.77 2.09
N LYS D 290 -6.63 -52.78 2.85
CA LYS D 290 -7.31 -53.91 2.21
C LYS D 290 -8.65 -53.48 1.60
N ASP D 291 -9.36 -52.54 2.23
CA ASP D 291 -10.58 -52.02 1.62
C ASP D 291 -10.26 -51.31 0.30
N ALA D 292 -9.25 -50.45 0.29
CA ALA D 292 -8.94 -49.74 -0.96
C ALA D 292 -8.53 -50.71 -2.05
N PHE D 293 -7.72 -51.72 -1.71
CA PHE D 293 -7.30 -52.69 -2.72
C PHE D 293 -8.46 -53.52 -3.20
N GLU D 294 -9.45 -53.80 -2.37
CA GLU D 294 -10.60 -54.53 -2.86
C GLU D 294 -11.43 -53.66 -3.80
N LYS D 295 -11.46 -52.35 -3.55
CA LYS D 295 -12.26 -51.46 -4.38
C LYS D 295 -11.68 -51.31 -5.78
N VAL D 296 -10.36 -51.28 -5.91
CA VAL D 296 -9.77 -51.07 -7.22
C VAL D 296 -9.42 -52.37 -7.93
N PHE D 297 -9.24 -53.47 -7.20
CA PHE D 297 -8.88 -54.74 -7.80
C PHE D 297 -9.92 -55.84 -7.61
N GLY D 298 -10.81 -55.74 -6.65
CA GLY D 298 -11.82 -56.77 -6.52
C GLY D 298 -11.26 -58.09 -6.06
N VAL D 304 -4.94 -59.69 -6.94
CA VAL D 304 -4.80 -58.38 -6.31
C VAL D 304 -3.39 -58.25 -5.76
N PRO D 305 -2.69 -57.20 -6.18
CA PRO D 305 -1.25 -57.13 -5.91
C PRO D 305 -0.97 -57.18 -4.43
N SER D 306 0.22 -57.63 -4.10
CA SER D 306 0.63 -57.69 -2.71
C SER D 306 1.32 -56.41 -2.32
N TYR D 307 1.30 -56.12 -1.03
CA TYR D 307 1.89 -54.89 -0.53
C TYR D 307 3.33 -54.73 -0.98
N ASN D 308 4.03 -55.84 -1.25
CA ASN D 308 5.41 -55.75 -1.68
C ASN D 308 5.55 -55.54 -3.17
N ASP D 309 4.45 -55.61 -3.92
CA ASP D 309 4.49 -55.48 -5.37
C ASP D 309 3.86 -54.18 -5.85
N VAL D 310 3.58 -53.25 -4.93
CA VAL D 310 3.20 -51.90 -5.28
C VAL D 310 4.33 -50.98 -4.82
N PHE D 311 4.25 -49.72 -5.22
CA PHE D 311 5.20 -48.75 -4.71
C PHE D 311 4.55 -47.91 -3.62
N TRP D 312 5.39 -47.34 -2.77
CA TRP D 312 4.94 -46.71 -1.53
C TRP D 312 5.41 -45.28 -1.46
N ILE D 313 4.46 -44.37 -1.23
CA ILE D 313 4.74 -42.98 -0.93
C ILE D 313 4.00 -42.75 0.40
N ALA D 314 4.72 -42.79 1.52
CA ALA D 314 4.09 -42.75 2.84
C ALA D 314 4.58 -41.51 3.57
N HIS D 315 3.64 -40.70 4.02
CA HIS D 315 4.01 -39.51 4.76
C HIS D 315 4.80 -39.89 6.00
N PRO D 316 5.99 -39.46 6.13
CA PRO D 316 6.84 -39.94 7.24
C PRO D 316 6.75 -39.01 8.43
N GLY D 317 5.61 -39.08 9.13
CA GLY D 317 5.40 -38.21 10.27
C GLY D 317 6.49 -38.32 11.31
N GLY D 318 7.04 -39.51 11.44
CA GLY D 318 8.22 -39.80 12.23
C GLY D 318 8.67 -41.22 11.92
N PRO D 319 9.89 -41.59 12.30
CA PRO D 319 10.38 -42.92 11.88
C PRO D 319 9.55 -44.04 12.47
N ALA D 320 9.05 -43.88 13.70
CA ALA D 320 8.32 -44.96 14.33
C ALA D 320 7.12 -45.38 13.50
N ILE D 321 6.45 -44.43 12.85
CA ILE D 321 5.29 -44.76 12.04
C ILE D 321 5.70 -45.65 10.87
N LEU D 322 6.68 -45.20 10.10
CA LEU D 322 7.16 -46.03 9.00
C LEU D 322 7.64 -47.39 9.50
N ASP D 323 8.34 -47.41 10.63
CA ASP D 323 8.88 -48.67 11.13
C ASP D 323 7.78 -49.64 11.50
N GLN D 324 6.68 -49.13 12.03
CA GLN D 324 5.63 -50.01 12.52
C GLN D 324 4.62 -50.34 11.45
N VAL D 325 4.42 -49.47 10.47
CA VAL D 325 3.73 -49.91 9.27
C VAL D 325 4.57 -50.96 8.56
N GLU D 326 5.88 -50.71 8.46
CA GLU D 326 6.74 -51.71 7.84
C GLU D 326 6.63 -53.05 8.55
N GLN D 327 6.51 -53.01 9.88
CA GLN D 327 6.47 -54.22 10.69
C GLN D 327 5.17 -54.99 10.54
N LYS D 328 4.03 -54.33 10.78
CA LYS D 328 2.80 -55.09 10.92
C LYS D 328 2.17 -55.47 9.59
N LEU D 329 2.49 -54.76 8.52
CA LEU D 329 2.19 -55.23 7.17
C LEU D 329 3.27 -56.13 6.64
N GLN D 330 4.38 -56.27 7.35
CA GLN D 330 5.46 -57.17 7.00
C GLN D 330 5.97 -56.89 5.60
N LEU D 331 6.42 -55.65 5.41
CA LEU D 331 6.93 -55.23 4.12
C LEU D 331 8.42 -55.50 4.05
N LYS D 332 8.87 -55.85 2.86
CA LYS D 332 10.29 -55.86 2.60
C LYS D 332 10.82 -54.44 2.74
N THR D 333 11.97 -54.28 3.38
CA THR D 333 12.37 -52.95 3.81
C THR D 333 12.70 -51.98 2.68
N GLU D 334 12.77 -52.42 1.43
CA GLU D 334 12.98 -51.40 0.41
C GLU D 334 11.68 -50.70 0.04
N LYS D 335 10.54 -51.19 0.56
CA LYS D 335 9.26 -50.57 0.25
C LYS D 335 9.22 -49.12 0.73
N MET D 336 9.58 -48.89 1.99
CA MET D 336 9.60 -47.55 2.57
C MET D 336 10.87 -46.78 2.26
N ALA D 337 11.73 -47.28 1.37
CA ALA D 337 13.02 -46.65 1.15
C ALA D 337 12.86 -45.19 0.73
N ALA D 338 12.07 -44.95 -0.29
CA ALA D 338 11.89 -43.59 -0.80
C ALA D 338 11.29 -42.66 0.24
N SER D 339 10.39 -43.15 1.09
CA SER D 339 9.83 -42.30 2.14
C SER D 339 10.87 -41.96 3.18
N ARG D 340 11.73 -42.92 3.52
CA ARG D 340 12.77 -42.63 4.49
C ARG D 340 13.82 -41.69 3.93
N GLN D 341 14.07 -41.77 2.62
CA GLN D 341 15.07 -40.91 2.01
C GLN D 341 14.71 -39.45 2.19
N VAL D 342 13.45 -39.12 1.94
CA VAL D 342 13.01 -37.73 2.05
C VAL D 342 12.99 -37.29 3.50
N LEU D 343 12.57 -38.18 4.40
CA LEU D 343 12.65 -37.86 5.82
C LEU D 343 14.09 -37.52 6.21
N SER D 344 15.04 -38.35 5.78
CA SER D 344 16.44 -38.12 6.08
C SER D 344 16.94 -36.80 5.50
N ASP D 345 16.61 -36.52 4.25
CA ASP D 345 17.17 -35.33 3.64
C ASP D 345 16.39 -34.07 3.95
N TYR D 346 15.20 -34.15 4.55
CA TYR D 346 14.37 -32.96 4.71
C TYR D 346 13.63 -32.85 6.03
N GLY D 347 13.47 -33.93 6.81
CA GLY D 347 12.60 -33.92 7.95
C GLY D 347 11.14 -34.04 7.55
N ASN D 348 10.25 -33.82 8.50
CA ASN D 348 8.81 -33.87 8.25
C ASN D 348 8.36 -32.48 7.82
N MET D 349 7.95 -32.33 6.55
CA MET D 349 7.51 -31.04 6.02
C MET D 349 6.00 -30.93 5.91
N SER D 350 5.27 -31.56 6.83
CA SER D 350 3.80 -31.54 6.87
C SER D 350 3.26 -31.88 5.48
N SER D 351 2.29 -31.14 4.96
CA SER D 351 1.59 -31.58 3.77
C SER D 351 2.50 -31.71 2.56
N ALA D 352 3.71 -31.19 2.60
CA ALA D 352 4.55 -31.21 1.44
C ALA D 352 5.34 -32.50 1.26
N CYS D 353 5.37 -33.36 2.27
CA CYS D 353 6.25 -34.52 2.24
C CYS D 353 5.90 -35.48 1.11
N VAL D 354 4.65 -35.91 1.04
CA VAL D 354 4.36 -36.98 0.08
C VAL D 354 4.64 -36.50 -1.34
N LEU D 355 4.59 -35.20 -1.58
CA LEU D 355 4.91 -34.73 -2.92
C LEU D 355 6.41 -34.70 -3.16
N PHE D 356 7.21 -34.43 -2.13
CA PHE D 356 8.65 -34.60 -2.29
C PHE D 356 8.99 -36.05 -2.57
N ILE D 357 8.30 -36.97 -1.89
CA ILE D 357 8.56 -38.39 -2.08
C ILE D 357 8.18 -38.81 -3.49
N MET D 358 7.06 -38.30 -4.00
CA MET D 358 6.65 -38.62 -5.35
C MET D 358 7.70 -38.16 -6.37
N ASP D 359 8.28 -36.97 -6.16
CA ASP D 359 9.32 -36.48 -7.06
C ASP D 359 10.56 -37.35 -6.97
N HIS D 360 11.04 -37.61 -5.74
CA HIS D 360 12.25 -38.41 -5.58
C HIS D 360 12.05 -39.83 -6.10
N LEU D 361 10.85 -40.40 -5.90
CA LEU D 361 10.57 -41.75 -6.40
C LEU D 361 10.72 -41.82 -7.90
N ARG D 362 10.09 -40.89 -8.62
CA ARG D 362 10.14 -40.94 -10.07
C ARG D 362 11.54 -40.66 -10.60
N LYS D 363 12.31 -39.78 -9.96
CA LYS D 363 13.63 -39.51 -10.50
C LYS D 363 14.57 -40.67 -10.23
N LYS D 364 14.51 -41.23 -9.03
CA LYS D 364 15.27 -42.43 -8.75
C LYS D 364 14.93 -43.54 -9.75
N SER D 365 13.68 -43.65 -10.15
CA SER D 365 13.28 -44.67 -11.12
C SER D 365 13.86 -44.38 -12.49
N VAL D 366 13.76 -43.12 -12.94
CA VAL D 366 14.36 -42.75 -14.21
C VAL D 366 15.86 -42.99 -14.16
N GLU D 367 16.52 -42.57 -13.08
CA GLU D 367 17.98 -42.61 -13.07
C GLU D 367 18.50 -44.03 -13.06
N GLN D 368 17.80 -44.94 -12.41
CA GLN D 368 18.22 -46.33 -12.37
C GLN D 368 17.59 -47.17 -13.45
N LYS D 369 16.99 -46.54 -14.45
CA LYS D 369 16.56 -47.24 -15.65
C LYS D 369 15.55 -48.31 -15.33
N LEU D 370 14.65 -48.05 -14.40
CA LEU D 370 13.64 -49.04 -14.06
C LEU D 370 12.48 -48.95 -15.05
N ALA D 371 11.53 -49.86 -14.90
CA ALA D 371 10.51 -50.07 -15.92
C ALA D 371 9.35 -49.10 -15.82
N THR D 372 9.09 -48.52 -14.65
CA THR D 372 8.03 -47.55 -14.48
C THR D 372 8.51 -46.43 -13.59
N SER D 373 7.75 -45.33 -13.58
CA SER D 373 8.08 -44.21 -12.71
C SER D 373 7.89 -44.56 -11.25
N GLY D 374 7.33 -45.71 -10.95
CA GLY D 374 7.17 -46.12 -9.56
C GLY D 374 8.03 -47.15 -8.88
N GLU D 375 9.28 -47.28 -9.31
CA GLU D 375 10.19 -48.35 -8.92
C GLU D 375 10.01 -49.61 -9.76
N GLY D 376 9.32 -49.52 -10.89
CA GLY D 376 9.09 -50.69 -11.70
C GLY D 376 7.77 -51.38 -11.46
N TYR D 377 6.90 -50.82 -10.61
CA TYR D 377 5.60 -51.39 -10.34
C TYR D 377 4.52 -50.60 -11.04
N GLU D 378 3.41 -51.27 -11.34
CA GLU D 378 2.32 -50.59 -12.00
C GLU D 378 1.52 -49.75 -11.01
N TRP D 379 1.21 -50.31 -9.86
CA TRP D 379 0.35 -49.67 -8.88
C TRP D 379 1.13 -49.25 -7.64
N GLY D 380 0.53 -48.37 -6.84
CA GLY D 380 1.21 -47.86 -5.68
C GLY D 380 0.28 -47.07 -4.78
N LEU D 381 0.78 -46.76 -3.58
CA LEU D 381 0.04 -46.05 -2.55
C LEU D 381 0.65 -44.69 -2.26
N LEU D 382 -0.15 -43.66 -2.13
CA LEU D 382 0.24 -42.47 -1.43
C LEU D 382 -0.57 -42.24 -0.18
N LEU D 383 0.09 -42.14 0.96
CA LEU D 383 -0.58 -42.11 2.24
C LEU D 383 -0.29 -40.86 3.02
N GLY D 384 -1.34 -40.23 3.54
CA GLY D 384 -1.22 -39.15 4.48
C GLY D 384 -1.77 -39.42 5.85
N PHE D 385 -1.09 -38.94 6.89
CA PHE D 385 -1.53 -39.07 8.30
C PHE D 385 -1.49 -37.77 9.05
N GLY D 386 -2.54 -37.47 9.76
CA GLY D 386 -2.69 -36.29 10.56
C GLY D 386 -3.86 -36.40 11.49
N PRO D 387 -4.54 -35.30 11.77
CA PRO D 387 -5.07 -34.97 13.07
C PRO D 387 -6.48 -35.41 13.48
N GLY D 388 -7.24 -36.12 12.70
CA GLY D 388 -8.42 -36.81 13.23
C GLY D 388 -8.47 -37.99 14.23
N LEU D 389 -7.61 -38.99 14.20
CA LEU D 389 -6.49 -39.18 13.33
C LEU D 389 -6.98 -39.57 11.97
N THR D 390 -6.60 -38.79 10.98
CA THR D 390 -7.10 -38.89 9.64
C THR D 390 -6.11 -39.65 8.80
N CYS D 391 -6.59 -40.61 8.04
CA CYS D 391 -5.75 -41.29 7.11
C CYS D 391 -6.18 -41.10 5.68
N GLU D 392 -5.39 -40.41 4.88
CA GLU D 392 -5.68 -40.23 3.47
C GLU D 392 -5.06 -41.27 2.59
N THR D 393 -5.86 -41.90 1.77
CA THR D 393 -5.40 -42.98 0.95
C THR D 393 -5.54 -42.71 -0.54
N VAL D 394 -4.48 -42.91 -1.28
CA VAL D 394 -4.53 -42.75 -2.70
C VAL D 394 -3.90 -43.95 -3.39
N VAL D 395 -4.66 -44.56 -4.27
CA VAL D 395 -4.11 -45.62 -5.10
C VAL D 395 -3.74 -44.98 -6.43
N LEU D 396 -2.48 -45.12 -6.81
CA LEU D 396 -1.92 -44.50 -7.99
C LEU D 396 -1.48 -45.57 -8.98
N ARG D 397 -1.30 -45.16 -10.22
CA ARG D 397 -0.66 -46.00 -11.22
C ARG D 397 0.54 -45.24 -11.77
N SER D 398 1.61 -45.97 -12.07
CA SER D 398 2.79 -45.34 -12.65
C SER D 398 2.62 -45.22 -14.17
N VAL D 399 3.66 -44.72 -14.84
CA VAL D 399 3.73 -44.74 -16.29
C VAL D 399 4.97 -45.55 -16.68
N PRO D 400 4.95 -46.28 -17.78
CA PRO D 400 6.14 -47.01 -18.23
C PRO D 400 7.18 -46.06 -18.80
N LEU D 401 8.46 -46.41 -18.64
CA LEU D 401 9.56 -45.53 -19.04
C LEU D 401 10.33 -46.03 -20.26
N ALA D 402 10.90 -47.23 -20.19
CA ALA D 402 12.01 -47.69 -21.06
C ALA D 402 13.26 -46.83 -20.79
C1 NAR E . -15.06 -10.74 5.68
C2 NAR E . -14.04 -10.13 4.95
C3 NAR E . -12.93 -9.51 5.58
C4 NAR E . -12.89 -9.47 6.97
C5 NAR E . -13.97 -10.11 7.73
C6 NAR E . -15.09 -10.73 7.05
C7 NAR E . -13.96 -10.04 9.17
C8 NAR E . -15.00 -10.81 9.91
C9 NAR E . -15.72 -11.86 8.98
O1 NAR E . -16.07 -11.32 7.77
O2 NAR E . -13.15 -9.34 9.64
C10 NAR E . -16.87 -12.44 9.63
C11 NAR E . -18.15 -11.95 9.37
C12 NAR E . -19.21 -12.50 9.96
C13 NAR E . -19.00 -13.54 10.87
C14 NAR E . -17.74 -14.02 11.13
C15 NAR E . -16.66 -13.45 10.51
O3 NAR E . -20.03 -14.05 11.50
O4 NAR E . -14.21 -10.24 3.63
O5 NAR E . -11.94 -8.94 7.78
C1 NAR F . 23.95 22.33 2.39
C2 NAR F . 23.57 21.83 3.63
C3 NAR F . 23.71 22.52 4.82
C4 NAR F . 24.30 23.74 4.85
C5 NAR F . 24.71 24.31 3.57
C6 NAR F . 24.51 23.56 2.31
C7 NAR F . 25.34 25.62 3.57
C8 NAR F . 25.73 26.13 2.20
C9 NAR F . 24.98 25.44 1.03
O1 NAR F . 24.88 24.05 1.14
O2 NAR F . 25.54 26.20 4.62
C10 NAR F . 25.56 25.76 -0.27
C11 NAR F . 26.49 24.93 -0.83
C12 NAR F . 27.04 25.22 -2.04
C13 NAR F . 26.64 26.37 -2.66
C14 NAR F . 25.72 27.21 -2.09
C15 NAR F . 25.18 26.90 -0.90
O3 NAR F . 27.16 26.67 -3.83
O4 NAR F . 23.02 20.62 3.63
O5 NAR F . 24.53 24.44 5.95
C1 NAR G . 3.19 38.39 0.48
C2 NAR G . 3.71 38.98 -0.69
C3 NAR G . 4.76 39.90 -0.69
C4 NAR G . 5.34 40.29 0.48
C5 NAR G . 4.78 39.68 1.72
C6 NAR G . 3.69 38.72 1.72
C7 NAR G . 5.28 40.12 3.00
C8 NAR G . 4.86 39.40 4.25
C9 NAR G . 4.08 38.11 3.96
O1 NAR G . 3.22 38.25 2.88
O2 NAR G . 5.92 41.10 2.97
C10 NAR G . 3.29 37.68 5.13
C11 NAR G . 1.91 37.97 5.25
C12 NAR G . 1.23 37.52 6.35
C13 NAR G . 1.90 36.76 7.32
C14 NAR G . 3.22 36.46 7.14
C15 NAR G . 3.92 36.92 6.06
O3 NAR G . 1.25 36.30 8.39
O4 NAR G . 3.12 38.55 -1.81
O5 NAR G . 6.34 41.17 0.67
C1 NAR H . 0.91 -31.00 11.56
C2 NAR H . -0.02 -31.51 12.46
C3 NAR H . -0.30 -30.96 13.68
C4 NAR H . 0.37 -29.88 14.17
C5 NAR H . 1.37 -29.32 13.26
C6 NAR H . 1.65 -29.90 11.94
C7 NAR H . 2.18 -28.23 13.68
C8 NAR H . 2.96 -27.44 12.67
C9 NAR H . 2.83 -27.98 11.22
O1 NAR H . 2.59 -29.34 11.16
O2 NAR H . 2.28 -28.10 14.84
C10 NAR H . 4.03 -27.66 10.42
C11 NAR H . 5.01 -28.59 10.09
C12 NAR H . 6.10 -28.23 9.32
C13 NAR H . 6.20 -26.90 8.85
C14 NAR H . 5.19 -26.02 9.17
C15 NAR H . 4.15 -26.41 9.95
O3 NAR H . 7.19 -26.43 8.12
O4 NAR H . -0.70 -32.56 12.06
O5 NAR H . 0.14 -29.34 15.40
#